data_8D9G
#
_entry.id   8D9G
#
_cell.length_a   1.00
_cell.length_b   1.00
_cell.length_c   1.00
_cell.angle_alpha   90.00
_cell.angle_beta   90.00
_cell.angle_gamma   90.00
#
_symmetry.space_group_name_H-M   'P 1'
#
loop_
_entity.id
_entity.type
_entity.pdbx_description
1 polymer 'CHAT domain protein'
2 polymer 'RAMP superfamily protein'
3 polymer 'RNA (36-MER)'
4 polymer "RNA (5'-R(P*UP*CP*CP*GP*GP*GP*GP*CP*AP*GP*AP*AP*AP*AP*UP*UP*GP*GP*AP*CP*GP*AP*U)-3')"
5 non-polymer 'ZINC ION'
#
loop_
_entity_poly.entity_id
_entity_poly.type
_entity_poly.pdbx_seq_one_letter_code
_entity_poly.pdbx_strand_id
1 'polypeptide(L)'
;PTREDIDRKEAERLLDEAFNPRTKPVDRKKIINSALKILIGLYKEKKDDLTSASFISIARAYYLVSITILPKGTTIPEKK
KEALRKGIEFIDRAINKFNGSILDSQRAFRIKSVLSIEFNRIDREKCDNIKLKNLLNEAVDKGCTDFDTYEWDIQIAIRL
CELGVDMEGHFDNLIKSNKANDLQKAKAYYFIKKDDHKAKEHMDKCTASLKYTPCSHRLWDETVGFIERLKGDSSTLWRD
FAIKTYRSCRVQEKETGTLRLRWYWSRHRVLYDMAFLAVKEQADDEEPDVNVKQAKIKKLAEISDSLKSRFSLRLSDMEK
MPKSDDESNHEFKKFLDKCVTAYRSIYVINRKLLELTQVPEGWVVVHFYLNKLEGMGNAIVFDKCANSWQYKEFQYKELF
EVFLTWQANYNLYKENAAEHLVTLCKKIGETMPFLFCDNFIPNGKDVLFVPHDFLHRLPLHGSIENKTNGKLFLENHSCC
YLPAWSFASEKEASTSDEYVLLKNFDQGHFETLQNNQIWGTQSVKDGASSDDLENIRNNPRLLTILCHGEANMSNPFRSM
LKLANGGITYLEILNSVKGLKGSQVILGACETDLVPPLSDVMDEHYSVATALLLIGAAGVVGTMWKVRSNKTKSLIEWKL
ENIEYKLNEWQKETGGAAYKDHPPTFYRSIAFRSIGFPL
;
A
2 'polypeptide(L)'
;MNITVELTFFEPYRLVEWFDWDARKKSHSAMRGQAFAQWTWKGKGRTAGKSFITGTLVRSAVIKAVEELLSLNNGKWEGV
PCCNGSFQTDESKGKKPSFLRKRHTLQWQANNKNICDKEEACPFCILLGRFDNAGKVHERNKDYDIHFSNFDLDHKQEKN
DLRLVDIASGRILNRVDFDTGKAKDYFRTWEADYETYGTYTGRITLRNEHAKKLLLASLGFVDKLCGALCRIEVIKDHND
ELRKQAEVIVEAFKQNDKLEKIRILADAIRTLRLHGEGVIEKDELPDGKEERDKGHHLWDIKVQGTALRTKLKELWQSNK
DIGWRKFTEMLGSNLYLIYKKETGGVSTRFRILGDTEYYSKAHDSEGSDLFIPVTPPEGIETKEWIIVGRLKAATPFYFG
VQQPSDSIPGKEKKSEDSLVINEHTSFNILLDKENRYRIPRSALRGALRRDLRTAFGSGCNVSLGGQILCNCKVCIEMRR
ITLKDSVSDFSEPPEIRYRIAKNPGTATVEDGSLFDIEVGPEGLTFPFVLRYRGHKFPEQLSSVIRYWEENDGKNGMAWL
GGLDSTGKGRFALKDIKIFEWDLNQKINEYIKERGMRGKEKELLEMGESSLPDGLIPYKFFEERECLFPYKENLKPQWSE
VQYTIEVGSPLLTADTISALTEPGNRDAIAYKKRVYNDGNNAIEPEPRFAVKSETHRGIFRTAVGRRTGDLGKEDHEDCT
CDMCIIFGNEHESSKIRFEDLELINGNEFEKLEKHIDHVAIDRFTGGALDKAKFDTYPLAGSPKKPLKLKGRFWIKKGFS
GDHKLLITTALSDIRDGLYPLGSKGGVGYGWVAGISIDDNVPDDFKEMINKTNNDYVHPGHQSPKQDHKNKNIYYPHYFL
DSGSKVYREKDIITHEEFTEELLSGKINCKLETLTPLIIPDTSDENGLKLQGNKPGHKNYKFFNINGELMIPGSELRGML
RTHFEALTKSCFAIFGEDSTLSWASKTLGGKLDKALHPCTGLSDGLCPGCHLFGTTDYKGRVKFGFAKYENGPEWLITRG
NNPERSLTLGVLESPRPAFSIPDDESEIPGRKFYLHHNGWRIIRQKQLEIRETVQPERNVTTEVMDKGNVFSFDVRFENL
REWELGLLLQSLDPGKNIAHKLGKGKPYGFGSVKIKIDSLHTFKINSNNDKIKRVPQSDIREYINKGYQKLIEWSGNNSI
QKGNVLPQWHVIPHIDKLYKLLWVPFLNDSKLEPDVRYPVLNEESKGYIEGSDYTYKKLGDKDNLPYKTRVKGLTTPWSP
WNPFQV
;
B
3 'polyribonucleotide' GACUUAAUGUCACGGUACCCAAUUUUCUGCCCCGGA C
4 'polyribonucleotide' UCCGGGGCAGAAAAUUGGACGAU D
#
# COMPACT_ATOMS: atom_id res chain seq x y z
N PRO A 1 13.86 -34.60 22.44
CA PRO A 1 14.17 -33.20 22.10
C PRO A 1 13.96 -32.87 20.63
N THR A 2 12.70 -32.84 20.20
CA THR A 2 12.37 -32.51 18.82
C THR A 2 12.49 -31.01 18.58
N ARG A 3 12.74 -30.65 17.33
CA ARG A 3 12.83 -29.24 16.96
C ARG A 3 11.59 -28.48 17.40
N GLU A 4 10.42 -29.08 17.22
CA GLU A 4 9.19 -28.46 17.71
C GLU A 4 9.25 -28.25 19.21
N ASP A 5 9.80 -29.20 19.95
CA ASP A 5 9.79 -29.09 21.41
C ASP A 5 10.75 -28.01 21.89
N ILE A 6 11.95 -27.95 21.33
CA ILE A 6 12.89 -26.90 21.73
C ILE A 6 12.35 -25.54 21.32
N ASP A 7 11.66 -25.47 20.18
CA ASP A 7 11.17 -24.19 19.72
C ASP A 7 9.97 -23.73 20.54
N ARG A 8 9.07 -24.65 20.88
CA ARG A 8 7.99 -24.32 21.80
C ARG A 8 8.54 -23.88 23.15
N LYS A 9 9.64 -24.47 23.59
CA LYS A 9 10.23 -24.05 24.87
C LYS A 9 10.77 -22.64 24.77
N GLU A 10 11.41 -22.30 23.65
CA GLU A 10 11.89 -20.93 23.49
C GLU A 10 10.73 -19.95 23.46
N ALA A 11 9.65 -20.32 22.78
CA ALA A 11 8.49 -19.45 22.74
C ALA A 11 7.88 -19.27 24.12
N GLU A 12 7.83 -20.36 24.89
CA GLU A 12 7.30 -20.24 26.24
C GLU A 12 8.20 -19.35 27.09
N ARG A 13 9.51 -19.45 26.91
CA ARG A 13 10.40 -18.59 27.66
C ARG A 13 10.17 -17.13 27.31
N LEU A 14 10.06 -16.81 26.03
CA LEU A 14 9.79 -15.44 25.63
C LEU A 14 8.46 -14.95 26.19
N LEU A 15 7.43 -15.78 26.11
CA LEU A 15 6.14 -15.41 26.67
C LEU A 15 6.26 -15.16 28.16
N ASP A 16 7.04 -15.97 28.85
CA ASP A 16 7.12 -15.88 30.29
C ASP A 16 7.87 -14.63 30.71
N GLU A 17 8.80 -14.16 29.88
CA GLU A 17 9.45 -12.90 30.19
C GLU A 17 8.55 -11.72 29.87
N ALA A 18 7.74 -11.83 28.82
CA ALA A 18 6.83 -10.74 28.51
C ALA A 18 5.73 -10.61 29.56
N PHE A 19 5.27 -11.75 30.08
CA PHE A 19 4.33 -11.73 31.18
C PHE A 19 4.98 -11.23 32.47
N ASN A 20 6.30 -11.30 32.55
CA ASN A 20 7.01 -10.83 33.72
C ASN A 20 6.83 -9.32 33.87
N PRO A 21 6.73 -8.81 35.11
CA PRO A 21 6.42 -7.39 35.29
C PRO A 21 7.59 -6.44 35.15
N ARG A 22 8.84 -6.93 35.23
CA ARG A 22 9.96 -5.99 35.16
C ARG A 22 10.08 -5.36 33.78
N THR A 23 9.55 -6.01 32.75
CA THR A 23 9.69 -5.53 31.39
C THR A 23 8.85 -4.27 31.18
N LYS A 24 9.38 -3.36 30.36
CA LYS A 24 8.70 -2.12 30.07
C LYS A 24 7.49 -2.38 29.17
N PRO A 25 6.49 -1.50 29.22
CA PRO A 25 5.35 -1.68 28.31
C PRO A 25 5.71 -1.54 26.85
N VAL A 26 6.90 -1.03 26.52
CA VAL A 26 7.27 -0.84 25.12
C VAL A 26 7.66 -2.16 24.48
N ASP A 27 8.63 -2.85 25.06
CA ASP A 27 9.23 -3.99 24.37
C ASP A 27 8.51 -5.31 24.60
N ARG A 28 7.57 -5.38 25.53
CA ARG A 28 6.84 -6.63 25.69
C ARG A 28 5.95 -6.88 24.48
N LYS A 29 5.50 -5.83 23.81
CA LYS A 29 4.77 -5.99 22.56
C LYS A 29 5.62 -6.73 21.55
N LYS A 30 6.87 -6.30 21.37
CA LYS A 30 7.77 -6.95 20.43
C LYS A 30 8.10 -8.36 20.86
N ILE A 31 8.20 -8.59 22.17
CA ILE A 31 8.52 -9.94 22.65
C ILE A 31 7.38 -10.90 22.34
N ILE A 32 6.16 -10.52 22.67
CA ILE A 32 5.03 -11.38 22.36
C ILE A 32 4.90 -11.57 20.86
N ASN A 33 5.15 -10.52 20.08
CA ASN A 33 5.07 -10.68 18.64
C ASN A 33 6.10 -11.68 18.13
N SER A 34 7.28 -11.71 18.73
CA SER A 34 8.29 -12.65 18.28
C SER A 34 7.94 -14.07 18.68
N ALA A 35 7.41 -14.25 19.89
CA ALA A 35 6.98 -15.58 20.30
C ALA A 35 5.85 -16.07 19.42
N LEU A 36 4.97 -15.17 19.00
CA LEU A 36 3.90 -15.52 18.09
C LEU A 36 4.47 -15.89 16.72
N LYS A 37 5.46 -15.15 16.25
CA LYS A 37 6.14 -15.54 15.01
C LYS A 37 6.64 -16.97 15.10
N ILE A 38 7.29 -17.31 16.21
CA ILE A 38 7.87 -18.65 16.36
C ILE A 38 6.76 -19.70 16.37
N LEU A 39 5.75 -19.50 17.20
CA LEU A 39 4.73 -20.53 17.38
C LEU A 39 3.87 -20.68 16.14
N ILE A 40 3.61 -19.59 15.43
CA ILE A 40 2.77 -19.69 14.26
C ILE A 40 3.54 -20.27 13.09
N GLY A 41 4.85 -20.01 13.02
CA GLY A 41 5.67 -20.75 12.08
C GLY A 41 5.62 -22.23 12.34
N LEU A 42 5.73 -22.62 13.61
CA LEU A 42 5.56 -24.02 13.97
C LEU A 42 4.23 -24.56 13.48
N TYR A 43 3.14 -23.85 13.78
CA TYR A 43 1.83 -24.26 13.31
C TYR A 43 1.82 -24.47 11.81
N LYS A 44 2.46 -23.57 11.08
CA LYS A 44 2.41 -23.62 9.63
C LYS A 44 3.16 -24.84 9.09
N GLU A 45 4.29 -25.17 9.69
CA GLU A 45 5.04 -26.33 9.23
C GLU A 45 4.29 -27.63 9.50
N LYS A 46 3.74 -27.76 10.69
CA LYS A 46 3.03 -28.97 11.12
C LYS A 46 1.56 -28.61 11.24
N LYS A 47 0.78 -28.92 10.20
CA LYS A 47 -0.53 -28.33 10.06
C LYS A 47 -1.39 -28.58 11.29
N ASP A 48 -1.84 -29.81 11.50
CA ASP A 48 -2.67 -30.07 12.65
C ASP A 48 -2.19 -31.28 13.43
N ASP A 49 -0.96 -31.70 13.22
CA ASP A 49 -0.31 -32.67 14.07
C ASP A 49 0.46 -32.03 15.20
N LEU A 50 0.26 -30.73 15.43
CA LEU A 50 0.96 -30.05 16.51
C LEU A 50 0.52 -30.62 17.85
N THR A 51 1.49 -30.82 18.74
CA THR A 51 1.17 -31.31 20.08
C THR A 51 0.29 -30.31 20.81
N SER A 52 -0.45 -30.81 21.79
CA SER A 52 -1.35 -29.95 22.54
C SER A 52 -0.59 -28.86 23.29
N ALA A 53 0.65 -29.14 23.68
CA ALA A 53 1.42 -28.15 24.42
C ALA A 53 1.66 -26.89 23.58
N SER A 54 1.89 -27.06 22.29
CA SER A 54 2.17 -25.90 21.45
C SER A 54 0.91 -25.11 21.15
N PHE A 55 -0.23 -25.79 21.03
CA PHE A 55 -1.49 -25.09 20.89
C PHE A 55 -1.79 -24.28 22.15
N ILE A 56 -1.52 -24.86 23.31
CA ILE A 56 -1.66 -24.11 24.55
C ILE A 56 -0.77 -22.88 24.54
N SER A 57 0.45 -23.03 24.04
CA SER A 57 1.36 -21.89 23.98
C SER A 57 0.83 -20.79 23.07
N ILE A 58 0.30 -21.17 21.91
CA ILE A 58 -0.20 -20.17 20.97
C ILE A 58 -1.39 -19.42 21.59
N ALA A 59 -2.29 -20.16 22.23
CA ALA A 59 -3.44 -19.50 22.85
C ALA A 59 -3.01 -18.60 23.99
N ARG A 60 -2.05 -19.04 24.79
CA ARG A 60 -1.48 -18.18 25.82
C ARG A 60 -0.93 -16.90 25.22
N ALA A 61 -0.24 -17.01 24.08
CA ALA A 61 0.36 -15.82 23.48
C ALA A 61 -0.71 -14.87 22.98
N TYR A 62 -1.78 -15.40 22.42
CA TYR A 62 -2.85 -14.54 21.92
C TYR A 62 -3.54 -13.83 23.07
N TYR A 63 -3.82 -14.53 24.17
CA TYR A 63 -4.38 -13.85 25.32
C TYR A 63 -3.44 -12.75 25.81
N LEU A 64 -2.15 -13.07 25.90
CA LEU A 64 -1.19 -12.09 26.38
C LEU A 64 -1.12 -10.85 25.51
N VAL A 65 -1.12 -11.03 24.19
CA VAL A 65 -1.06 -9.86 23.32
C VAL A 65 -2.34 -9.07 23.42
N SER A 66 -3.47 -9.75 23.58
CA SER A 66 -4.74 -9.04 23.67
C SER A 66 -4.78 -8.18 24.92
N ILE A 67 -4.09 -8.60 25.97
CA ILE A 67 -4.09 -7.83 27.22
C ILE A 67 -3.44 -6.48 27.02
N THR A 68 -2.55 -6.34 26.05
CA THR A 68 -1.86 -5.06 25.87
C THR A 68 -2.56 -4.16 24.86
N ILE A 69 -3.70 -4.54 24.33
CA ILE A 69 -4.42 -3.73 23.37
C ILE A 69 -5.53 -2.98 24.09
N LEU A 70 -5.44 -1.68 24.16
CA LEU A 70 -6.32 -0.88 24.99
C LEU A 70 -7.51 -0.39 24.19
N PRO A 71 -8.71 -0.42 24.75
CA PRO A 71 -9.85 0.19 24.08
C PRO A 71 -9.72 1.71 24.09
N LYS A 72 -10.08 2.34 22.98
CA LYS A 72 -9.94 3.77 22.82
C LYS A 72 -11.28 4.34 22.40
N GLY A 73 -11.68 5.44 23.02
CA GLY A 73 -12.97 5.99 22.70
C GLY A 73 -14.08 4.96 22.82
N THR A 74 -15.14 5.18 22.05
CA THR A 74 -16.27 4.26 22.13
C THR A 74 -15.94 2.89 21.55
N THR A 75 -14.98 2.80 20.64
CA THR A 75 -14.75 1.56 19.92
C THR A 75 -13.60 0.77 20.50
N ILE A 76 -13.77 -0.55 20.49
CA ILE A 76 -12.70 -1.50 20.79
C ILE A 76 -11.86 -1.65 19.53
N PRO A 77 -10.54 -1.76 19.64
CA PRO A 77 -9.75 -2.05 18.43
C PRO A 77 -10.12 -3.41 17.90
N GLU A 78 -10.05 -3.57 16.59
CA GLU A 78 -10.44 -4.85 16.01
C GLU A 78 -9.41 -5.92 16.28
N LYS A 79 -8.15 -5.54 16.50
CA LYS A 79 -7.14 -6.53 16.79
C LYS A 79 -7.37 -7.20 18.13
N LYS A 80 -7.95 -6.50 19.09
CA LYS A 80 -8.23 -7.10 20.39
C LYS A 80 -9.29 -8.19 20.26
N LYS A 81 -10.38 -7.88 19.57
CA LYS A 81 -11.37 -8.91 19.33
C LYS A 81 -10.79 -10.06 18.53
N GLU A 82 -9.97 -9.76 17.53
CA GLU A 82 -9.42 -10.83 16.71
C GLU A 82 -8.48 -11.72 17.51
N ALA A 83 -7.61 -11.12 18.32
CA ALA A 83 -6.75 -11.88 19.19
C ALA A 83 -7.56 -12.79 20.10
N LEU A 84 -8.65 -12.29 20.65
CA LEU A 84 -9.44 -13.13 21.54
C LEU A 84 -10.08 -14.29 20.81
N ARG A 85 -10.66 -14.02 19.64
CA ARG A 85 -11.29 -15.09 18.87
C ARG A 85 -10.27 -16.16 18.49
N LYS A 86 -9.08 -15.75 18.07
CA LYS A 86 -8.07 -16.72 17.66
C LYS A 86 -7.56 -17.51 18.86
N GLY A 87 -7.33 -16.85 19.99
CA GLY A 87 -6.90 -17.58 21.16
C GLY A 87 -7.92 -18.61 21.59
N ILE A 88 -9.20 -18.28 21.51
CA ILE A 88 -10.21 -19.27 21.85
C ILE A 88 -10.14 -20.44 20.91
N GLU A 89 -10.06 -20.17 19.61
CA GLU A 89 -9.97 -21.25 18.65
C GLU A 89 -8.77 -22.15 18.93
N PHE A 90 -7.64 -21.55 19.26
CA PHE A 90 -6.43 -22.34 19.44
C PHE A 90 -6.46 -23.14 20.73
N ILE A 91 -6.91 -22.55 21.83
CA ILE A 91 -7.01 -23.34 23.06
C ILE A 91 -8.05 -24.42 22.91
N ASP A 92 -9.07 -24.21 22.08
CA ASP A 92 -10.02 -25.29 21.82
C ASP A 92 -9.34 -26.42 21.06
N ARG A 93 -8.48 -26.08 20.11
CA ARG A 93 -7.68 -27.12 19.47
C ARG A 93 -6.86 -27.89 20.48
N ALA A 94 -6.25 -27.17 21.43
CA ALA A 94 -5.43 -27.84 22.44
C ALA A 94 -6.27 -28.69 23.37
N ILE A 95 -7.56 -28.38 23.49
CA ILE A 95 -8.39 -29.08 24.45
C ILE A 95 -9.01 -30.32 23.84
N ASN A 96 -9.53 -30.23 22.61
CA ASN A 96 -10.34 -31.31 22.07
C ASN A 96 -9.51 -32.58 21.89
N LYS A 97 -8.55 -32.56 20.99
CA LYS A 97 -7.61 -33.67 20.88
C LYS A 97 -6.50 -33.38 21.88
N PHE A 98 -6.47 -34.17 22.95
CA PHE A 98 -5.61 -33.89 24.08
C PHE A 98 -4.84 -35.14 24.48
N ASN A 99 -3.53 -35.01 24.57
CA ASN A 99 -2.66 -36.03 25.16
C ASN A 99 -1.67 -35.26 26.02
N GLY A 100 -2.01 -35.11 27.30
CA GLY A 100 -1.11 -34.42 28.22
C GLY A 100 -1.49 -34.74 29.65
N SER A 101 -0.62 -34.31 30.56
CA SER A 101 -0.84 -34.56 31.97
C SER A 101 -2.00 -33.74 32.51
N ILE A 102 -2.21 -33.86 33.83
CA ILE A 102 -3.22 -33.06 34.49
C ILE A 102 -2.78 -31.61 34.58
N LEU A 103 -1.47 -31.38 34.70
CA LEU A 103 -0.97 -30.01 34.73
C LEU A 103 -1.36 -29.26 33.47
N ASP A 104 -1.24 -29.92 32.32
CA ASP A 104 -1.58 -29.23 31.07
C ASP A 104 -3.09 -29.09 30.91
N SER A 105 -3.86 -30.04 31.45
CA SER A 105 -5.32 -29.85 31.47
C SER A 105 -5.68 -28.59 32.25
N GLN A 106 -5.07 -28.40 33.43
CA GLN A 106 -5.36 -27.23 34.25
C GLN A 106 -4.89 -25.96 33.57
N ARG A 107 -3.71 -25.99 32.95
CA ARG A 107 -3.24 -24.84 32.21
C ARG A 107 -4.20 -24.49 31.08
N ALA A 108 -4.68 -25.49 30.35
CA ALA A 108 -5.59 -25.23 29.25
C ALA A 108 -6.85 -24.56 29.75
N PHE A 109 -7.42 -25.06 30.84
CA PHE A 109 -8.67 -24.47 31.27
C PHE A 109 -8.45 -23.09 31.89
N ARG A 110 -7.31 -22.86 32.51
CA ARG A 110 -7.01 -21.54 33.02
C ARG A 110 -6.96 -20.52 31.87
N ILE A 111 -6.21 -20.85 30.82
CA ILE A 111 -6.09 -19.93 29.69
C ILE A 111 -7.44 -19.71 29.05
N LYS A 112 -8.18 -20.79 28.81
CA LYS A 112 -9.48 -20.64 28.17
C LYS A 112 -10.41 -19.78 29.01
N SER A 113 -10.33 -19.90 30.33
CA SER A 113 -11.22 -19.15 31.19
C SER A 113 -10.92 -17.66 31.11
N VAL A 114 -9.65 -17.27 31.18
CA VAL A 114 -9.39 -15.84 31.13
C VAL A 114 -9.68 -15.28 29.75
N LEU A 115 -9.42 -16.06 28.70
CA LEU A 115 -9.79 -15.61 27.36
C LEU A 115 -11.28 -15.36 27.28
N SER A 116 -12.08 -16.28 27.81
CA SER A 116 -13.53 -16.11 27.74
C SER A 116 -14.01 -14.94 28.59
N ILE A 117 -13.37 -14.69 29.73
CA ILE A 117 -13.75 -13.54 30.54
C ILE A 117 -13.53 -12.25 29.75
N GLU A 118 -12.36 -12.09 29.16
CA GLU A 118 -12.13 -10.89 28.37
C GLU A 118 -13.14 -10.78 27.22
N PHE A 119 -13.42 -11.91 26.56
CA PHE A 119 -14.33 -11.86 25.43
C PHE A 119 -15.72 -11.45 25.85
N ASN A 120 -16.18 -11.94 26.99
CA ASN A 120 -17.47 -11.52 27.48
C ASN A 120 -17.48 -10.05 27.82
N ARG A 121 -16.40 -9.56 28.43
CA ARG A 121 -16.35 -8.15 28.82
C ARG A 121 -16.49 -7.23 27.62
N ILE A 122 -15.78 -7.53 26.53
CA ILE A 122 -15.91 -6.64 25.38
C ILE A 122 -17.29 -6.77 24.75
N ASP A 123 -17.92 -7.94 24.89
CA ASP A 123 -19.12 -8.27 24.11
C ASP A 123 -20.00 -9.26 24.87
N ARG A 124 -20.94 -8.74 25.65
CA ARG A 124 -21.93 -9.62 26.28
C ARG A 124 -23.06 -9.92 25.31
N GLU A 125 -23.13 -9.17 24.21
CA GLU A 125 -24.20 -9.35 23.25
C GLU A 125 -24.08 -10.69 22.52
N LYS A 126 -22.95 -10.92 21.83
CA LYS A 126 -22.76 -12.20 21.14
C LYS A 126 -22.63 -13.34 22.13
N CYS A 127 -21.67 -13.25 23.05
CA CYS A 127 -21.48 -14.32 24.02
C CYS A 127 -22.58 -14.25 25.08
N ASP A 128 -22.43 -15.04 26.14
CA ASP A 128 -23.45 -15.17 27.15
C ASP A 128 -22.80 -15.38 28.51
N ASN A 129 -23.57 -15.08 29.56
CA ASN A 129 -23.06 -15.29 30.91
C ASN A 129 -23.19 -16.74 31.34
N ILE A 130 -24.13 -17.50 30.75
CA ILE A 130 -24.31 -18.90 31.16
C ILE A 130 -23.15 -19.74 30.66
N LYS A 131 -22.75 -19.55 29.40
CA LYS A 131 -21.56 -20.23 28.89
C LYS A 131 -20.36 -19.93 29.75
N LEU A 132 -20.16 -18.65 30.09
CA LEU A 132 -19.02 -18.25 30.90
C LEU A 132 -19.07 -18.90 32.27
N LYS A 133 -20.26 -18.94 32.88
CA LYS A 133 -20.40 -19.55 34.19
C LYS A 133 -20.04 -21.02 34.14
N ASN A 134 -20.50 -21.74 33.12
CA ASN A 134 -20.23 -23.17 33.05
C ASN A 134 -18.76 -23.45 32.77
N LEU A 135 -18.14 -22.65 31.89
CA LEU A 135 -16.72 -22.77 31.66
C LEU A 135 -15.94 -22.59 32.95
N LEU A 136 -16.23 -21.51 33.67
CA LEU A 136 -15.49 -21.24 34.89
C LEU A 136 -15.76 -22.30 35.94
N ASN A 137 -16.96 -22.88 35.93
CA ASN A 137 -17.25 -24.02 36.80
C ASN A 137 -16.28 -25.17 36.52
N GLU A 138 -16.25 -25.64 35.27
CA GLU A 138 -15.34 -26.73 34.93
C GLU A 138 -13.90 -26.38 35.23
N ALA A 139 -13.52 -25.12 35.06
CA ALA A 139 -12.15 -24.72 35.33
C ALA A 139 -11.83 -24.86 36.81
N VAL A 140 -12.77 -24.51 37.69
CA VAL A 140 -12.53 -24.73 39.10
C VAL A 140 -12.57 -26.22 39.42
N ASP A 141 -13.34 -26.99 38.66
CA ASP A 141 -13.37 -28.43 38.88
C ASP A 141 -12.01 -29.07 38.62
N LYS A 142 -11.40 -28.75 37.48
CA LYS A 142 -10.10 -29.31 37.16
C LYS A 142 -9.05 -28.93 38.20
N GLY A 143 -9.35 -27.97 39.06
CA GLY A 143 -8.45 -27.63 40.14
C GLY A 143 -7.69 -26.34 39.89
N CYS A 144 -8.35 -25.37 39.26
CA CYS A 144 -7.76 -24.06 39.02
C CYS A 144 -8.18 -23.11 40.14
N THR A 145 -7.68 -23.37 41.34
CA THR A 145 -7.95 -22.51 42.49
C THR A 145 -6.66 -22.20 43.25
N ASP A 146 -5.53 -22.11 42.58
CA ASP A 146 -4.25 -21.90 43.26
C ASP A 146 -3.97 -20.41 43.36
N PHE A 147 -4.73 -19.74 44.21
CA PHE A 147 -4.70 -18.28 44.27
C PHE A 147 -3.37 -17.74 44.75
N ASP A 148 -2.40 -18.59 45.05
CA ASP A 148 -1.18 -18.09 45.66
C ASP A 148 -0.07 -17.89 44.65
N THR A 149 -0.19 -18.46 43.46
CA THR A 149 0.88 -18.40 42.48
C THR A 149 0.44 -18.00 41.09
N TYR A 150 -0.83 -17.94 40.80
CA TYR A 150 -1.17 -17.79 39.39
C TYR A 150 -2.03 -16.58 39.09
N GLU A 151 -2.98 -16.27 39.95
CA GLU A 151 -3.69 -15.00 39.90
C GLU A 151 -4.63 -14.90 38.70
N TRP A 152 -4.53 -15.81 37.74
CA TRP A 152 -5.66 -15.94 36.84
C TRP A 152 -6.76 -16.71 37.52
N ASP A 153 -6.39 -17.52 38.51
CA ASP A 153 -7.41 -18.18 39.30
C ASP A 153 -8.18 -17.17 40.12
N ILE A 154 -7.51 -16.11 40.57
CA ILE A 154 -8.19 -15.06 41.32
C ILE A 154 -9.24 -14.41 40.45
N GLN A 155 -8.90 -14.13 39.19
CA GLN A 155 -9.89 -13.56 38.27
C GLN A 155 -11.04 -14.52 38.02
N ILE A 156 -10.74 -15.80 37.79
CA ILE A 156 -11.79 -16.78 37.57
C ILE A 156 -12.75 -16.81 38.74
N ALA A 157 -12.20 -16.92 39.95
CA ALA A 157 -13.04 -16.98 41.14
C ALA A 157 -13.87 -15.72 41.32
N ILE A 158 -13.27 -14.55 41.12
CA ILE A 158 -14.01 -13.32 41.31
C ILE A 158 -15.14 -13.21 40.29
N ARG A 159 -14.89 -13.65 39.06
CA ARG A 159 -15.96 -13.61 38.07
C ARG A 159 -17.07 -14.57 38.44
N LEU A 160 -16.72 -15.71 39.03
CA LEU A 160 -17.76 -16.62 39.50
C LEU A 160 -18.59 -15.95 40.60
N CYS A 161 -17.93 -15.25 41.52
CA CYS A 161 -18.65 -14.50 42.53
C CYS A 161 -19.63 -13.51 41.91
N GLU A 162 -19.13 -12.69 40.99
CA GLU A 162 -20.01 -11.74 40.31
C GLU A 162 -21.17 -12.44 39.64
N LEU A 163 -20.97 -13.66 39.18
CA LEU A 163 -22.03 -14.41 38.51
C LEU A 163 -22.98 -15.09 39.48
N GLY A 164 -22.61 -15.25 40.74
CA GLY A 164 -23.51 -15.74 41.74
C GLY A 164 -23.23 -17.13 42.25
N VAL A 165 -22.15 -17.76 41.82
CA VAL A 165 -21.77 -19.05 42.35
C VAL A 165 -21.23 -18.87 43.77
N ASP A 166 -21.56 -19.81 44.65
CA ASP A 166 -21.09 -19.72 46.03
C ASP A 166 -19.62 -20.09 46.10
N MET A 167 -18.80 -19.15 46.58
CA MET A 167 -17.37 -19.37 46.65
C MET A 167 -16.84 -19.18 48.08
N GLU A 168 -17.67 -19.45 49.08
CA GLU A 168 -17.23 -19.37 50.46
C GLU A 168 -16.04 -20.27 50.73
N GLY A 169 -16.02 -21.46 50.14
CA GLY A 169 -14.97 -22.42 50.44
C GLY A 169 -13.59 -21.91 50.08
N HIS A 170 -13.51 -21.06 49.07
CA HIS A 170 -12.23 -20.50 48.68
C HIS A 170 -11.99 -19.13 49.29
N PHE A 171 -13.00 -18.55 49.93
CA PHE A 171 -12.95 -17.14 50.29
C PHE A 171 -11.64 -16.78 51.00
N ASP A 172 -11.38 -17.41 52.15
CA ASP A 172 -10.21 -17.01 52.93
C ASP A 172 -8.93 -17.20 52.16
N ASN A 173 -8.81 -18.29 51.39
CA ASN A 173 -7.62 -18.48 50.58
C ASN A 173 -7.44 -17.33 49.61
N LEU A 174 -8.55 -16.84 49.05
CA LEU A 174 -8.51 -15.68 48.19
C LEU A 174 -8.01 -14.46 48.93
N ILE A 175 -8.46 -14.28 50.17
CA ILE A 175 -8.18 -13.02 50.87
C ILE A 175 -6.71 -12.95 51.25
N LYS A 176 -6.14 -14.05 51.73
CA LYS A 176 -4.74 -14.01 52.14
C LYS A 176 -3.79 -13.96 50.95
N SER A 177 -4.29 -14.12 49.73
CA SER A 177 -3.41 -14.24 48.57
C SER A 177 -2.60 -12.97 48.37
N ASN A 178 -1.30 -13.14 48.23
CA ASN A 178 -0.41 -12.00 48.03
C ASN A 178 -0.68 -11.33 46.69
N LYS A 179 -1.41 -12.01 45.81
CA LYS A 179 -1.53 -11.52 44.44
C LYS A 179 -2.81 -10.74 44.18
N ALA A 180 -3.86 -10.93 44.98
CA ALA A 180 -5.12 -10.27 44.70
C ALA A 180 -5.00 -8.76 44.81
N ASN A 181 -5.69 -8.07 43.92
CA ASN A 181 -5.79 -6.61 43.98
C ASN A 181 -6.71 -6.20 45.11
N ASP A 182 -6.56 -4.95 45.55
CA ASP A 182 -7.46 -4.44 46.57
C ASP A 182 -8.89 -4.37 46.05
N LEU A 183 -9.07 -4.03 44.78
CA LEU A 183 -10.39 -4.07 44.17
C LEU A 183 -10.97 -5.48 44.20
N GLN A 184 -10.14 -6.48 43.96
CA GLN A 184 -10.61 -7.86 43.97
C GLN A 184 -11.01 -8.29 45.38
N LYS A 185 -10.24 -7.90 46.39
CA LYS A 185 -10.63 -8.20 47.76
C LYS A 185 -11.93 -7.52 48.13
N ALA A 186 -12.13 -6.29 47.67
CA ALA A 186 -13.39 -5.61 47.92
C ALA A 186 -14.55 -6.36 47.27
N LYS A 187 -14.37 -6.76 46.02
CA LYS A 187 -15.40 -7.56 45.37
C LYS A 187 -15.66 -8.84 46.14
N ALA A 188 -14.59 -9.48 46.61
CA ALA A 188 -14.73 -10.73 47.35
C ALA A 188 -15.60 -10.53 48.58
N TYR A 189 -15.29 -9.52 49.38
CA TYR A 189 -16.07 -9.25 50.58
C TYR A 189 -17.51 -8.97 50.23
N TYR A 190 -17.74 -8.00 49.36
CA TYR A 190 -19.12 -7.61 49.05
C TYR A 190 -19.93 -8.80 48.55
N PHE A 191 -19.31 -9.67 47.75
CA PHE A 191 -20.04 -10.71 47.05
C PHE A 191 -20.12 -12.02 47.82
N ILE A 192 -19.11 -12.34 48.63
CA ILE A 192 -19.04 -13.63 49.29
C ILE A 192 -19.47 -13.52 50.75
N LYS A 193 -18.90 -12.58 51.48
CA LYS A 193 -19.26 -12.38 52.88
C LYS A 193 -20.20 -11.21 53.12
N LYS A 194 -20.34 -10.31 52.15
CA LYS A 194 -21.19 -9.12 52.30
C LYS A 194 -20.75 -8.26 53.48
N ASP A 195 -19.45 -8.21 53.72
CA ASP A 195 -18.88 -7.33 54.73
C ASP A 195 -18.70 -5.95 54.10
N ASP A 196 -19.78 -5.17 54.12
CA ASP A 196 -19.74 -3.83 53.53
C ASP A 196 -18.70 -2.96 54.20
N HIS A 197 -18.32 -3.28 55.43
CA HIS A 197 -17.28 -2.51 56.10
C HIS A 197 -15.92 -2.77 55.47
N LYS A 198 -15.52 -4.02 55.39
CA LYS A 198 -14.24 -4.34 54.75
C LYS A 198 -14.30 -4.05 53.25
N ALA A 199 -15.47 -4.24 52.63
CA ALA A 199 -15.62 -3.85 51.24
C ALA A 199 -15.33 -2.36 51.06
N LYS A 200 -15.91 -1.53 51.92
CA LYS A 200 -15.66 -0.10 51.82
C LYS A 200 -14.19 0.22 52.10
N GLU A 201 -13.59 -0.44 53.09
CA GLU A 201 -12.19 -0.18 53.40
C GLU A 201 -11.29 -0.47 52.19
N HIS A 202 -11.45 -1.65 51.60
CA HIS A 202 -10.58 -2.01 50.51
C HIS A 202 -10.86 -1.17 49.27
N MET A 203 -12.13 -0.87 49.01
CA MET A 203 -12.47 -0.08 47.85
C MET A 203 -11.97 1.34 48.00
N ASP A 204 -11.93 1.86 49.23
CA ASP A 204 -11.30 3.14 49.46
C ASP A 204 -9.81 3.08 49.16
N LYS A 205 -9.15 1.99 49.56
CA LYS A 205 -7.74 1.83 49.17
C LYS A 205 -7.59 1.85 47.66
N CYS A 206 -8.49 1.18 46.94
CA CYS A 206 -8.38 1.09 45.50
C CYS A 206 -8.56 2.45 44.83
N THR A 207 -9.60 3.19 45.24
CA THR A 207 -9.82 4.49 44.65
C THR A 207 -8.71 5.46 45.03
N ALA A 208 -8.10 5.30 46.19
CA ALA A 208 -6.94 6.12 46.51
C ALA A 208 -5.77 5.75 45.60
N SER A 209 -5.69 4.49 45.19
CA SER A 209 -4.62 4.10 44.27
C SER A 209 -4.87 4.62 42.87
N LEU A 210 -6.14 4.83 42.51
CA LEU A 210 -6.48 5.21 41.13
C LEU A 210 -5.99 6.60 40.77
N LYS A 211 -5.44 7.35 41.71
CA LYS A 211 -4.94 8.67 41.37
C LYS A 211 -3.66 8.63 40.55
N TYR A 212 -3.07 7.45 40.36
CA TYR A 212 -1.90 7.29 39.51
C TYR A 212 -2.05 6.16 38.52
N THR A 213 -3.21 5.51 38.47
CA THR A 213 -3.51 4.49 37.49
C THR A 213 -3.96 5.16 36.21
N PRO A 214 -3.12 5.22 35.17
CA PRO A 214 -3.48 6.01 33.98
C PRO A 214 -4.79 5.57 33.35
N CYS A 215 -5.35 6.46 32.52
CA CYS A 215 -6.68 6.26 31.99
C CYS A 215 -6.79 5.00 31.15
N SER A 216 -5.70 4.60 30.49
CA SER A 216 -5.77 3.44 29.62
C SER A 216 -5.90 2.15 30.41
N HIS A 217 -5.48 2.15 31.66
CA HIS A 217 -5.42 0.96 32.47
C HIS A 217 -6.79 0.30 32.59
N ARG A 218 -6.78 -0.98 32.93
CA ARG A 218 -8.01 -1.74 33.05
C ARG A 218 -8.64 -1.62 34.43
N LEU A 219 -7.88 -1.11 35.40
CA LEU A 219 -8.45 -0.89 36.71
C LEU A 219 -9.58 0.12 36.65
N TRP A 220 -9.51 1.06 35.71
CA TRP A 220 -10.57 2.05 35.55
C TRP A 220 -11.87 1.38 35.12
N ASP A 221 -11.82 0.57 34.07
CA ASP A 221 -13.03 -0.04 33.56
C ASP A 221 -13.57 -1.08 34.53
N GLU A 222 -12.68 -1.77 35.25
CA GLU A 222 -13.17 -2.72 36.25
C GLU A 222 -13.85 -2.01 37.40
N THR A 223 -13.28 -0.91 37.89
CA THR A 223 -13.92 -0.18 38.97
C THR A 223 -15.24 0.42 38.53
N VAL A 224 -15.30 0.96 37.30
CA VAL A 224 -16.55 1.51 36.80
C VAL A 224 -17.61 0.42 36.70
N GLY A 225 -17.23 -0.77 36.23
CA GLY A 225 -18.19 -1.85 36.17
C GLY A 225 -18.66 -2.29 37.55
N PHE A 226 -17.75 -2.27 38.53
CA PHE A 226 -18.15 -2.56 39.89
C PHE A 226 -19.18 -1.55 40.39
N ILE A 227 -18.95 -0.27 40.14
CA ILE A 227 -19.86 0.76 40.62
C ILE A 227 -21.21 0.64 39.93
N GLU A 228 -21.20 0.35 38.63
CA GLU A 228 -22.46 0.12 37.93
C GLU A 228 -23.21 -1.05 38.54
N ARG A 229 -22.49 -2.12 38.88
CA ARG A 229 -23.15 -3.27 39.47
C ARG A 229 -23.75 -2.92 40.81
N LEU A 230 -23.04 -2.14 41.62
CA LEU A 230 -23.59 -1.70 42.90
C LEU A 230 -24.86 -0.89 42.69
N LYS A 231 -24.85 0.03 41.72
CA LYS A 231 -26.05 0.79 41.40
C LYS A 231 -27.20 -0.12 41.00
N GLY A 232 -26.91 -1.17 40.22
CA GLY A 232 -27.96 -2.11 39.87
C GLY A 232 -28.49 -2.88 41.06
N ASP A 233 -27.62 -3.18 42.02
CA ASP A 233 -28.05 -3.80 43.26
C ASP A 233 -28.70 -2.81 44.21
N SER A 234 -28.61 -1.52 43.92
CA SER A 234 -29.15 -0.48 44.80
C SER A 234 -28.59 -0.60 46.20
N SER A 235 -27.28 -0.78 46.31
CA SER A 235 -26.60 -0.71 47.59
C SER A 235 -26.44 0.75 47.99
N THR A 236 -25.90 0.97 49.18
CA THR A 236 -25.65 2.34 49.58
C THR A 236 -24.26 2.83 49.19
N LEU A 237 -23.33 1.92 48.90
CA LEU A 237 -21.95 2.33 48.68
C LEU A 237 -21.76 2.96 47.32
N TRP A 238 -22.73 2.82 46.42
CA TRP A 238 -22.51 3.17 45.02
C TRP A 238 -22.26 4.67 44.87
N ARG A 239 -22.99 5.49 45.62
CA ARG A 239 -22.83 6.93 45.55
C ARG A 239 -21.42 7.36 45.94
N ASP A 240 -20.98 6.95 47.12
CA ASP A 240 -19.68 7.40 47.61
C ASP A 240 -18.55 6.84 46.75
N PHE A 241 -18.71 5.63 46.26
CA PHE A 241 -17.68 5.06 45.38
C PHE A 241 -17.59 5.84 44.09
N ALA A 242 -18.73 6.18 43.50
CA ALA A 242 -18.72 6.95 42.25
C ALA A 242 -18.10 8.32 42.47
N ILE A 243 -18.39 8.97 43.59
CA ILE A 243 -17.86 10.31 43.81
C ILE A 243 -16.35 10.27 43.98
N LYS A 244 -15.84 9.29 44.73
CA LYS A 244 -14.39 9.26 44.93
C LYS A 244 -13.66 8.78 43.68
N THR A 245 -14.27 7.90 42.90
CA THR A 245 -13.68 7.52 41.62
C THR A 245 -13.62 8.72 40.69
N TYR A 246 -14.65 9.56 40.70
CA TYR A 246 -14.63 10.75 39.86
C TYR A 246 -13.55 11.72 40.31
N ARG A 247 -13.36 11.87 41.61
CA ARG A 247 -12.30 12.75 42.07
C ARG A 247 -10.94 12.26 41.63
N SER A 248 -10.70 10.96 41.76
CA SER A 248 -9.42 10.41 41.32
C SER A 248 -9.24 10.60 39.83
N CYS A 249 -10.33 10.50 39.07
CA CYS A 249 -10.22 10.68 37.63
C CYS A 249 -9.91 12.12 37.27
N ARG A 250 -10.39 13.08 38.07
CA ARG A 250 -9.95 14.46 37.90
C ARG A 250 -8.45 14.59 38.16
N VAL A 251 -8.02 14.12 39.32
CA VAL A 251 -6.62 14.24 39.71
C VAL A 251 -5.72 13.64 38.66
N GLN A 252 -6.19 12.61 37.96
CA GLN A 252 -5.35 12.00 36.94
C GLN A 252 -5.47 12.70 35.59
N GLU A 253 -6.69 13.06 35.19
CA GLU A 253 -6.87 13.80 33.95
C GLU A 253 -5.98 15.02 33.90
N LYS A 254 -5.61 15.56 35.06
CA LYS A 254 -4.63 16.64 35.03
C LYS A 254 -3.29 16.22 34.42
N GLU A 255 -3.00 14.92 34.35
CA GLU A 255 -1.67 14.47 33.98
C GLU A 255 -1.60 13.63 32.71
N THR A 256 -2.64 13.63 31.88
CA THR A 256 -2.71 12.63 30.82
C THR A 256 -1.88 13.02 29.60
N GLY A 257 -2.03 14.23 29.10
CA GLY A 257 -1.43 14.49 27.80
C GLY A 257 -2.49 14.62 26.73
N THR A 258 -2.24 15.50 25.78
CA THR A 258 -3.31 15.92 24.89
C THR A 258 -3.86 14.74 24.12
N LEU A 259 -3.10 14.22 23.19
CA LEU A 259 -3.35 12.86 22.76
C LEU A 259 -3.29 11.99 24.00
N ARG A 260 -4.14 10.96 24.02
CA ARG A 260 -4.53 10.17 25.18
C ARG A 260 -5.63 10.82 25.99
N LEU A 261 -5.96 12.09 25.76
CA LEU A 261 -7.25 12.54 26.26
C LEU A 261 -8.34 12.05 25.34
N ARG A 262 -8.14 12.22 24.04
CA ARG A 262 -9.03 11.64 23.05
C ARG A 262 -9.12 10.13 23.23
N TRP A 263 -7.98 9.45 23.23
CA TRP A 263 -8.00 7.99 23.22
C TRP A 263 -8.57 7.44 24.51
N TYR A 264 -7.99 7.78 25.65
CA TYR A 264 -8.26 7.03 26.86
C TYR A 264 -9.11 7.77 27.88
N TRP A 265 -9.08 9.10 27.92
CA TRP A 265 -9.83 9.80 28.95
C TRP A 265 -11.29 9.95 28.56
N SER A 266 -11.57 10.11 27.26
CA SER A 266 -12.95 10.29 26.81
C SER A 266 -13.81 9.11 27.20
N ARG A 267 -13.25 7.90 27.15
CA ARG A 267 -14.00 6.70 27.53
C ARG A 267 -14.63 6.82 28.90
N HIS A 268 -14.12 7.70 29.74
CA HIS A 268 -14.59 7.78 31.11
C HIS A 268 -15.83 8.63 31.28
N ARG A 269 -16.43 9.09 30.18
CA ARG A 269 -17.66 9.88 30.30
C ARG A 269 -18.67 9.21 31.22
N VAL A 270 -18.90 7.91 31.04
CA VAL A 270 -19.86 7.19 31.87
C VAL A 270 -19.60 7.45 33.33
N LEU A 271 -18.35 7.30 33.75
CA LEU A 271 -17.99 7.56 35.13
C LEU A 271 -18.50 8.91 35.59
N TYR A 272 -18.15 9.96 34.84
CA TYR A 272 -18.62 11.30 35.18
C TYR A 272 -20.12 11.30 35.39
N ASP A 273 -20.86 10.72 34.44
CA ASP A 273 -22.31 10.68 34.56
C ASP A 273 -22.74 10.14 35.90
N MET A 274 -22.24 8.95 36.26
CA MET A 274 -22.64 8.35 37.53
C MET A 274 -22.33 9.29 38.69
N ALA A 275 -21.14 9.89 38.69
CA ALA A 275 -20.81 10.82 39.75
C ALA A 275 -21.83 11.95 39.78
N PHE A 276 -22.12 12.53 38.62
CA PHE A 276 -23.22 13.48 38.53
C PHE A 276 -24.45 12.92 39.22
N LEU A 277 -24.94 11.77 38.74
CA LEU A 277 -26.11 11.14 39.34
C LEU A 277 -25.98 11.11 40.86
N ALA A 278 -24.84 10.65 41.35
CA ALA A 278 -24.68 10.49 42.79
C ALA A 278 -25.05 11.78 43.50
N VAL A 279 -24.40 12.87 43.11
CA VAL A 279 -24.62 14.13 43.82
C VAL A 279 -26.07 14.52 43.71
N LYS A 280 -26.65 14.37 42.52
CA LYS A 280 -28.03 14.77 42.33
C LYS A 280 -28.96 13.98 43.24
N GLU A 281 -28.64 12.71 43.46
CA GLU A 281 -29.46 11.92 44.37
C GLU A 281 -29.34 12.43 45.78
N GLN A 282 -28.14 12.82 46.19
CA GLN A 282 -27.99 13.40 47.51
C GLN A 282 -28.64 14.77 47.59
N ALA A 283 -28.86 15.42 46.45
CA ALA A 283 -29.46 16.74 46.48
C ALA A 283 -30.90 16.69 46.99
N ASP A 284 -31.57 15.56 46.77
CA ASP A 284 -32.96 15.45 47.18
C ASP A 284 -33.14 14.29 48.17
N ASP A 285 -34.39 14.04 48.55
CA ASP A 285 -34.75 13.01 49.51
C ASP A 285 -33.91 13.15 50.77
N GLU A 286 -33.97 14.34 51.38
CA GLU A 286 -32.95 14.75 52.33
C GLU A 286 -33.45 15.93 53.16
N GLU A 287 -32.82 16.13 54.32
CA GLU A 287 -33.21 17.25 55.17
C GLU A 287 -32.81 18.58 54.52
N PRO A 288 -33.69 19.58 54.53
CA PRO A 288 -33.42 20.79 53.73
C PRO A 288 -32.06 21.41 54.00
N ASP A 289 -31.79 21.81 55.24
CA ASP A 289 -30.51 22.41 55.64
C ASP A 289 -29.92 23.22 54.49
N VAL A 290 -30.70 24.19 54.03
CA VAL A 290 -30.69 24.66 52.65
C VAL A 290 -29.29 24.75 52.07
N ASN A 291 -28.30 24.95 52.93
CA ASN A 291 -26.93 25.11 52.45
C ASN A 291 -26.41 23.83 51.82
N VAL A 292 -26.79 22.66 52.35
CA VAL A 292 -26.26 21.42 51.78
C VAL A 292 -26.88 21.15 50.42
N LYS A 293 -28.18 21.38 50.28
CA LYS A 293 -28.80 21.30 48.97
C LYS A 293 -28.11 22.24 47.98
N GLN A 294 -27.82 23.46 48.43
CA GLN A 294 -27.19 24.43 47.54
C GLN A 294 -25.78 23.98 47.15
N ALA A 295 -25.00 23.50 48.10
CA ALA A 295 -23.65 23.03 47.77
C ALA A 295 -23.71 21.81 46.84
N LYS A 296 -24.75 21.00 46.97
CA LYS A 296 -24.89 19.85 46.07
C LYS A 296 -25.21 20.32 44.65
N ILE A 297 -26.10 21.28 44.51
CA ILE A 297 -26.38 21.82 43.18
C ILE A 297 -25.12 22.43 42.58
N LYS A 298 -24.34 23.13 43.40
CA LYS A 298 -23.11 23.72 42.91
C LYS A 298 -22.14 22.64 42.45
N LYS A 299 -22.08 21.53 43.18
CA LYS A 299 -21.21 20.45 42.76
C LYS A 299 -21.69 19.83 41.46
N LEU A 300 -23.01 19.74 41.26
CA LEU A 300 -23.52 19.26 39.98
C LEU A 300 -23.04 20.12 38.84
N ALA A 301 -23.10 21.43 39.03
CA ALA A 301 -22.58 22.34 38.01
C ALA A 301 -21.09 22.08 37.78
N GLU A 302 -20.32 21.94 38.86
CA GLU A 302 -18.88 21.73 38.71
C GLU A 302 -18.57 20.42 38.00
N ILE A 303 -19.32 19.37 38.31
CA ILE A 303 -19.11 18.09 37.64
C ILE A 303 -19.42 18.22 36.16
N SER A 304 -20.60 18.76 35.83
CA SER A 304 -20.97 18.91 34.44
C SER A 304 -19.94 19.74 33.68
N ASP A 305 -19.27 20.65 34.38
CA ASP A 305 -18.31 21.47 33.67
C ASP A 305 -16.91 20.89 33.62
N SER A 306 -16.57 19.97 34.51
CA SER A 306 -15.27 19.31 34.45
C SER A 306 -15.08 18.45 33.20
N LEU A 307 -16.11 18.32 32.39
CA LEU A 307 -16.12 17.46 31.24
C LEU A 307 -16.29 18.22 29.94
N LYS A 308 -16.28 19.55 29.98
CA LYS A 308 -16.80 20.32 28.86
C LYS A 308 -15.88 20.34 27.66
N SER A 309 -14.73 21.02 27.75
CA SER A 309 -13.94 21.32 26.56
C SER A 309 -12.45 21.12 26.82
N ARG A 310 -12.10 19.98 27.42
CA ARG A 310 -10.76 19.77 27.94
C ARG A 310 -9.70 19.80 26.84
N PHE A 311 -10.04 19.34 25.63
CA PHE A 311 -9.07 19.33 24.55
C PHE A 311 -8.69 20.74 24.13
N SER A 312 -9.68 21.59 23.90
CA SER A 312 -9.38 22.96 23.49
C SER A 312 -8.55 23.67 24.55
N LEU A 313 -8.79 23.37 25.82
CA LEU A 313 -7.96 23.96 26.86
C LEU A 313 -6.54 23.44 26.78
N ARG A 314 -6.37 22.17 26.42
CA ARG A 314 -5.01 21.70 26.19
C ARG A 314 -4.35 22.49 25.09
N LEU A 315 -5.09 22.78 24.01
CA LEU A 315 -4.52 23.54 22.91
C LEU A 315 -4.12 24.95 23.35
N SER A 316 -5.03 25.64 24.04
CA SER A 316 -4.71 26.99 24.50
C SER A 316 -3.55 26.99 25.49
N ASP A 317 -3.54 26.05 26.43
CA ASP A 317 -2.44 25.95 27.38
C ASP A 317 -1.12 25.71 26.67
N MET A 318 -1.16 24.98 25.56
CA MET A 318 0.07 24.72 24.85
C MET A 318 0.52 25.92 24.04
N GLU A 319 -0.41 26.67 23.44
CA GLU A 319 0.00 27.82 22.64
C GLU A 319 0.48 28.97 23.51
N LYS A 320 -0.08 29.13 24.71
CA LYS A 320 0.37 30.17 25.64
C LYS A 320 1.78 29.95 26.14
N MET A 321 2.41 28.84 25.77
CA MET A 321 3.76 28.58 26.23
C MET A 321 4.73 29.60 25.62
N PRO A 322 5.78 29.98 26.36
CA PRO A 322 6.64 31.08 25.91
C PRO A 322 7.76 30.69 24.95
N LYS A 323 8.63 31.67 24.70
CA LYS A 323 10.00 31.62 24.21
C LYS A 323 10.13 31.20 22.74
N SER A 324 9.08 30.61 22.19
CA SER A 324 8.86 30.48 20.74
C SER A 324 9.97 29.75 19.98
N ASP A 325 11.18 29.68 20.56
CA ASP A 325 12.31 28.86 20.09
C ASP A 325 12.30 28.66 18.58
N ASP A 326 12.44 29.76 17.82
CA ASP A 326 11.71 29.99 16.58
C ASP A 326 11.30 28.72 15.86
N GLU A 327 12.25 27.80 15.62
CA GLU A 327 11.87 26.55 14.98
C GLU A 327 10.82 25.81 15.80
N SER A 328 10.88 25.95 17.13
CA SER A 328 9.89 25.26 17.96
C SER A 328 8.49 25.81 17.78
N ASN A 329 8.34 27.02 17.23
CA ASN A 329 7.04 27.42 16.75
C ASN A 329 6.46 26.35 15.84
N HIS A 330 7.23 25.94 14.83
CA HIS A 330 6.81 24.85 13.97
C HIS A 330 6.60 23.58 14.77
N GLU A 331 7.36 23.38 15.85
CA GLU A 331 7.08 22.24 16.71
C GLU A 331 5.66 22.29 17.23
N PHE A 332 5.21 23.45 17.72
CA PHE A 332 3.79 23.57 18.01
C PHE A 332 2.97 23.21 16.79
N LYS A 333 3.27 23.84 15.64
CA LYS A 333 2.65 23.45 14.40
C LYS A 333 2.74 21.94 14.20
N LYS A 334 3.94 21.38 14.36
CA LYS A 334 4.09 19.94 14.22
C LYS A 334 3.09 19.22 15.10
N PHE A 335 3.10 19.55 16.40
CA PHE A 335 2.18 18.90 17.32
C PHE A 335 0.75 19.07 16.86
N LEU A 336 0.40 20.27 16.40
CA LEU A 336 -0.97 20.51 15.98
C LEU A 336 -1.40 19.56 14.89
N ASP A 337 -0.52 19.31 13.91
CA ASP A 337 -0.87 18.37 12.87
C ASP A 337 -1.18 17.01 13.46
N LYS A 338 -0.34 16.55 14.39
CA LYS A 338 -0.62 15.33 15.13
C LYS A 338 -2.09 15.31 15.53
N CYS A 339 -2.55 16.39 16.15
CA CYS A 339 -3.91 16.45 16.68
C CYS A 339 -4.94 16.13 15.61
N VAL A 340 -4.86 16.77 14.44
CA VAL A 340 -5.91 16.52 13.47
C VAL A 340 -5.89 15.07 13.04
N THR A 341 -4.71 14.48 12.93
CA THR A 341 -4.66 13.06 12.62
C THR A 341 -5.30 12.25 13.73
N ALA A 342 -5.01 12.61 14.99
CA ALA A 342 -5.70 11.96 16.08
C ALA A 342 -7.20 12.22 16.02
N TYR A 343 -7.59 13.40 15.53
CA TYR A 343 -9.01 13.69 15.45
C TYR A 343 -9.70 12.81 14.43
N ARG A 344 -9.05 12.55 13.31
CA ARG A 344 -9.61 11.69 12.28
C ARG A 344 -9.35 10.22 12.57
N SER A 345 -8.86 9.90 13.77
CA SER A 345 -8.64 8.53 14.22
C SER A 345 -7.70 7.78 13.28
N ILE A 346 -6.46 8.25 13.22
CA ILE A 346 -5.45 7.64 12.38
C ILE A 346 -4.12 7.68 13.12
N TYR A 347 -3.21 6.81 12.70
CA TYR A 347 -1.99 6.55 13.48
C TYR A 347 -1.12 7.77 13.58
N VAL A 348 -0.69 8.08 14.80
CA VAL A 348 0.22 9.19 15.07
C VAL A 348 1.63 8.62 15.14
N ILE A 349 2.59 9.35 14.58
CA ILE A 349 3.95 8.88 14.37
C ILE A 349 4.85 9.40 15.48
N ASN A 350 4.31 9.42 16.71
CA ASN A 350 4.80 10.22 17.83
C ASN A 350 6.29 10.55 17.78
N ARG A 351 7.14 9.56 17.53
CA ARG A 351 8.57 9.84 17.38
C ARG A 351 9.07 9.29 16.05
N LYS A 352 -5.27 28.04 36.83
CA LYS A 352 -6.19 29.16 37.00
C LYS A 352 -7.59 28.82 36.49
N LEU A 353 -8.57 28.85 37.39
CA LEU A 353 -9.96 28.54 37.07
C LEU A 353 -10.85 29.34 37.99
N LEU A 354 -11.78 30.10 37.40
CA LEU A 354 -12.67 30.97 38.17
C LEU A 354 -13.71 30.13 38.89
N GLU A 355 -13.95 30.46 40.17
CA GLU A 355 -15.01 29.80 40.91
C GLU A 355 -16.33 30.00 40.22
N LEU A 356 -17.16 28.96 40.24
CA LEU A 356 -18.41 28.99 39.48
C LEU A 356 -19.29 30.15 39.91
N THR A 357 -19.07 30.68 41.11
CA THR A 357 -19.92 31.74 41.64
C THR A 357 -19.38 33.13 41.36
N GLN A 358 -18.40 33.27 40.48
CA GLN A 358 -17.81 34.58 40.19
C GLN A 358 -18.43 35.12 38.91
N VAL A 359 -19.66 35.62 39.02
CA VAL A 359 -20.36 36.16 37.85
C VAL A 359 -20.83 37.55 38.19
N PRO A 360 -20.75 38.49 37.24
CA PRO A 360 -21.12 39.88 37.54
C PRO A 360 -22.53 40.00 38.08
N GLU A 361 -22.77 41.10 38.78
CA GLU A 361 -24.09 41.41 39.28
C GLU A 361 -25.08 41.56 38.13
N GLY A 362 -26.33 41.18 38.37
CA GLY A 362 -27.34 41.28 37.36
C GLY A 362 -27.31 40.19 36.31
N TRP A 363 -26.38 39.27 36.39
CA TRP A 363 -26.29 38.18 35.44
C TRP A 363 -26.88 36.90 36.02
N VAL A 364 -26.79 35.84 35.24
CA VAL A 364 -27.20 34.51 35.62
C VAL A 364 -26.46 33.55 34.70
N VAL A 365 -25.94 32.47 35.25
CA VAL A 365 -25.29 31.43 34.46
C VAL A 365 -26.23 30.25 34.34
N VAL A 366 -26.18 29.55 33.21
CA VAL A 366 -26.94 28.34 33.02
C VAL A 366 -26.03 27.29 32.42
N HIS A 367 -25.65 26.31 33.22
CA HIS A 367 -24.88 25.15 32.78
C HIS A 367 -25.83 24.04 32.34
N PHE A 368 -25.68 23.60 31.11
CA PHE A 368 -26.50 22.52 30.59
C PHE A 368 -25.72 21.22 30.66
N TYR A 369 -26.41 20.12 30.94
CA TYR A 369 -25.76 18.82 30.95
C TYR A 369 -26.72 17.77 30.43
N LEU A 370 -26.38 17.14 29.33
CA LEU A 370 -27.18 16.07 28.76
C LEU A 370 -26.63 14.76 29.29
N ASN A 371 -27.31 14.18 30.27
CA ASN A 371 -26.89 12.96 30.93
C ASN A 371 -27.27 11.77 30.06
N LYS A 372 -26.27 11.17 29.43
CA LYS A 372 -26.52 10.11 28.47
C LYS A 372 -26.87 8.81 29.16
N LEU A 373 -26.29 8.57 30.33
CA LEU A 373 -26.55 7.34 31.06
C LEU A 373 -28.01 7.29 31.49
N GLU A 374 -28.46 8.28 32.25
CA GLU A 374 -29.87 8.35 32.58
C GLU A 374 -30.71 8.63 31.34
N GLY A 375 -30.23 9.49 30.46
CA GLY A 375 -31.00 9.89 29.30
C GLY A 375 -31.76 11.18 29.46
N MET A 376 -31.32 12.05 30.35
CA MET A 376 -32.10 13.22 30.73
C MET A 376 -31.22 14.47 30.67
N GLY A 377 -31.79 15.57 30.18
CA GLY A 377 -31.08 16.82 30.22
C GLY A 377 -31.33 17.53 31.55
N ASN A 378 -30.33 18.31 31.96
CA ASN A 378 -30.38 19.05 33.21
C ASN A 378 -29.91 20.46 32.96
N ALA A 379 -30.57 21.43 33.57
CA ALA A 379 -30.14 22.82 33.52
C ALA A 379 -29.88 23.32 34.93
N ILE A 380 -28.65 23.74 35.20
CA ILE A 380 -28.28 24.32 36.48
C ILE A 380 -28.21 25.81 36.27
N VAL A 381 -29.06 26.56 36.95
CA VAL A 381 -29.05 28.01 36.87
C VAL A 381 -28.48 28.56 38.17
N PHE A 382 -27.64 29.58 38.06
CA PHE A 382 -27.06 30.23 39.22
C PHE A 382 -27.29 31.72 39.12
N ASP A 383 -27.81 32.30 40.19
CA ASP A 383 -28.19 33.71 40.24
C ASP A 383 -27.33 34.41 41.28
N LYS A 384 -26.45 35.31 40.82
CA LYS A 384 -25.58 36.00 41.76
C LYS A 384 -26.35 37.01 42.59
N CYS A 385 -27.35 37.68 41.99
CA CYS A 385 -28.13 38.64 42.75
C CYS A 385 -28.91 37.95 43.86
N ALA A 386 -29.62 36.88 43.53
CA ALA A 386 -30.26 36.11 44.59
C ALA A 386 -29.27 35.23 45.32
N ASN A 387 -28.09 35.03 44.75
CA ASN A 387 -27.03 34.22 45.36
C ASN A 387 -27.49 32.78 45.61
N SER A 388 -28.10 32.16 44.61
CA SER A 388 -28.63 30.82 44.81
C SER A 388 -28.59 29.99 43.52
N TRP A 389 -28.54 28.68 43.70
CA TRP A 389 -28.52 27.70 42.63
C TRP A 389 -29.86 26.98 42.54
N GLN A 390 -30.20 26.55 41.32
CA GLN A 390 -31.35 25.70 41.09
C GLN A 390 -31.02 24.77 39.94
N TYR A 391 -31.81 23.73 39.78
CA TYR A 391 -31.66 22.86 38.62
C TYR A 391 -33.02 22.33 38.21
N LYS A 392 -33.18 22.15 36.91
CA LYS A 392 -34.37 21.55 36.34
C LYS A 392 -33.96 20.46 35.38
N GLU A 393 -34.94 19.70 34.90
CA GLU A 393 -34.70 18.60 33.98
C GLU A 393 -35.53 18.77 32.71
N PHE A 394 -35.17 17.99 31.69
CA PHE A 394 -35.95 17.92 30.47
C PHE A 394 -35.56 16.65 29.72
N GLN A 395 -36.34 16.33 28.71
CA GLN A 395 -36.05 15.24 27.79
C GLN A 395 -35.57 15.81 26.48
N TYR A 396 -34.43 15.35 26.00
CA TYR A 396 -33.83 15.97 24.82
C TYR A 396 -33.87 15.06 23.59
N LYS A 397 -34.84 14.17 23.48
CA LYS A 397 -34.87 13.30 22.31
C LYS A 397 -35.56 13.98 21.14
N GLU A 398 -36.79 14.44 21.35
CA GLU A 398 -37.51 15.05 20.24
C GLU A 398 -36.86 16.35 19.83
N LEU A 399 -36.27 17.05 20.79
CA LEU A 399 -35.49 18.22 20.46
C LEU A 399 -34.35 17.85 19.51
N PHE A 400 -33.68 16.74 19.77
CA PHE A 400 -32.59 16.30 18.92
C PHE A 400 -33.08 15.94 17.53
N GLU A 401 -34.25 15.31 17.44
CA GLU A 401 -34.82 14.97 16.13
C GLU A 401 -35.12 16.22 15.31
N VAL A 402 -35.78 17.21 15.92
CA VAL A 402 -36.11 18.43 15.19
C VAL A 402 -34.84 19.20 14.85
N PHE A 403 -33.84 19.15 15.71
CA PHE A 403 -32.56 19.78 15.42
C PHE A 403 -31.90 19.16 14.20
N LEU A 404 -31.86 17.84 14.15
CA LEU A 404 -31.25 17.19 13.00
C LEU A 404 -32.01 17.49 11.73
N THR A 405 -33.34 17.62 11.84
CA THR A 405 -34.12 18.06 10.68
C THR A 405 -33.65 19.42 10.21
N TRP A 406 -33.46 20.35 11.15
CA TRP A 406 -32.99 21.68 10.79
C TRP A 406 -31.64 21.60 10.08
N GLN A 407 -30.72 20.81 10.63
CA GLN A 407 -29.40 20.67 10.03
C GLN A 407 -29.46 20.12 8.62
N ALA A 408 -30.22 19.05 8.43
CA ALA A 408 -30.29 18.43 7.11
C ALA A 408 -30.89 19.37 6.10
N ASN A 409 -32.08 19.91 6.40
CA ASN A 409 -32.72 20.81 5.45
C ASN A 409 -31.87 22.02 5.18
N TYR A 410 -31.03 22.43 6.13
CA TYR A 410 -30.13 23.54 5.88
C TYR A 410 -29.05 23.13 4.90
N ASN A 411 -28.35 22.04 5.19
CA ASN A 411 -27.25 21.61 4.35
C ASN A 411 -27.70 21.31 2.93
N LEU A 412 -28.97 20.98 2.74
CA LEU A 412 -29.48 20.78 1.38
C LEU A 412 -29.93 22.10 0.76
N TYR A 413 -30.87 22.78 1.39
CA TYR A 413 -31.39 24.05 0.90
C TYR A 413 -31.09 25.12 1.93
N LYS A 414 -30.11 25.97 1.66
CA LYS A 414 -29.58 26.87 2.67
C LYS A 414 -30.67 27.76 3.25
N GLU A 415 -31.22 28.67 2.45
CA GLU A 415 -32.13 29.67 2.96
C GLU A 415 -33.58 29.24 2.93
N ASN A 416 -33.92 28.27 2.09
CA ASN A 416 -35.29 27.82 1.99
C ASN A 416 -35.67 26.89 3.11
N ALA A 417 -34.82 26.74 4.11
CA ALA A 417 -35.11 25.92 5.26
C ALA A 417 -35.82 26.70 6.35
N ALA A 418 -35.94 28.02 6.15
CA ALA A 418 -36.24 28.95 7.24
C ALA A 418 -37.36 28.45 8.12
N GLU A 419 -38.37 27.83 7.52
CA GLU A 419 -39.47 27.31 8.29
C GLU A 419 -39.00 26.27 9.30
N HIS A 420 -38.04 25.43 8.90
CA HIS A 420 -37.55 24.41 9.83
C HIS A 420 -36.82 25.04 11.00
N LEU A 421 -36.12 26.15 10.78
CA LEU A 421 -35.50 26.85 11.88
C LEU A 421 -36.54 27.42 12.82
N VAL A 422 -37.64 27.97 12.28
CA VAL A 422 -38.72 28.43 13.15
C VAL A 422 -39.28 27.27 13.96
N THR A 423 -39.47 26.11 13.32
CA THR A 423 -40.01 24.97 14.05
C THR A 423 -39.07 24.49 15.15
N LEU A 424 -37.76 24.47 14.86
CA LEU A 424 -36.79 24.12 15.89
C LEU A 424 -36.81 25.13 17.03
N CYS A 425 -36.94 26.40 16.72
CA CYS A 425 -36.90 27.42 17.76
C CYS A 425 -38.10 27.29 18.68
N LYS A 426 -39.26 26.98 18.10
CA LYS A 426 -40.43 26.74 18.92
C LYS A 426 -40.27 25.46 19.73
N LYS A 427 -39.62 24.45 19.16
CA LYS A 427 -39.40 23.21 19.90
C LYS A 427 -38.49 23.42 21.10
N ILE A 428 -37.44 24.24 20.95
CA ILE A 428 -36.61 24.59 22.10
C ILE A 428 -37.44 25.32 23.14
N GLY A 429 -38.27 26.25 22.69
CA GLY A 429 -39.10 26.96 23.65
C GLY A 429 -40.04 26.05 24.42
N GLU A 430 -40.56 25.01 23.75
CA GLU A 430 -41.45 24.08 24.44
C GLU A 430 -40.69 23.14 25.35
N THR A 431 -39.58 22.59 24.86
CA THR A 431 -38.85 21.55 25.60
C THR A 431 -38.34 22.05 26.93
N MET A 432 -37.84 23.28 26.96
CA MET A 432 -37.27 23.87 28.17
C MET A 432 -38.10 25.09 28.54
N PRO A 433 -39.34 24.88 28.99
CA PRO A 433 -40.20 26.04 29.28
C PRO A 433 -39.61 26.98 30.31
N PHE A 434 -38.71 26.50 31.16
CA PHE A 434 -38.16 27.34 32.21
C PHE A 434 -37.44 28.56 31.65
N LEU A 435 -37.04 28.54 30.38
CA LEU A 435 -36.38 29.72 29.83
C LEU A 435 -37.29 30.93 29.85
N PHE A 436 -38.60 30.74 29.93
CA PHE A 436 -39.52 31.85 29.98
C PHE A 436 -40.26 31.93 31.31
N CYS A 437 -39.68 31.39 32.38
CA CYS A 437 -40.32 31.42 33.69
C CYS A 437 -39.47 32.27 34.63
N ASP A 438 -40.14 33.19 35.33
CA ASP A 438 -39.44 34.23 36.08
C ASP A 438 -38.57 33.63 37.19
N ASN A 439 -39.08 32.63 37.89
CA ASN A 439 -38.33 32.09 39.03
C ASN A 439 -37.07 31.36 38.58
N PHE A 440 -37.08 30.77 37.39
CA PHE A 440 -35.86 30.18 36.86
C PHE A 440 -34.91 31.26 36.38
N ILE A 441 -35.33 32.02 35.38
CA ILE A 441 -34.59 33.17 34.88
C ILE A 441 -35.35 34.42 35.27
N PRO A 442 -34.78 35.32 36.06
CA PRO A 442 -35.52 36.54 36.42
C PRO A 442 -35.62 37.48 35.23
N ASN A 443 -36.78 38.11 35.09
CA ASN A 443 -36.98 39.02 33.97
C ASN A 443 -36.03 40.20 34.08
N GLY A 444 -35.31 40.49 33.01
CA GLY A 444 -34.38 41.59 32.98
C GLY A 444 -32.93 41.22 33.18
N LYS A 445 -32.63 40.16 33.91
CA LYS A 445 -31.25 39.75 34.11
C LYS A 445 -30.73 39.06 32.87
N ASP A 446 -29.47 39.30 32.56
CA ASP A 446 -28.88 38.75 31.35
C ASP A 446 -28.25 37.38 31.61
N VAL A 447 -28.30 36.53 30.60
CA VAL A 447 -27.99 35.11 30.76
C VAL A 447 -26.67 34.79 30.08
N LEU A 448 -25.92 33.89 30.68
CA LEU A 448 -24.75 33.28 30.04
C LEU A 448 -25.01 31.79 29.90
N PHE A 449 -25.03 31.30 28.66
CA PHE A 449 -25.29 29.90 28.39
C PHE A 449 -23.97 29.16 28.27
N VAL A 450 -23.79 28.10 29.05
CA VAL A 450 -22.64 27.21 28.91
C VAL A 450 -23.18 25.84 28.54
N PRO A 451 -23.50 25.60 27.29
CA PRO A 451 -24.28 24.41 26.93
C PRO A 451 -23.47 23.14 26.91
N HIS A 452 -24.11 22.03 26.59
CA HIS A 452 -23.47 20.73 26.49
C HIS A 452 -23.61 20.24 25.06
N ASP A 453 -23.30 18.97 24.84
CA ASP A 453 -22.82 18.47 23.55
C ASP A 453 -23.53 19.07 22.35
N PHE A 454 -24.84 18.89 22.21
CA PHE A 454 -25.48 19.37 21.01
C PHE A 454 -26.26 20.64 21.22
N LEU A 455 -26.47 21.05 22.47
CA LEU A 455 -27.10 22.33 22.70
C LEU A 455 -26.20 23.47 22.28
N HIS A 456 -24.91 23.22 22.09
CA HIS A 456 -24.02 24.21 21.51
C HIS A 456 -24.52 24.67 20.15
N ARG A 457 -25.02 23.74 19.36
CA ARG A 457 -25.36 24.03 17.98
C ARG A 457 -26.69 24.73 17.85
N LEU A 458 -27.48 24.76 18.92
CA LEU A 458 -28.80 25.35 18.85
C LEU A 458 -28.71 26.87 18.87
N PRO A 459 -29.69 27.54 18.30
CA PRO A 459 -29.80 29.00 18.46
C PRO A 459 -30.61 29.37 19.70
N LEU A 460 -30.04 29.13 20.88
CA LEU A 460 -30.80 29.29 22.11
C LEU A 460 -31.31 30.71 22.26
N HIS A 461 -30.54 31.69 21.79
CA HIS A 461 -30.97 33.07 21.89
C HIS A 461 -32.22 33.34 21.08
N GLY A 462 -32.64 32.39 20.26
CA GLY A 462 -33.84 32.55 19.48
C GLY A 462 -34.94 31.62 19.93
N SER A 463 -34.99 31.28 21.21
CA SER A 463 -36.03 30.40 21.71
C SER A 463 -37.37 31.12 21.70
N ILE A 464 -38.41 30.43 21.24
CA ILE A 464 -39.75 31.00 21.11
C ILE A 464 -40.66 30.38 22.15
N GLU A 465 -41.31 31.22 22.95
CA GLU A 465 -42.07 30.75 24.11
C GLU A 465 -43.29 29.97 23.67
N ASN A 466 -43.58 28.88 24.38
CA ASN A 466 -44.71 28.06 24.01
C ASN A 466 -46.02 28.73 24.36
N LYS A 467 -46.38 29.75 23.60
CA LYS A 467 -47.61 30.50 23.79
C LYS A 467 -47.97 31.15 22.47
N THR A 468 -49.18 31.68 22.40
CA THR A 468 -49.69 32.17 21.12
C THR A 468 -48.77 33.22 20.53
N ASN A 469 -48.48 34.28 21.27
CA ASN A 469 -47.46 35.26 20.89
C ASN A 469 -46.33 35.11 21.89
N GLY A 470 -45.44 34.16 21.63
CA GLY A 470 -44.34 33.88 22.54
C GLY A 470 -43.11 34.64 22.12
N LYS A 471 -42.74 35.66 22.88
CA LYS A 471 -41.65 36.52 22.48
C LYS A 471 -40.34 35.77 22.50
N LEU A 472 -39.48 36.10 21.55
CA LEU A 472 -38.18 35.49 21.48
C LEU A 472 -37.42 35.71 22.79
N PHE A 473 -36.59 34.74 23.14
CA PHE A 473 -35.83 34.84 24.36
C PHE A 473 -34.89 36.04 24.33
N LEU A 474 -34.50 36.47 23.13
CA LEU A 474 -33.49 37.51 23.03
C LEU A 474 -34.04 38.87 23.39
N GLU A 475 -35.35 39.02 23.46
CA GLU A 475 -35.93 40.30 23.84
C GLU A 475 -36.00 40.47 25.35
N ASN A 476 -36.29 39.40 26.10
CA ASN A 476 -36.34 39.54 27.54
C ASN A 476 -34.96 39.73 28.11
N HIS A 477 -34.00 38.91 27.67
CA HIS A 477 -32.67 38.89 28.25
C HIS A 477 -31.61 38.99 27.17
N SER A 478 -30.40 39.33 27.59
CA SER A 478 -29.26 39.44 26.69
C SER A 478 -28.32 38.27 26.92
N CYS A 479 -28.14 37.45 25.89
CA CYS A 479 -27.42 36.20 26.03
C CYS A 479 -25.97 36.36 25.65
N CYS A 480 -25.10 35.66 26.38
CA CYS A 480 -23.76 35.35 25.94
C CYS A 480 -23.62 33.83 25.84
N TYR A 481 -22.58 33.37 25.16
CA TYR A 481 -22.30 31.94 25.10
C TYR A 481 -20.85 31.66 25.42
N LEU A 482 -20.60 30.44 25.87
CA LEU A 482 -19.29 29.94 26.28
C LEU A 482 -19.27 28.42 26.22
N PRO A 483 -18.35 27.81 25.49
CA PRO A 483 -18.36 26.35 25.39
C PRO A 483 -18.02 25.66 26.70
N ALA A 484 -17.38 26.34 27.63
CA ALA A 484 -16.95 25.75 28.89
C ALA A 484 -16.73 26.88 29.88
N TRP A 485 -17.12 26.64 31.14
CA TRP A 485 -16.90 27.69 32.13
C TRP A 485 -15.43 27.97 32.31
N SER A 486 -14.59 26.98 32.08
CA SER A 486 -13.16 27.18 32.17
C SER A 486 -12.64 28.13 31.12
N PHE A 487 -13.49 28.60 30.21
CA PHE A 487 -13.06 29.61 29.26
C PHE A 487 -13.01 30.99 29.91
N ALA A 488 -14.10 31.37 30.56
CA ALA A 488 -14.20 32.70 31.16
C ALA A 488 -13.03 32.99 32.09
N SER A 489 -12.63 34.26 32.15
CA SER A 489 -11.49 34.65 32.95
C SER A 489 -11.62 36.11 33.38
N GLU A 490 -10.99 36.43 34.50
CA GLU A 490 -10.98 37.77 35.09
C GLU A 490 -10.00 38.71 34.40
N LYS A 491 -9.51 38.33 33.23
CA LYS A 491 -8.39 38.96 32.56
C LYS A 491 -8.83 40.04 31.59
N GLU A 492 -9.83 40.84 31.98
CA GLU A 492 -10.36 41.90 31.14
C GLU A 492 -9.24 42.69 30.47
N ALA A 493 -8.47 43.45 31.26
CA ALA A 493 -7.22 44.09 30.84
C ALA A 493 -7.27 44.63 29.40
N SER A 494 -8.35 45.32 29.05
CA SER A 494 -8.45 45.92 27.73
C SER A 494 -7.65 47.22 27.70
N THR A 495 -6.84 47.39 26.66
CA THR A 495 -5.83 48.45 26.67
C THR A 495 -6.04 49.51 25.58
N SER A 496 -5.99 49.12 24.31
CA SER A 496 -5.83 50.13 23.28
C SER A 496 -7.18 50.70 22.82
N ASP A 497 -7.09 51.60 21.85
CA ASP A 497 -8.24 52.28 21.31
C ASP A 497 -8.31 52.20 19.79
N GLU A 498 -7.29 51.64 19.15
CA GLU A 498 -7.31 51.50 17.70
C GLU A 498 -8.39 50.51 17.30
N TYR A 499 -9.07 50.80 16.19
CA TYR A 499 -10.03 49.90 15.58
C TYR A 499 -9.43 49.41 14.26
N VAL A 500 -9.34 48.10 14.11
CA VAL A 500 -8.66 47.50 12.98
C VAL A 500 -9.67 46.77 12.13
N LEU A 501 -9.69 47.05 10.84
CA LEU A 501 -10.62 46.43 9.90
C LEU A 501 -9.82 45.64 8.87
N LEU A 502 -10.31 44.45 8.53
CA LEU A 502 -9.70 43.62 7.51
C LEU A 502 -10.78 43.16 6.56
N LYS A 503 -10.65 43.52 5.29
CA LYS A 503 -11.69 43.22 4.33
C LYS A 503 -11.09 42.43 3.18
N ASN A 504 -11.63 41.24 2.92
CA ASN A 504 -11.37 40.52 1.68
C ASN A 504 -12.73 40.05 1.20
N PHE A 505 -13.46 40.93 0.53
CA PHE A 505 -14.81 40.57 0.14
C PHE A 505 -15.02 41.00 -1.30
N ASP A 506 -16.18 40.61 -1.84
CA ASP A 506 -16.56 41.03 -3.17
C ASP A 506 -16.92 42.51 -3.17
N GLN A 507 -16.61 43.20 -4.26
CA GLN A 507 -16.80 44.64 -4.31
C GLN A 507 -18.27 44.98 -4.53
N GLY A 508 -18.60 46.26 -4.36
CA GLY A 508 -19.96 46.73 -4.43
C GLY A 508 -20.75 46.64 -3.14
N HIS A 509 -20.32 45.82 -2.18
CA HIS A 509 -20.95 45.77 -0.88
C HIS A 509 -20.10 46.56 0.10
N PHE A 510 -20.68 46.90 1.24
CA PHE A 510 -19.96 47.47 2.38
C PHE A 510 -19.22 48.75 2.01
N GLU A 511 -19.66 49.37 0.91
CA GLU A 511 -18.92 50.48 0.31
C GLU A 511 -18.69 51.62 1.31
N THR A 512 -19.75 52.08 1.98
CA THR A 512 -19.62 53.19 2.89
C THR A 512 -18.98 52.78 4.20
N LEU A 513 -19.01 51.48 4.51
CA LEU A 513 -18.31 50.97 5.68
C LEU A 513 -16.83 51.28 5.60
N GLN A 514 -16.21 50.98 4.44
CA GLN A 514 -14.80 51.34 4.25
C GLN A 514 -14.56 52.80 4.57
N ASN A 515 -15.39 53.69 4.02
CA ASN A 515 -15.19 55.11 4.12
C ASN A 515 -15.77 55.69 5.40
N ASN A 516 -15.96 54.86 6.42
CA ASN A 516 -16.41 55.33 7.71
C ASN A 516 -15.30 56.09 8.44
N GLN A 517 -14.06 55.99 7.97
CA GLN A 517 -12.96 56.83 8.42
C GLN A 517 -12.45 56.47 9.82
N ILE A 518 -13.13 55.56 10.52
CA ILE A 518 -12.76 55.24 11.90
C ILE A 518 -11.56 54.29 12.00
N TRP A 519 -11.34 53.45 10.99
CA TRP A 519 -10.36 52.38 11.11
C TRP A 519 -8.95 52.93 11.32
N GLY A 520 -8.26 52.37 12.30
CA GLY A 520 -6.90 52.78 12.59
C GLY A 520 -5.94 52.39 11.51
N THR A 521 -4.65 52.44 11.86
CA THR A 521 -3.62 52.29 10.84
C THR A 521 -3.65 50.90 10.22
N GLN A 522 -3.50 49.86 11.05
CA GLN A 522 -3.23 48.51 10.57
C GLN A 522 -4.33 47.97 9.68
N SER A 523 -5.42 48.68 9.51
CA SER A 523 -6.52 48.19 8.71
C SER A 523 -6.09 48.05 7.25
N VAL A 524 -6.23 46.84 6.72
CA VAL A 524 -6.03 46.54 5.32
C VAL A 524 -7.40 46.58 4.69
N LYS A 525 -7.81 47.76 4.21
CA LYS A 525 -9.23 47.97 3.93
C LYS A 525 -9.70 47.22 2.70
N ASP A 526 -8.81 46.52 2.01
CA ASP A 526 -9.21 45.80 0.81
C ASP A 526 -8.11 44.83 0.41
N GLY A 527 -8.51 43.64 -0.02
CA GLY A 527 -7.55 42.63 -0.38
C GLY A 527 -6.77 42.13 0.82
N ALA A 528 -7.43 41.42 1.72
CA ALA A 528 -6.78 40.97 2.95
C ALA A 528 -5.98 39.71 2.71
N SER A 529 -5.13 39.37 3.68
CA SER A 529 -4.33 38.17 3.61
C SER A 529 -4.07 37.64 5.01
N SER A 530 -3.79 36.34 5.07
CA SER A 530 -3.49 35.70 6.35
C SER A 530 -2.34 36.38 7.06
N ASP A 531 -1.35 36.86 6.30
CA ASP A 531 -0.26 37.57 6.94
C ASP A 531 -0.74 38.90 7.51
N ASP A 532 -1.75 39.51 6.91
CA ASP A 532 -2.32 40.72 7.50
C ASP A 532 -2.92 40.41 8.87
N LEU A 533 -3.68 39.32 8.98
CA LEU A 533 -4.32 38.97 10.25
C LEU A 533 -3.28 38.56 11.28
N GLU A 534 -2.21 37.88 10.83
CA GLU A 534 -1.13 37.58 11.75
C GLU A 534 -0.40 38.85 12.18
N ASN A 535 -0.46 39.90 11.37
CA ASN A 535 0.32 41.11 11.57
C ASN A 535 -0.24 42.03 12.65
N ILE A 536 -1.46 41.79 13.14
CA ILE A 536 -2.05 42.69 14.12
C ILE A 536 -1.20 42.66 15.38
N ARG A 537 -1.03 43.81 16.00
CA ARG A 537 -0.34 43.90 17.28
C ARG A 537 -0.99 44.94 18.16
N ASN A 538 -0.71 44.81 19.45
CA ASN A 538 -1.12 45.79 20.46
C ASN A 538 -2.62 45.81 20.67
N ASN A 539 -3.24 44.64 20.57
CA ASN A 539 -4.56 44.38 21.10
C ASN A 539 -5.56 45.47 20.77
N PRO A 540 -5.87 45.66 19.49
CA PRO A 540 -6.83 46.70 19.14
C PRO A 540 -8.17 46.46 19.81
N ARG A 541 -8.85 47.55 20.13
CA ARG A 541 -10.11 47.45 20.87
C ARG A 541 -11.13 46.62 20.10
N LEU A 542 -11.25 46.85 18.80
CA LEU A 542 -12.26 46.17 17.99
C LEU A 542 -11.65 45.82 16.64
N LEU A 543 -11.73 44.55 16.27
CA LEU A 543 -11.25 44.07 14.98
C LEU A 543 -12.42 43.46 14.23
N THR A 544 -12.59 43.84 12.98
CA THR A 544 -13.74 43.43 12.19
C THR A 544 -13.26 42.77 10.91
N ILE A 545 -13.42 41.46 10.82
CA ILE A 545 -13.02 40.72 9.64
C ILE A 545 -14.26 40.54 8.77
N LEU A 546 -14.20 41.07 7.55
CA LEU A 546 -15.27 40.94 6.59
C LEU A 546 -14.81 39.97 5.51
N CYS A 547 -15.50 38.84 5.40
CA CYS A 547 -15.18 37.87 4.38
C CYS A 547 -16.34 36.92 4.24
N HIS A 548 -16.11 35.84 3.49
CA HIS A 548 -17.10 34.82 3.24
C HIS A 548 -16.51 33.47 3.62
N GLY A 549 -17.01 32.89 4.70
CA GLY A 549 -16.48 31.64 5.23
C GLY A 549 -17.46 30.51 5.01
N GLU A 550 -16.94 29.28 5.05
CA GLU A 550 -17.76 28.07 5.07
C GLU A 550 -17.31 27.18 6.23
N ALA A 551 -17.79 25.95 6.24
CA ALA A 551 -17.40 25.04 7.31
C ALA A 551 -17.35 23.63 6.77
N ASN A 552 -16.22 22.95 6.95
CA ASN A 552 -16.09 21.57 6.50
C ASN A 552 -16.67 20.66 7.57
N MET A 553 -17.83 20.09 7.29
CA MET A 553 -18.47 19.17 8.19
C MET A 553 -17.55 18.01 8.55
N SER A 554 -16.63 17.68 7.64
CA SER A 554 -15.84 16.47 7.81
C SER A 554 -14.80 16.63 8.90
N ASN A 555 -13.97 17.66 8.79
CA ASN A 555 -12.84 17.88 9.68
C ASN A 555 -12.82 19.35 10.03
N PRO A 556 -13.50 19.73 11.10
CA PRO A 556 -13.55 21.15 11.44
C PRO A 556 -12.23 21.67 11.96
N PHE A 557 -11.32 20.77 12.33
CA PHE A 557 -10.17 21.24 13.09
C PHE A 557 -9.39 22.19 12.22
N ARG A 558 -8.73 21.66 11.21
CA ARG A 558 -8.21 22.51 10.15
C ARG A 558 -9.35 22.76 9.18
N SER A 559 -10.21 23.68 9.59
CA SER A 559 -11.35 23.99 8.73
C SER A 559 -10.79 24.73 7.54
N MET A 560 -10.60 24.04 6.42
CA MET A 560 -9.89 24.58 5.26
C MET A 560 -10.81 25.53 4.51
N LEU A 561 -11.77 26.09 5.24
CA LEU A 561 -13.04 26.55 4.72
C LEU A 561 -12.94 27.63 3.65
N LYS A 562 -12.80 28.87 4.08
CA LYS A 562 -12.31 30.03 3.36
C LYS A 562 -12.35 31.18 4.36
N LEU A 563 -11.29 31.95 4.50
CA LEU A 563 -11.41 33.27 5.08
C LEU A 563 -10.87 34.35 4.15
N ALA A 564 -9.62 34.24 3.70
CA ALA A 564 -8.95 35.37 3.07
C ALA A 564 -7.67 34.92 2.38
N ASN A 565 -7.47 35.37 1.15
CA ASN A 565 -6.24 35.17 0.37
C ASN A 565 -5.81 33.69 0.33
N GLY A 566 -6.81 32.82 0.33
CA GLY A 566 -6.57 31.43 0.59
C GLY A 566 -6.98 30.97 1.97
N GLY A 567 -7.65 31.84 2.72
CA GLY A 567 -8.13 31.49 4.03
C GLY A 567 -7.03 31.40 5.07
N ILE A 568 -7.44 31.56 6.32
CA ILE A 568 -6.67 31.11 7.47
C ILE A 568 -7.59 30.19 8.27
N THR A 569 -7.18 28.96 8.45
CA THR A 569 -8.00 27.93 9.06
C THR A 569 -7.97 28.07 10.57
N TYR A 570 -8.92 27.39 11.23
CA TYR A 570 -8.91 27.28 12.69
C TYR A 570 -7.51 26.96 13.19
N LEU A 571 -6.88 25.96 12.59
CA LEU A 571 -5.57 25.49 13.02
C LEU A 571 -4.55 26.60 13.06
N GLU A 572 -4.41 27.33 11.96
CA GLU A 572 -3.38 28.35 11.92
C GLU A 572 -3.77 29.61 12.67
N ILE A 573 -5.07 29.85 12.88
CA ILE A 573 -5.44 30.86 13.86
C ILE A 573 -4.83 30.52 15.18
N LEU A 574 -5.02 29.28 15.64
CA LEU A 574 -4.42 28.85 16.89
C LEU A 574 -2.92 29.07 16.87
N ASN A 575 -2.26 28.71 15.78
CA ASN A 575 -0.81 28.71 15.80
C ASN A 575 -0.22 30.11 15.71
N SER A 576 -0.74 30.97 14.83
CA SER A 576 -0.01 32.14 14.39
C SER A 576 -0.45 33.45 15.03
N VAL A 577 -1.75 33.69 15.16
CA VAL A 577 -2.23 35.00 15.59
C VAL A 577 -1.92 35.24 17.05
N LYS A 578 -1.18 36.31 17.34
CA LYS A 578 -0.75 36.62 18.70
C LYS A 578 -0.87 38.10 19.04
N GLY A 579 -1.72 38.84 18.35
CA GLY A 579 -1.79 40.25 18.63
C GLY A 579 -3.18 40.69 19.05
N LEU A 580 -4.06 39.71 19.21
CA LEU A 580 -5.48 39.97 19.43
C LEU A 580 -5.89 39.77 20.87
N LYS A 581 -5.05 40.14 21.82
CA LYS A 581 -5.43 40.06 23.22
C LYS A 581 -6.59 41.01 23.51
N GLY A 582 -7.44 40.63 24.45
CA GLY A 582 -8.52 41.49 24.93
C GLY A 582 -9.26 42.29 23.88
N SER A 583 -9.47 41.71 22.71
CA SER A 583 -10.06 42.41 21.59
C SER A 583 -11.46 41.90 21.34
N GLN A 584 -12.36 42.81 20.99
CA GLN A 584 -13.69 42.44 20.56
C GLN A 584 -13.69 42.26 19.05
N VAL A 585 -13.64 41.01 18.61
CA VAL A 585 -13.63 40.69 17.20
C VAL A 585 -15.06 40.65 16.71
N ILE A 586 -15.27 41.03 15.47
CA ILE A 586 -16.55 40.87 14.81
C ILE A 586 -16.29 40.02 13.56
N LEU A 587 -16.81 38.79 13.56
CA LEU A 587 -16.65 37.94 12.38
C LEU A 587 -17.82 38.21 11.45
N GLY A 588 -17.68 39.26 10.65
CA GLY A 588 -18.65 39.53 9.62
C GLY A 588 -18.48 38.58 8.45
N ALA A 589 -18.48 37.29 8.73
CA ALA A 589 -18.28 36.30 7.70
C ALA A 589 -19.39 35.26 7.80
N CYS A 590 -19.55 34.46 6.75
CA CYS A 590 -20.55 33.41 6.81
C CYS A 590 -19.98 32.34 7.72
N GLU A 591 -20.68 31.21 7.85
CA GLU A 591 -20.69 30.39 9.07
C GLU A 591 -19.31 30.28 9.73
N THR A 592 -19.20 30.87 10.91
CA THR A 592 -18.00 30.82 11.73
C THR A 592 -18.25 30.27 13.13
N ASP A 593 -19.50 30.08 13.50
CA ASP A 593 -19.84 29.31 14.70
C ASP A 593 -20.58 28.03 14.35
N LEU A 594 -20.56 27.63 13.09
CA LEU A 594 -21.11 26.36 12.70
C LEU A 594 -20.06 25.28 12.90
N VAL A 595 -20.38 24.29 13.72
CA VAL A 595 -19.48 23.16 13.96
C VAL A 595 -20.15 21.92 13.40
N PRO A 596 -19.41 20.82 13.25
CA PRO A 596 -20.01 19.60 12.75
C PRO A 596 -21.20 19.21 13.59
N PRO A 597 -22.24 18.68 12.98
CA PRO A 597 -23.53 18.63 13.67
C PRO A 597 -23.59 17.56 14.74
N LEU A 598 -22.89 16.45 14.57
CA LEU A 598 -23.19 15.32 15.42
C LEU A 598 -22.53 15.36 16.79
N SER A 599 -21.21 15.20 16.84
CA SER A 599 -20.60 14.90 18.12
C SER A 599 -19.10 14.73 18.00
N ASP A 600 -18.47 14.40 19.11
CA ASP A 600 -17.12 13.87 19.08
C ASP A 600 -17.03 12.81 20.16
N VAL A 601 -15.85 12.25 20.34
CA VAL A 601 -15.65 11.35 21.47
C VAL A 601 -15.80 12.12 22.78
N MET A 602 -15.46 13.41 22.75
CA MET A 602 -15.59 14.29 23.89
C MET A 602 -16.34 15.54 23.48
N ASP A 603 -17.07 16.12 24.42
CA ASP A 603 -17.77 17.35 24.15
C ASP A 603 -16.78 18.42 23.71
N GLU A 604 -17.03 19.03 22.55
CA GLU A 604 -16.13 20.03 22.02
C GLU A 604 -16.90 21.03 21.19
N HIS A 605 -16.25 22.15 20.90
CA HIS A 605 -16.76 23.15 19.97
C HIS A 605 -15.60 23.60 19.11
N TYR A 606 -15.75 23.46 17.79
CA TYR A 606 -14.63 23.67 16.88
C TYR A 606 -14.95 24.68 15.79
N SER A 607 -15.40 25.86 16.18
CA SER A 607 -15.65 26.94 15.25
C SER A 607 -14.52 27.95 15.31
N VAL A 608 -14.38 28.74 14.25
CA VAL A 608 -13.27 29.67 14.22
C VAL A 608 -13.44 30.76 15.27
N ALA A 609 -14.69 31.01 15.67
CA ALA A 609 -14.93 31.93 16.77
C ALA A 609 -14.31 31.41 18.06
N THR A 610 -14.49 30.13 18.34
CA THR A 610 -13.90 29.58 19.55
C THR A 610 -12.38 29.58 19.46
N ALA A 611 -11.82 29.49 18.26
CA ALA A 611 -10.38 29.61 18.14
C ALA A 611 -9.91 31.02 18.46
N LEU A 612 -10.62 32.02 17.92
CA LEU A 612 -10.33 33.40 18.31
C LEU A 612 -10.44 33.57 19.82
N LEU A 613 -11.37 32.86 20.44
CA LEU A 613 -11.49 32.88 21.88
C LEU A 613 -10.27 32.24 22.54
N LEU A 614 -9.83 31.11 22.00
CA LEU A 614 -8.69 30.39 22.56
C LEU A 614 -7.45 31.26 22.55
N ILE A 615 -7.28 32.08 21.52
CA ILE A 615 -6.06 32.88 21.44
C ILE A 615 -6.09 34.14 22.29
N GLY A 616 -7.23 34.50 22.87
CA GLY A 616 -7.21 35.57 23.84
C GLY A 616 -8.18 36.71 23.59
N ALA A 617 -9.01 36.60 22.56
CA ALA A 617 -9.98 37.64 22.27
C ALA A 617 -11.01 37.75 23.37
N ALA A 618 -11.32 38.99 23.77
CA ALA A 618 -12.25 39.20 24.88
C ALA A 618 -13.65 38.78 24.51
N GLY A 619 -13.97 38.75 23.22
CA GLY A 619 -15.30 38.34 22.80
C GLY A 619 -15.51 38.50 21.31
N VAL A 620 -16.17 37.53 20.70
CA VAL A 620 -16.37 37.48 19.27
C VAL A 620 -17.86 37.58 18.99
N VAL A 621 -18.22 38.08 17.82
CA VAL A 621 -19.59 38.02 17.34
C VAL A 621 -19.58 37.20 16.06
N GLY A 622 -19.91 35.91 16.20
CA GLY A 622 -19.85 35.01 15.07
C GLY A 622 -21.22 34.55 14.62
N THR A 623 -21.31 34.11 13.37
CA THR A 623 -22.56 33.71 12.76
C THR A 623 -22.70 32.19 12.81
N MET A 624 -23.94 31.74 12.72
CA MET A 624 -24.21 30.31 12.86
C MET A 624 -24.69 29.70 11.55
N TRP A 625 -24.96 30.51 10.53
CA TRP A 625 -25.20 30.01 9.18
C TRP A 625 -24.89 31.14 8.21
N LYS A 626 -25.35 30.99 6.97
CA LYS A 626 -25.12 32.03 5.96
C LYS A 626 -25.84 33.31 6.34
N VAL A 627 -25.39 34.40 5.75
CA VAL A 627 -25.95 35.73 6.00
C VAL A 627 -25.88 36.52 4.70
N ARG A 628 -26.86 37.39 4.49
CA ARG A 628 -26.75 38.35 3.41
C ARG A 628 -26.05 39.60 3.92
N SER A 629 -25.34 40.29 3.01
CA SER A 629 -24.34 41.24 3.45
C SER A 629 -24.96 42.49 4.07
N ASN A 630 -26.19 42.83 3.70
CA ASN A 630 -26.81 44.01 4.28
C ASN A 630 -26.96 43.86 5.78
N LYS A 631 -27.24 42.64 6.25
CA LYS A 631 -27.34 42.41 7.69
C LYS A 631 -26.01 42.62 8.37
N THR A 632 -24.94 42.02 7.84
CA THR A 632 -23.62 42.22 8.42
C THR A 632 -23.25 43.69 8.44
N LYS A 633 -23.57 44.40 7.36
CA LYS A 633 -23.28 45.82 7.25
C LYS A 633 -24.00 46.60 8.35
N SER A 634 -25.29 46.31 8.54
CA SER A 634 -26.03 46.95 9.61
C SER A 634 -25.40 46.64 10.95
N LEU A 635 -24.88 45.42 11.12
CA LEU A 635 -24.28 45.08 12.40
C LEU A 635 -23.04 45.91 12.66
N ILE A 636 -22.19 46.05 11.66
CA ILE A 636 -20.95 46.80 11.90
C ILE A 636 -21.26 48.26 12.17
N GLU A 637 -22.21 48.84 11.43
CA GLU A 637 -22.58 50.23 11.68
C GLU A 637 -23.19 50.40 13.05
N TRP A 638 -24.07 49.49 13.45
CA TRP A 638 -24.69 49.56 14.77
C TRP A 638 -23.64 49.44 15.87
N LYS A 639 -22.69 48.53 15.69
CA LYS A 639 -21.61 48.38 16.66
C LYS A 639 -20.75 49.64 16.71
N LEU A 640 -20.65 50.34 15.58
CA LEU A 640 -19.80 51.52 15.55
C LEU A 640 -20.43 52.69 16.29
N GLU A 641 -21.71 52.97 16.01
CA GLU A 641 -22.34 54.13 16.63
C GLU A 641 -22.20 54.12 18.15
N ASN A 642 -22.19 52.93 18.75
CA ASN A 642 -21.93 52.82 20.18
C ASN A 642 -21.39 51.44 20.49
N ILE A 643 -20.15 51.39 20.98
CA ILE A 643 -19.47 50.12 21.16
C ILE A 643 -20.01 49.33 22.34
N GLU A 644 -20.50 50.00 23.39
CA GLU A 644 -20.85 49.31 24.62
C GLU A 644 -22.08 48.41 24.45
N TYR A 645 -22.90 48.67 23.45
CA TYR A 645 -24.24 48.09 23.41
C TYR A 645 -24.20 46.57 23.25
N LYS A 646 -25.27 45.91 23.71
CA LYS A 646 -25.41 44.48 23.56
C LYS A 646 -26.08 44.15 22.23
N LEU A 647 -25.86 42.93 21.77
CA LEU A 647 -26.26 42.56 20.41
C LEU A 647 -27.77 42.32 20.31
N ASN A 648 -28.43 42.02 21.41
CA ASN A 648 -29.86 41.69 21.33
C ASN A 648 -30.69 42.91 20.99
N GLU A 649 -30.28 44.11 21.42
CA GLU A 649 -30.96 45.32 20.98
C GLU A 649 -31.02 45.39 19.46
N TRP A 650 -29.86 45.24 18.81
CA TRP A 650 -29.83 45.21 17.35
C TRP A 650 -30.75 44.12 16.81
N GLN A 651 -30.59 42.89 17.27
CA GLN A 651 -31.39 41.80 16.71
C GLN A 651 -32.87 41.97 16.97
N LYS A 652 -33.25 42.84 17.90
CA LYS A 652 -34.66 42.99 18.22
C LYS A 652 -35.31 44.11 17.41
N GLU A 653 -34.59 45.22 17.23
CA GLU A 653 -35.17 46.32 16.48
C GLU A 653 -35.23 46.05 14.98
N THR A 654 -34.62 44.97 14.49
CA THR A 654 -34.59 44.68 13.07
C THR A 654 -35.34 43.41 12.72
N GLY A 655 -36.55 43.24 13.24
CA GLY A 655 -37.40 42.18 12.78
C GLY A 655 -37.00 40.79 13.19
N GLY A 656 -36.32 40.64 14.33
CA GLY A 656 -36.19 39.32 14.90
C GLY A 656 -37.52 38.76 15.36
N ALA A 657 -38.28 39.55 16.13
CA ALA A 657 -39.51 39.08 16.72
C ALA A 657 -40.46 38.48 15.70
N ALA A 658 -40.36 38.91 14.44
CA ALA A 658 -41.31 38.49 13.41
C ALA A 658 -40.83 37.18 12.78
N TYR A 659 -40.94 36.12 13.56
CA TYR A 659 -40.89 34.78 12.98
C TYR A 659 -42.24 34.41 12.40
N LYS A 660 -43.30 35.04 12.91
CA LYS A 660 -44.65 34.74 12.45
C LYS A 660 -44.89 35.32 11.06
N ASP A 661 -44.53 36.59 10.88
CA ASP A 661 -44.81 37.29 9.64
C ASP A 661 -44.08 36.65 8.47
N HIS A 662 -42.78 36.44 8.61
CA HIS A 662 -41.92 36.13 7.47
C HIS A 662 -40.69 35.38 8.00
N PRO A 663 -40.62 34.07 7.80
CA PRO A 663 -39.51 33.29 8.34
C PRO A 663 -38.14 33.78 7.89
N PRO A 664 -37.92 34.09 6.60
CA PRO A 664 -36.54 34.38 6.17
C PRO A 664 -35.87 35.54 6.89
N THR A 665 -36.62 36.56 7.32
CA THR A 665 -35.99 37.64 8.07
C THR A 665 -35.53 37.16 9.44
N PHE A 666 -36.36 36.35 10.08
CA PHE A 666 -35.96 35.66 11.30
C PHE A 666 -34.70 34.84 11.08
N TYR A 667 -34.66 34.11 9.97
CA TYR A 667 -33.55 33.20 9.69
C TYR A 667 -32.28 33.98 9.39
N ARG A 668 -32.43 35.18 8.86
CA ARG A 668 -31.28 36.02 8.57
C ARG A 668 -30.79 36.73 9.81
N SER A 669 -31.69 37.02 10.74
CA SER A 669 -31.30 37.85 11.87
C SER A 669 -30.70 37.04 13.00
N ILE A 670 -31.35 35.93 13.39
CA ILE A 670 -30.89 35.24 14.59
C ILE A 670 -29.58 34.49 14.41
N ALA A 671 -28.95 34.60 13.24
CA ALA A 671 -27.71 33.88 13.00
C ALA A 671 -26.57 34.41 13.86
N PHE A 672 -26.66 35.67 14.27
CA PHE A 672 -25.54 36.29 14.96
C PHE A 672 -25.53 35.92 16.43
N ARG A 673 -24.34 35.75 16.97
CA ARG A 673 -24.22 35.27 18.34
C ARG A 673 -22.95 35.86 18.93
N SER A 674 -22.96 36.09 20.23
CA SER A 674 -21.81 36.59 20.94
C SER A 674 -21.14 35.44 21.67
N ILE A 675 -19.87 35.20 21.36
CA ILE A 675 -19.18 34.00 21.84
C ILE A 675 -18.19 34.44 22.90
N GLY A 676 -18.53 35.42 23.70
CA GLY A 676 -17.61 35.72 24.77
C GLY A 676 -18.24 36.12 26.08
N PHE A 677 -17.66 35.67 27.19
CA PHE A 677 -18.03 36.22 28.48
C PHE A 677 -16.91 37.13 28.97
N PRO A 678 -16.91 38.40 28.64
CA PRO A 678 -15.89 39.29 29.17
C PRO A 678 -16.20 39.64 30.61
N LEU A 679 -15.30 39.28 31.52
CA LEU A 679 -15.53 39.46 32.94
C LEU A 679 -14.79 40.65 33.48
N MET B 1 -55.94 -6.85 -11.47
CA MET B 1 -55.92 -7.21 -10.07
C MET B 1 -54.65 -7.98 -9.77
N ASN B 2 -54.49 -9.14 -10.41
CA ASN B 2 -53.22 -9.85 -10.43
C ASN B 2 -52.36 -9.24 -11.55
N ILE B 3 -51.10 -8.95 -11.22
CA ILE B 3 -50.20 -8.25 -12.13
C ILE B 3 -48.85 -8.94 -12.06
N THR B 4 -48.45 -9.59 -13.14
CA THR B 4 -47.17 -10.31 -13.18
C THR B 4 -46.05 -9.33 -13.52
N VAL B 5 -45.13 -9.15 -12.60
CA VAL B 5 -43.99 -8.26 -12.79
C VAL B 5 -42.76 -9.12 -13.07
N GLU B 6 -41.97 -8.70 -14.04
CA GLU B 6 -40.71 -9.34 -14.37
C GLU B 6 -39.58 -8.32 -14.23
N LEU B 7 -38.66 -8.60 -13.33
CA LEU B 7 -37.50 -7.77 -13.07
C LEU B 7 -36.31 -8.35 -13.83
N THR B 8 -35.51 -7.48 -14.43
CA THR B 8 -34.34 -7.89 -15.18
C THR B 8 -33.14 -7.07 -14.76
N PHE B 9 -32.05 -7.74 -14.38
CA PHE B 9 -30.82 -7.06 -13.99
C PHE B 9 -29.94 -6.82 -15.20
N PHE B 10 -29.12 -5.78 -15.10
CA PHE B 10 -28.25 -5.39 -16.19
C PHE B 10 -26.79 -5.33 -15.78
N GLU B 11 -26.46 -5.68 -14.55
CA GLU B 11 -25.07 -5.82 -14.15
C GLU B 11 -25.00 -6.81 -13.00
N PRO B 12 -23.80 -7.29 -12.64
CA PRO B 12 -23.70 -8.29 -11.58
C PRO B 12 -24.33 -7.83 -10.28
N TYR B 13 -25.21 -8.64 -9.73
CA TYR B 13 -25.93 -8.17 -8.56
C TYR B 13 -25.43 -8.89 -7.31
N ARG B 14 -26.00 -8.58 -6.17
CA ARG B 14 -25.49 -9.08 -4.91
C ARG B 14 -26.40 -10.15 -4.34
N LEU B 15 -25.78 -11.17 -3.76
CA LEU B 15 -26.47 -12.33 -3.23
C LEU B 15 -25.97 -12.59 -1.82
N VAL B 16 -26.83 -13.15 -0.98
CA VAL B 16 -26.48 -13.44 0.41
C VAL B 16 -27.36 -14.57 0.91
N GLU B 17 -26.83 -15.34 1.84
CA GLU B 17 -27.54 -16.50 2.38
C GLU B 17 -28.73 -16.05 3.21
N TRP B 18 -29.87 -16.69 2.99
CA TRP B 18 -31.08 -16.31 3.70
C TRP B 18 -31.09 -16.86 5.11
N PHE B 19 -31.38 -15.98 6.07
CA PHE B 19 -31.69 -16.35 7.43
C PHE B 19 -32.99 -15.67 7.82
N ASP B 20 -33.71 -16.27 8.77
CA ASP B 20 -34.90 -15.62 9.28
C ASP B 20 -34.54 -14.31 9.95
N TRP B 21 -35.58 -13.56 10.31
CA TRP B 21 -35.36 -12.25 10.90
C TRP B 21 -34.64 -12.36 12.24
N ASP B 22 -34.93 -13.41 13.00
CA ASP B 22 -34.31 -13.56 14.32
C ASP B 22 -32.88 -14.09 14.19
N ALA B 23 -32.68 -15.10 13.34
CA ALA B 23 -31.35 -15.66 13.16
C ALA B 23 -30.43 -14.73 12.42
N ARG B 24 -30.97 -13.80 11.63
CA ARG B 24 -30.13 -12.82 10.97
C ARG B 24 -29.39 -11.96 11.97
N LYS B 25 -29.91 -11.84 13.19
CA LYS B 25 -29.31 -10.94 14.17
C LYS B 25 -27.90 -11.35 14.54
N LYS B 26 -27.58 -12.63 14.52
CA LYS B 26 -26.26 -13.06 14.95
C LYS B 26 -25.25 -12.93 13.83
N SER B 27 -25.66 -13.15 12.59
CA SER B 27 -24.76 -13.18 11.46
C SER B 27 -24.60 -11.77 10.90
N HIS B 28 -23.45 -11.15 11.14
CA HIS B 28 -23.22 -9.79 10.64
C HIS B 28 -23.20 -9.74 9.12
N SER B 29 -22.71 -10.80 8.47
CA SER B 29 -22.73 -10.84 7.03
C SER B 29 -24.15 -10.74 6.50
N ALA B 30 -25.11 -11.34 7.19
CA ALA B 30 -26.48 -11.29 6.72
C ALA B 30 -27.11 -9.94 7.00
N MET B 31 -26.80 -9.35 8.15
CA MET B 31 -27.29 -8.00 8.43
C MET B 31 -26.77 -7.02 7.39
N ARG B 32 -25.56 -7.27 6.85
CA ARG B 32 -25.09 -6.49 5.73
C ARG B 32 -25.90 -6.80 4.48
N GLY B 33 -26.11 -8.07 4.20
CA GLY B 33 -26.80 -8.43 2.98
C GLY B 33 -28.28 -8.17 2.94
N GLN B 34 -28.86 -7.59 4.00
CA GLN B 34 -30.30 -7.34 4.06
C GLN B 34 -30.93 -6.74 2.80
N ALA B 35 -30.19 -6.00 1.99
CA ALA B 35 -30.77 -5.48 0.76
C ALA B 35 -30.42 -6.30 -0.47
N PHE B 36 -29.70 -7.41 -0.31
CA PHE B 36 -29.27 -8.21 -1.44
C PHE B 36 -30.36 -9.20 -1.83
N ALA B 37 -30.12 -9.95 -2.91
CA ALA B 37 -30.94 -11.10 -3.21
C ALA B 37 -30.62 -12.23 -2.24
N GLN B 38 -31.63 -13.01 -1.88
CA GLN B 38 -31.48 -14.03 -0.86
C GLN B 38 -31.32 -15.40 -1.50
N TRP B 39 -30.62 -16.28 -0.81
CA TRP B 39 -30.30 -17.59 -1.33
C TRP B 39 -30.56 -18.64 -0.25
N THR B 40 -31.39 -19.64 -0.56
CA THR B 40 -31.76 -20.69 0.38
C THR B 40 -31.24 -22.03 -0.11
N TRP B 41 -30.78 -22.85 0.83
CA TRP B 41 -30.24 -24.14 0.48
C TRP B 41 -31.35 -25.14 0.26
N LYS B 42 -31.16 -26.03 -0.69
CA LYS B 42 -32.11 -27.07 -1.00
C LYS B 42 -31.42 -28.41 -0.86
N GLY B 43 -31.97 -29.28 -0.04
CA GLY B 43 -31.37 -30.57 0.19
C GLY B 43 -30.36 -30.53 1.33
N LYS B 44 -29.50 -31.54 1.34
CA LYS B 44 -28.46 -31.67 2.35
C LYS B 44 -27.11 -31.41 1.70
N GLY B 45 -26.16 -30.92 2.49
CA GLY B 45 -24.93 -30.47 1.91
C GLY B 45 -25.14 -29.09 1.32
N ARG B 46 -24.18 -28.20 1.51
CA ARG B 46 -24.37 -26.86 1.01
C ARG B 46 -23.89 -26.78 -0.43
N THR B 47 -24.70 -27.28 -1.34
CA THR B 47 -24.38 -27.35 -2.75
C THR B 47 -25.40 -26.69 -3.65
N ALA B 48 -26.69 -26.89 -3.41
CA ALA B 48 -27.73 -26.44 -4.31
C ALA B 48 -28.77 -25.66 -3.53
N GLY B 49 -29.54 -24.86 -4.26
CA GLY B 49 -30.57 -24.07 -3.62
C GLY B 49 -31.33 -23.24 -4.63
N LYS B 50 -31.99 -22.22 -4.12
CA LYS B 50 -32.76 -21.29 -4.91
C LYS B 50 -32.43 -19.85 -4.52
N SER B 51 -32.57 -18.96 -5.49
CA SER B 51 -32.35 -17.54 -5.31
C SER B 51 -33.68 -16.82 -5.43
N PHE B 52 -33.91 -15.84 -4.57
CA PHE B 52 -35.17 -15.11 -4.61
C PHE B 52 -34.94 -13.69 -4.11
N ILE B 53 -35.96 -12.86 -4.32
CA ILE B 53 -35.96 -11.47 -3.87
C ILE B 53 -37.26 -11.23 -3.10
N THR B 54 -37.14 -10.74 -1.88
CA THR B 54 -38.32 -10.59 -1.04
C THR B 54 -39.21 -9.47 -1.54
N GLY B 55 -40.52 -9.74 -1.62
CA GLY B 55 -41.45 -8.71 -2.00
C GLY B 55 -41.42 -7.51 -1.09
N THR B 56 -40.92 -7.68 0.13
CA THR B 56 -40.69 -6.55 1.02
C THR B 56 -39.67 -5.60 0.43
N LEU B 57 -38.63 -6.14 -0.21
CA LEU B 57 -37.63 -5.28 -0.82
C LEU B 57 -38.17 -4.57 -2.05
N VAL B 58 -38.90 -5.30 -2.90
CA VAL B 58 -39.51 -4.68 -4.06
C VAL B 58 -40.47 -3.58 -3.63
N ARG B 59 -41.18 -3.81 -2.53
CA ARG B 59 -42.13 -2.81 -2.09
C ARG B 59 -41.42 -1.60 -1.51
N SER B 60 -40.30 -1.81 -0.84
CA SER B 60 -39.51 -0.68 -0.36
C SER B 60 -39.02 0.17 -1.52
N ALA B 61 -38.50 -0.49 -2.56
CA ALA B 61 -38.06 0.26 -3.73
C ALA B 61 -39.23 0.98 -4.39
N VAL B 62 -40.40 0.37 -4.38
CA VAL B 62 -41.56 0.98 -5.03
C VAL B 62 -42.03 2.19 -4.25
N ILE B 63 -42.01 2.13 -2.91
CA ILE B 63 -42.45 3.30 -2.17
C ILE B 63 -41.42 4.41 -2.27
N LYS B 64 -40.13 4.08 -2.40
CA LYS B 64 -39.18 5.16 -2.64
C LYS B 64 -39.42 5.79 -4.00
N ALA B 65 -39.71 4.98 -5.01
CA ALA B 65 -40.01 5.52 -6.33
C ALA B 65 -41.26 6.38 -6.31
N VAL B 66 -42.26 6.00 -5.54
CA VAL B 66 -43.49 6.79 -5.47
C VAL B 66 -43.23 8.10 -4.78
N GLU B 67 -42.52 8.07 -3.66
CA GLU B 67 -42.24 9.31 -2.96
C GLU B 67 -41.42 10.25 -3.82
N GLU B 68 -40.51 9.70 -4.63
CA GLU B 68 -39.78 10.54 -5.57
C GLU B 68 -40.70 11.12 -6.64
N LEU B 69 -41.56 10.27 -7.23
CA LEU B 69 -42.48 10.72 -8.26
C LEU B 69 -43.42 11.80 -7.76
N LEU B 70 -43.67 11.80 -6.44
CA LEU B 70 -44.52 12.85 -5.88
C LEU B 70 -43.72 14.11 -5.62
N SER B 71 -42.53 13.97 -5.05
CA SER B 71 -41.71 15.14 -4.78
C SER B 71 -41.36 15.88 -6.06
N LEU B 72 -41.36 15.19 -7.20
CA LEU B 72 -41.08 15.84 -8.47
C LEU B 72 -42.16 16.86 -8.83
N ASN B 73 -43.40 16.59 -8.45
CA ASN B 73 -44.50 17.49 -8.76
C ASN B 73 -44.76 18.46 -7.65
N ASN B 74 -43.87 18.48 -6.66
CA ASN B 74 -44.13 19.15 -5.40
C ASN B 74 -45.44 18.66 -4.78
N GLY B 75 -45.54 17.36 -4.61
CA GLY B 75 -46.56 16.78 -3.78
C GLY B 75 -47.87 16.47 -4.46
N LYS B 76 -47.97 16.65 -5.77
CA LYS B 76 -49.21 16.38 -6.48
C LYS B 76 -49.08 15.11 -7.31
N TRP B 77 -50.20 14.43 -7.49
CA TRP B 77 -50.31 13.30 -8.41
C TRP B 77 -51.53 13.53 -9.27
N GLU B 78 -51.31 13.65 -10.58
CA GLU B 78 -52.38 13.99 -11.53
C GLU B 78 -53.15 15.22 -11.08
N GLY B 79 -52.46 16.18 -10.49
CA GLY B 79 -53.07 17.42 -10.09
C GLY B 79 -53.77 17.42 -8.74
N VAL B 80 -53.75 16.32 -8.01
CA VAL B 80 -54.42 16.21 -6.73
C VAL B 80 -53.35 16.04 -5.65
N PRO B 81 -53.19 16.99 -4.74
CA PRO B 81 -52.12 16.89 -3.74
C PRO B 81 -52.45 15.81 -2.72
N CYS B 82 -51.44 15.01 -2.39
CA CYS B 82 -51.62 13.80 -1.62
C CYS B 82 -51.28 14.03 -0.15
N CYS B 83 -51.77 13.11 0.69
CA CYS B 83 -51.29 12.98 2.05
C CYS B 83 -49.77 13.12 2.07
N ASN B 84 -49.24 13.70 3.14
CA ASN B 84 -47.80 13.67 3.32
C ASN B 84 -47.29 12.25 3.46
N GLY B 85 -48.15 11.31 3.83
CA GLY B 85 -47.72 9.95 4.04
C GLY B 85 -47.06 9.82 5.39
N SER B 86 -47.29 8.72 6.09
CA SER B 86 -46.75 8.51 7.42
C SER B 86 -45.66 7.45 7.37
N PHE B 87 -44.50 7.76 7.93
CA PHE B 87 -43.40 6.83 7.96
C PHE B 87 -42.77 6.76 9.35
N GLN B 88 -43.60 6.69 10.39
CA GLN B 88 -43.12 6.50 11.75
C GLN B 88 -44.17 5.74 12.53
N THR B 89 -43.71 4.84 13.39
CA THR B 89 -44.56 3.94 14.13
C THR B 89 -44.17 4.01 15.60
N ASP B 90 -45.16 4.22 16.47
CA ASP B 90 -44.88 4.33 17.89
C ASP B 90 -44.81 2.95 18.53
N GLU B 91 -43.87 2.79 19.46
CA GLU B 91 -43.64 1.48 20.06
C GLU B 91 -44.81 1.03 20.93
N SER B 92 -45.42 1.97 21.67
CA SER B 92 -46.54 1.60 22.53
C SER B 92 -47.71 1.05 21.73
N LYS B 93 -48.08 1.74 20.64
CA LYS B 93 -49.28 1.34 19.90
C LYS B 93 -49.07 0.02 19.18
N GLY B 94 -47.85 -0.28 18.74
CA GLY B 94 -47.59 -1.52 18.03
C GLY B 94 -46.10 -1.75 17.87
N LYS B 95 -45.77 -2.90 17.28
CA LYS B 95 -44.38 -3.23 17.05
C LYS B 95 -43.86 -2.53 15.81
N LYS B 96 -42.54 -2.37 15.75
CA LYS B 96 -41.90 -1.67 14.65
C LYS B 96 -41.91 -2.52 13.38
N PRO B 97 -41.52 -1.95 12.26
CA PRO B 97 -41.28 -2.76 11.07
C PRO B 97 -40.08 -3.68 11.25
N SER B 98 -39.94 -4.62 10.32
CA SER B 98 -38.75 -5.46 10.32
C SER B 98 -37.51 -4.65 9.92
N PHE B 99 -37.70 -3.59 9.16
CA PHE B 99 -36.62 -2.70 8.73
C PHE B 99 -37.01 -1.26 9.02
N LEU B 100 -36.07 -0.51 9.57
CA LEU B 100 -36.30 0.88 9.95
C LEU B 100 -35.50 1.80 9.06
N ARG B 101 -36.11 2.92 8.66
CA ARG B 101 -35.50 3.83 7.71
C ARG B 101 -34.53 4.77 8.40
N LYS B 102 -33.36 4.97 7.79
CA LYS B 102 -32.38 5.94 8.25
C LYS B 102 -32.25 7.15 7.34
N ARG B 103 -32.57 7.03 6.07
CA ARG B 103 -32.35 8.13 5.16
C ARG B 103 -33.37 9.23 5.36
N HIS B 104 -33.18 10.31 4.62
CA HIS B 104 -34.09 11.43 4.69
C HIS B 104 -35.37 11.10 3.96
N THR B 105 -36.49 11.58 4.48
CA THR B 105 -37.78 11.39 3.85
C THR B 105 -38.21 12.68 3.17
N LEU B 106 -38.57 12.59 1.90
CA LEU B 106 -39.00 13.78 1.19
C LEU B 106 -40.41 14.16 1.58
N GLN B 107 -40.65 15.45 1.68
CA GLN B 107 -41.98 15.95 2.00
C GLN B 107 -42.32 17.07 1.06
N TRP B 108 -43.43 17.72 1.36
CA TRP B 108 -43.93 18.84 0.59
C TRP B 108 -44.96 19.53 1.45
N GLN B 109 -45.46 20.65 0.97
CA GLN B 109 -46.39 21.43 1.77
C GLN B 109 -47.67 20.63 2.00
N ALA B 110 -48.17 20.67 3.23
CA ALA B 110 -49.41 20.00 3.58
C ALA B 110 -50.55 20.67 2.82
N ASN B 111 -51.05 20.00 1.79
CA ASN B 111 -51.98 20.61 0.86
C ASN B 111 -53.18 19.71 0.54
N ASN B 112 -53.21 18.52 1.11
CA ASN B 112 -54.41 17.70 1.04
C ASN B 112 -55.54 18.44 1.72
N LYS B 113 -56.69 18.53 1.04
CA LYS B 113 -57.86 19.15 1.63
C LYS B 113 -58.72 18.17 2.41
N ASN B 114 -58.73 16.90 2.01
CA ASN B 114 -59.52 15.86 2.65
C ASN B 114 -58.69 15.20 3.73
N ILE B 115 -59.19 14.06 4.22
CA ILE B 115 -58.48 13.24 5.19
C ILE B 115 -58.58 11.78 4.74
N CYS B 116 -57.45 11.08 4.73
CA CYS B 116 -57.42 9.68 4.38
C CYS B 116 -57.73 8.82 5.59
N ASP B 117 -58.59 7.82 5.40
CA ASP B 117 -58.98 6.89 6.45
C ASP B 117 -59.38 5.58 5.80
N LYS B 118 -60.13 4.76 6.54
CA LYS B 118 -60.57 3.48 5.99
C LYS B 118 -61.51 3.65 4.80
N GLU B 119 -62.10 4.84 4.64
CA GLU B 119 -63.14 5.04 3.63
C GLU B 119 -62.59 5.68 2.36
N GLU B 120 -61.90 6.81 2.50
CA GLU B 120 -61.19 7.44 1.40
C GLU B 120 -59.71 7.22 1.63
N ALA B 121 -58.99 6.87 0.57
CA ALA B 121 -57.56 6.67 0.65
C ALA B 121 -56.89 7.34 -0.52
N CYS B 122 -55.72 7.90 -0.26
CA CYS B 122 -54.87 8.40 -1.32
C CYS B 122 -54.29 7.20 -2.07
N PRO B 123 -54.03 7.34 -3.36
CA PRO B 123 -53.29 6.28 -4.07
C PRO B 123 -52.01 5.90 -3.34
N PHE B 124 -51.35 6.87 -2.71
CA PHE B 124 -50.16 6.53 -1.94
C PHE B 124 -50.53 5.77 -0.67
N CYS B 125 -51.60 6.16 0.01
CA CYS B 125 -52.01 5.44 1.20
C CYS B 125 -52.48 4.04 0.86
N ILE B 126 -52.91 3.83 -0.38
CA ILE B 126 -53.22 2.49 -0.84
C ILE B 126 -51.94 1.72 -1.10
N LEU B 127 -50.93 2.40 -1.64
CA LEU B 127 -49.67 1.71 -1.92
C LEU B 127 -48.98 1.27 -0.64
N LEU B 128 -48.92 2.16 0.35
CA LEU B 128 -48.35 1.76 1.63
C LEU B 128 -49.19 0.69 2.31
N GLY B 129 -50.38 0.41 1.80
CA GLY B 129 -51.29 -0.48 2.48
C GLY B 129 -51.58 -0.01 3.88
N ARG B 130 -51.98 1.25 4.04
CA ARG B 130 -52.06 1.82 5.38
C ARG B 130 -53.37 1.48 6.06
N PHE B 131 -54.48 1.54 5.32
CA PHE B 131 -55.80 1.27 5.88
C PHE B 131 -56.36 -0.08 5.42
N ASP B 132 -55.51 -1.04 5.11
CA ASP B 132 -56.00 -2.38 4.83
C ASP B 132 -56.15 -3.15 6.14
N ASN B 133 -56.53 -4.43 6.02
CA ASN B 133 -56.62 -5.26 7.22
C ASN B 133 -55.28 -5.81 7.63
N ALA B 134 -54.36 -6.00 6.69
CA ALA B 134 -53.08 -6.63 6.99
C ALA B 134 -52.26 -5.74 7.91
N GLY B 135 -51.40 -6.37 8.71
CA GLY B 135 -50.57 -5.66 9.65
C GLY B 135 -49.16 -6.18 9.66
N LYS B 136 -48.50 -6.15 10.82
CA LYS B 136 -47.10 -6.56 10.89
C LYS B 136 -46.94 -8.08 10.87
N VAL B 137 -47.95 -8.82 11.31
CA VAL B 137 -47.88 -10.28 11.39
C VAL B 137 -48.77 -10.85 10.30
N HIS B 138 -48.17 -11.56 9.35
CA HIS B 138 -48.87 -11.94 8.12
C HIS B 138 -49.93 -12.99 8.38
N GLU B 139 -51.11 -12.79 7.78
CA GLU B 139 -52.22 -13.72 8.00
C GLU B 139 -52.65 -14.48 6.76
N ARG B 140 -53.13 -13.80 5.70
CA ARG B 140 -53.78 -14.57 4.65
C ARG B 140 -53.63 -14.08 3.21
N ASN B 141 -52.76 -13.12 2.92
CA ASN B 141 -52.45 -12.75 1.55
C ASN B 141 -53.65 -12.12 0.85
N LYS B 142 -54.79 -12.02 1.49
CA LYS B 142 -55.93 -11.30 0.94
C LYS B 142 -56.41 -10.21 1.89
N ASP B 143 -55.69 -9.98 2.97
CA ASP B 143 -55.90 -8.79 3.77
C ASP B 143 -55.28 -7.55 3.16
N TYR B 144 -54.46 -7.72 2.13
CA TYR B 144 -53.64 -6.64 1.59
C TYR B 144 -54.38 -5.94 0.47
N ASP B 145 -54.52 -4.61 0.59
CA ASP B 145 -54.98 -3.81 -0.53
C ASP B 145 -54.01 -3.92 -1.69
N ILE B 146 -52.72 -3.93 -1.39
CA ILE B 146 -51.67 -4.22 -2.34
C ILE B 146 -50.80 -5.30 -1.73
N HIS B 147 -50.48 -6.32 -2.51
CA HIS B 147 -49.65 -7.40 -2.03
C HIS B 147 -48.49 -7.62 -2.99
N PHE B 148 -47.28 -7.63 -2.46
CA PHE B 148 -46.08 -7.93 -3.23
C PHE B 148 -45.62 -9.33 -2.88
N SER B 149 -45.84 -10.28 -3.78
CA SER B 149 -45.30 -11.61 -3.57
C SER B 149 -43.79 -11.60 -3.67
N ASN B 150 -43.19 -12.77 -3.47
CA ASN B 150 -41.75 -12.91 -3.61
C ASN B 150 -41.39 -13.16 -5.07
N PHE B 151 -40.18 -12.78 -5.44
CA PHE B 151 -39.72 -12.84 -6.82
C PHE B 151 -38.67 -13.93 -6.92
N ASP B 152 -38.95 -14.95 -7.72
CA ASP B 152 -38.08 -16.10 -7.82
C ASP B 152 -37.28 -16.08 -9.10
N LEU B 153 -36.10 -16.70 -9.04
CA LEU B 153 -35.20 -16.68 -10.17
C LEU B 153 -35.71 -17.58 -11.27
N ASP B 154 -35.85 -17.03 -12.46
CA ASP B 154 -36.41 -17.72 -13.61
C ASP B 154 -35.25 -18.23 -14.47
N HIS B 155 -34.77 -19.43 -14.20
CA HIS B 155 -33.69 -19.96 -15.01
C HIS B 155 -34.25 -20.73 -16.20
N LYS B 156 -33.36 -21.01 -17.16
CA LYS B 156 -33.78 -21.55 -18.44
C LYS B 156 -34.04 -23.05 -18.37
N GLN B 157 -33.24 -23.77 -17.58
CA GLN B 157 -33.33 -25.22 -17.61
C GLN B 157 -34.52 -25.73 -16.80
N GLU B 158 -34.74 -25.13 -15.62
CA GLU B 158 -35.86 -25.45 -14.74
C GLU B 158 -36.00 -26.94 -14.46
N LYS B 159 -34.93 -27.72 -14.61
CA LYS B 159 -34.99 -29.15 -14.29
C LYS B 159 -34.09 -29.53 -13.13
N ASN B 160 -32.79 -29.28 -13.24
CA ASN B 160 -31.86 -29.57 -12.15
C ASN B 160 -31.81 -28.35 -11.24
N ASP B 161 -31.54 -28.60 -9.97
CA ASP B 161 -31.40 -27.50 -9.02
C ASP B 161 -30.15 -26.69 -9.35
N LEU B 162 -30.23 -25.40 -9.09
CA LEU B 162 -29.09 -24.52 -9.24
C LEU B 162 -28.03 -24.83 -8.20
N ARG B 163 -26.78 -24.90 -8.62
CA ARG B 163 -25.67 -24.89 -7.69
C ARG B 163 -25.27 -23.44 -7.44
N LEU B 164 -24.78 -23.17 -6.24
CA LEU B 164 -24.37 -21.80 -5.92
C LEU B 164 -23.14 -21.41 -6.71
N VAL B 165 -22.14 -22.29 -6.76
CA VAL B 165 -20.93 -22.04 -7.52
C VAL B 165 -21.23 -21.78 -8.98
N ASP B 166 -22.42 -22.16 -9.43
CA ASP B 166 -22.82 -21.89 -10.80
C ASP B 166 -23.29 -20.46 -10.99
N ILE B 167 -24.00 -19.90 -10.02
CA ILE B 167 -24.59 -18.58 -10.22
C ILE B 167 -23.70 -17.48 -9.67
N ALA B 168 -23.04 -17.70 -8.55
CA ALA B 168 -22.33 -16.63 -7.87
C ALA B 168 -20.85 -16.95 -7.73
N SER B 169 -20.12 -15.99 -7.19
CA SER B 169 -18.71 -16.14 -6.88
C SER B 169 -18.36 -15.10 -5.83
N GLY B 170 -17.64 -15.54 -4.80
CA GLY B 170 -17.28 -14.64 -3.74
C GLY B 170 -16.24 -13.64 -4.21
N ARG B 171 -16.18 -12.51 -3.53
CA ARG B 171 -15.17 -11.49 -3.80
C ARG B 171 -14.95 -10.69 -2.53
N ILE B 172 -13.70 -10.33 -2.29
CA ILE B 172 -13.36 -9.44 -1.18
C ILE B 172 -13.31 -8.02 -1.71
N LEU B 173 -14.08 -7.13 -1.09
CA LEU B 173 -13.99 -5.69 -1.32
C LEU B 173 -13.45 -5.04 -0.06
N ASN B 174 -12.70 -3.97 -0.20
CA ASN B 174 -12.09 -3.33 0.94
C ASN B 174 -12.52 -1.88 1.04
N ARG B 175 -11.99 -1.20 2.05
CA ARG B 175 -12.27 0.21 2.28
C ARG B 175 -10.94 0.90 2.56
N VAL B 176 -10.39 1.57 1.57
CA VAL B 176 -9.03 2.09 1.68
C VAL B 176 -9.07 3.48 2.29
N ASP B 177 -8.17 3.71 3.24
CA ASP B 177 -8.06 4.98 3.92
C ASP B 177 -7.62 6.05 2.94
N PHE B 178 -8.38 7.14 2.87
CA PHE B 178 -8.06 8.20 1.92
C PHE B 178 -6.74 8.86 2.27
N ASP B 179 -6.33 8.80 3.53
CA ASP B 179 -5.16 9.56 3.98
C ASP B 179 -3.87 8.79 3.75
N THR B 180 -3.89 7.47 3.98
CA THR B 180 -2.71 6.66 3.75
C THR B 180 -2.75 5.90 2.44
N GLY B 181 -3.91 5.79 1.80
CA GLY B 181 -4.01 5.04 0.58
C GLY B 181 -4.02 3.54 0.76
N LYS B 182 -4.19 3.05 1.97
CA LYS B 182 -4.20 1.62 2.27
C LYS B 182 -5.51 1.24 2.91
N ALA B 183 -5.86 -0.04 2.80
CA ALA B 183 -7.09 -0.58 3.37
C ALA B 183 -6.82 -1.11 4.78
N LYS B 184 -7.66 -0.72 5.72
CA LYS B 184 -7.58 -1.23 7.08
C LYS B 184 -8.58 -2.34 7.35
N ASP B 185 -9.53 -2.56 6.45
CA ASP B 185 -10.53 -3.60 6.65
C ASP B 185 -11.08 -3.98 5.29
N TYR B 186 -11.85 -5.06 5.27
CA TYR B 186 -12.50 -5.51 4.06
C TYR B 186 -13.77 -6.23 4.45
N PHE B 187 -14.62 -6.49 3.46
CA PHE B 187 -15.77 -7.35 3.66
C PHE B 187 -15.90 -8.25 2.45
N ARG B 188 -16.75 -9.25 2.56
CA ARG B 188 -16.98 -10.22 1.50
C ARG B 188 -18.42 -10.15 1.01
N THR B 189 -18.62 -10.37 -0.29
CA THR B 189 -19.95 -10.45 -0.89
C THR B 189 -19.94 -11.52 -1.96
N TRP B 190 -21.12 -12.04 -2.26
CA TRP B 190 -21.36 -12.90 -3.40
C TRP B 190 -21.92 -12.06 -4.52
N GLU B 191 -21.27 -12.09 -5.69
CA GLU B 191 -21.71 -11.36 -6.85
C GLU B 191 -22.28 -12.35 -7.86
N ALA B 192 -23.56 -12.22 -8.15
CA ALA B 192 -24.26 -13.15 -9.01
C ALA B 192 -24.26 -12.66 -10.45
N ASP B 193 -24.18 -13.62 -11.36
CA ASP B 193 -24.02 -13.39 -12.79
C ASP B 193 -25.34 -13.06 -13.45
N TYR B 194 -25.44 -11.85 -13.98
CA TYR B 194 -26.70 -11.36 -14.52
C TYR B 194 -26.97 -11.86 -15.92
N GLU B 195 -25.96 -12.42 -16.59
CA GLU B 195 -26.15 -12.81 -17.99
C GLU B 195 -26.98 -14.07 -18.11
N THR B 196 -26.71 -15.07 -17.26
CA THR B 196 -27.47 -16.30 -17.33
C THR B 196 -28.66 -16.28 -16.38
N TYR B 197 -28.48 -15.72 -15.19
CA TYR B 197 -29.50 -15.70 -14.16
C TYR B 197 -29.72 -14.25 -13.75
N GLY B 198 -30.50 -13.53 -14.55
CA GLY B 198 -30.75 -12.14 -14.24
C GLY B 198 -32.19 -11.73 -14.45
N THR B 199 -33.12 -12.65 -14.27
CA THR B 199 -34.53 -12.37 -14.49
C THR B 199 -35.32 -13.02 -13.37
N TYR B 200 -36.15 -12.23 -12.69
CA TYR B 200 -36.89 -12.67 -11.52
C TYR B 200 -38.34 -12.32 -11.75
N THR B 201 -39.25 -13.22 -11.41
CA THR B 201 -40.66 -12.99 -11.68
C THR B 201 -41.47 -13.04 -10.39
N GLY B 202 -42.33 -12.05 -10.22
CA GLY B 202 -43.16 -11.99 -9.05
C GLY B 202 -44.56 -11.56 -9.43
N ARG B 203 -45.45 -11.61 -8.45
CA ARG B 203 -46.82 -11.16 -8.63
C ARG B 203 -47.10 -10.02 -7.68
N ILE B 204 -47.86 -9.05 -8.15
CA ILE B 204 -48.41 -8.00 -7.31
C ILE B 204 -49.92 -8.06 -7.43
N THR B 205 -50.60 -8.21 -6.31
CA THR B 205 -52.06 -8.29 -6.31
C THR B 205 -52.62 -6.97 -5.80
N LEU B 206 -53.31 -6.25 -6.67
CA LEU B 206 -53.80 -4.90 -6.36
C LEU B 206 -55.32 -4.93 -6.36
N ARG B 207 -55.92 -5.06 -5.17
CA ARG B 207 -57.37 -5.08 -5.06
C ARG B 207 -57.99 -3.73 -5.40
N ASN B 208 -57.49 -2.66 -4.79
CA ASN B 208 -57.99 -1.31 -5.03
C ASN B 208 -57.35 -0.79 -6.31
N GLU B 209 -58.16 -0.60 -7.35
CA GLU B 209 -57.59 -0.21 -8.63
C GLU B 209 -57.16 1.25 -8.68
N HIS B 210 -57.60 2.07 -7.72
CA HIS B 210 -57.31 3.50 -7.78
C HIS B 210 -55.82 3.79 -7.66
N ALA B 211 -55.03 2.80 -7.29
CA ALA B 211 -53.59 3.01 -7.21
C ALA B 211 -52.83 2.50 -8.42
N LYS B 212 -53.51 1.82 -9.35
CA LYS B 212 -52.79 1.19 -10.46
C LYS B 212 -51.97 2.21 -11.23
N LYS B 213 -52.61 3.29 -11.67
CA LYS B 213 -51.92 4.33 -12.43
C LYS B 213 -50.68 4.82 -11.69
N LEU B 214 -50.74 4.88 -10.37
CA LEU B 214 -49.56 5.27 -9.61
C LEU B 214 -48.56 4.13 -9.58
N LEU B 215 -49.02 2.94 -9.20
CA LEU B 215 -48.13 1.79 -9.04
C LEU B 215 -47.27 1.58 -10.27
N LEU B 216 -47.92 1.42 -11.43
CA LEU B 216 -47.21 1.23 -12.69
C LEU B 216 -46.11 2.27 -12.86
N ALA B 217 -46.46 3.54 -12.65
CA ALA B 217 -45.48 4.60 -12.88
C ALA B 217 -44.24 4.38 -12.02
N SER B 218 -44.43 3.98 -10.77
CA SER B 218 -43.30 3.80 -9.88
C SER B 218 -42.44 2.64 -10.33
N LEU B 219 -43.04 1.60 -10.90
CA LEU B 219 -42.25 0.48 -11.38
C LEU B 219 -41.38 0.90 -12.56
N GLY B 220 -41.75 1.97 -13.25
CA GLY B 220 -40.85 2.51 -14.25
C GLY B 220 -39.70 3.28 -13.65
N PHE B 221 -39.90 3.82 -12.46
CA PHE B 221 -38.90 4.67 -11.85
C PHE B 221 -37.85 3.89 -11.08
N VAL B 222 -38.14 2.65 -10.69
CA VAL B 222 -37.14 1.84 -9.99
C VAL B 222 -35.96 1.60 -10.92
N ASP B 223 -34.79 2.04 -10.49
CA ASP B 223 -33.60 2.01 -11.33
C ASP B 223 -32.58 0.97 -10.91
N LYS B 224 -32.49 0.67 -9.63
CA LYS B 224 -31.55 -0.33 -9.14
C LYS B 224 -32.21 -1.16 -8.06
N LEU B 225 -31.67 -2.35 -7.86
CA LEU B 225 -32.12 -3.24 -6.81
C LEU B 225 -31.03 -4.27 -6.58
N CYS B 226 -30.70 -4.51 -5.31
CA CYS B 226 -29.71 -5.52 -4.96
C CYS B 226 -28.36 -5.22 -5.60
N GLY B 227 -28.04 -3.94 -5.74
CA GLY B 227 -26.73 -3.53 -6.21
C GLY B 227 -26.57 -3.39 -7.70
N ALA B 228 -27.64 -3.44 -8.48
CA ALA B 228 -27.52 -3.49 -9.92
C ALA B 228 -28.61 -2.66 -10.57
N LEU B 229 -28.28 -2.01 -11.69
CA LEU B 229 -29.31 -1.37 -12.49
C LEU B 229 -30.27 -2.42 -13.02
N CYS B 230 -31.53 -2.04 -13.18
CA CYS B 230 -32.55 -3.02 -13.51
C CYS B 230 -33.71 -2.36 -14.23
N ARG B 231 -34.41 -3.17 -15.02
CA ARG B 231 -35.67 -2.77 -15.62
C ARG B 231 -36.78 -3.67 -15.11
N ILE B 232 -37.82 -3.08 -14.55
CA ILE B 232 -39.00 -3.79 -14.08
C ILE B 232 -40.09 -3.58 -15.11
N GLU B 233 -40.56 -4.66 -15.70
CA GLU B 233 -41.58 -4.60 -16.74
C GLU B 233 -42.79 -5.39 -16.29
N VAL B 234 -43.95 -5.05 -16.83
CA VAL B 234 -45.19 -5.77 -16.54
C VAL B 234 -45.49 -6.69 -17.71
N ILE B 235 -45.38 -7.99 -17.50
CA ILE B 235 -45.56 -8.97 -18.57
C ILE B 235 -46.98 -9.51 -18.48
N LYS B 236 -47.58 -9.75 -19.64
CA LYS B 236 -48.92 -10.31 -19.69
C LYS B 236 -48.85 -11.83 -19.85
N ASP B 237 -12.90 -34.33 -12.81
CA ASP B 237 -12.32 -35.61 -13.24
C ASP B 237 -11.22 -35.34 -14.25
N HIS B 238 -11.45 -34.33 -15.09
CA HIS B 238 -10.38 -33.83 -15.94
C HIS B 238 -9.21 -33.34 -15.10
N ASN B 239 -9.52 -32.67 -13.98
CA ASN B 239 -8.46 -32.29 -13.06
C ASN B 239 -7.74 -33.52 -12.53
N ASP B 240 -8.46 -34.62 -12.36
CA ASP B 240 -7.85 -35.82 -11.80
C ASP B 240 -6.93 -36.51 -12.80
N GLU B 241 -7.36 -36.63 -14.05
CA GLU B 241 -6.47 -37.22 -15.03
C GLU B 241 -5.26 -36.32 -15.27
N LEU B 242 -5.49 -35.02 -15.35
CA LEU B 242 -4.36 -34.12 -15.53
C LEU B 242 -3.39 -34.23 -14.36
N ARG B 243 -3.89 -34.43 -13.15
CA ARG B 243 -2.99 -34.56 -12.00
C ARG B 243 -2.24 -35.87 -12.02
N LYS B 244 -2.88 -36.97 -12.41
CA LYS B 244 -2.14 -38.21 -12.53
C LYS B 244 -1.03 -38.08 -13.58
N GLN B 245 -1.34 -37.43 -14.69
CA GLN B 245 -0.32 -37.24 -15.73
C GLN B 245 0.80 -36.32 -15.26
N ALA B 246 0.46 -35.27 -14.53
CA ALA B 246 1.49 -34.41 -13.98
C ALA B 246 2.36 -35.16 -13.01
N GLU B 247 1.78 -36.11 -12.28
CA GLU B 247 2.58 -36.94 -11.40
C GLU B 247 3.55 -37.79 -12.18
N VAL B 248 3.09 -38.35 -13.30
CA VAL B 248 4.00 -39.11 -14.16
C VAL B 248 5.17 -38.23 -14.57
N ILE B 249 4.89 -37.00 -14.97
CA ILE B 249 5.95 -36.12 -15.44
C ILE B 249 6.93 -35.82 -14.32
N VAL B 250 6.43 -35.45 -13.14
CA VAL B 250 7.32 -35.10 -12.05
C VAL B 250 8.16 -36.30 -11.63
N GLU B 251 7.56 -37.47 -11.58
CA GLU B 251 8.32 -38.66 -11.23
C GLU B 251 9.44 -38.91 -12.21
N ALA B 252 9.15 -38.79 -13.50
CA ALA B 252 10.20 -38.96 -14.50
C ALA B 252 11.27 -37.89 -14.36
N PHE B 253 10.89 -36.67 -13.97
CA PHE B 253 11.89 -35.63 -13.76
C PHE B 253 12.78 -35.96 -12.58
N LYS B 254 12.25 -36.64 -11.59
CA LYS B 254 13.06 -37.14 -10.49
C LYS B 254 13.88 -38.37 -10.86
N GLN B 255 13.50 -39.10 -11.90
CA GLN B 255 14.34 -40.21 -12.34
C GLN B 255 15.71 -39.71 -12.74
N ASN B 256 15.77 -38.57 -13.42
CA ASN B 256 17.03 -37.85 -13.47
C ASN B 256 17.13 -36.94 -12.26
N ASP B 257 18.29 -36.33 -12.07
CA ASP B 257 18.44 -35.41 -10.95
C ASP B 257 17.94 -34.04 -11.38
N LYS B 258 16.69 -34.01 -11.85
CA LYS B 258 16.15 -32.81 -12.48
C LYS B 258 14.84 -32.40 -11.85
N LEU B 259 14.67 -32.62 -10.56
CA LEU B 259 13.39 -32.29 -9.94
C LEU B 259 13.15 -30.79 -9.96
N GLU B 260 14.20 -30.00 -9.74
CA GLU B 260 14.04 -28.56 -9.62
C GLU B 260 13.38 -27.96 -10.85
N LYS B 261 13.76 -28.43 -12.03
CA LYS B 261 13.23 -27.86 -13.26
C LYS B 261 11.71 -27.89 -13.32
N ILE B 262 11.07 -28.78 -12.57
CA ILE B 262 9.61 -28.82 -12.59
C ILE B 262 9.04 -27.47 -12.26
N ARG B 263 9.64 -26.75 -11.31
CA ARG B 263 9.17 -25.39 -11.05
C ARG B 263 9.15 -24.60 -12.33
N ILE B 264 10.31 -24.45 -12.96
CA ILE B 264 10.39 -23.79 -14.26
C ILE B 264 9.32 -24.33 -15.19
N LEU B 265 9.22 -25.65 -15.27
CA LEU B 265 8.30 -26.25 -16.23
C LEU B 265 6.90 -25.71 -16.04
N ALA B 266 6.42 -25.65 -14.79
CA ALA B 266 5.06 -25.21 -14.56
C ALA B 266 4.84 -23.83 -15.17
N ASP B 267 5.74 -22.89 -14.91
CA ASP B 267 5.59 -21.57 -15.49
C ASP B 267 5.56 -21.66 -17.01
N ALA B 268 6.47 -22.45 -17.59
CA ALA B 268 6.47 -22.64 -19.04
C ALA B 268 5.09 -23.05 -19.53
N ILE B 269 4.52 -24.07 -18.91
CA ILE B 269 3.24 -24.55 -19.40
C ILE B 269 2.20 -23.47 -19.27
N ARG B 270 2.24 -22.71 -18.18
CA ARG B 270 1.28 -21.64 -18.00
C ARG B 270 1.41 -20.62 -19.14
N THR B 271 2.63 -20.29 -19.54
CA THR B 271 2.79 -19.30 -20.60
C THR B 271 2.19 -19.79 -21.91
N LEU B 272 2.11 -21.09 -22.12
CA LEU B 272 1.56 -21.56 -23.38
C LEU B 272 0.10 -21.16 -23.54
N ARG B 273 -0.53 -20.61 -22.50
CA ARG B 273 -1.90 -20.15 -22.66
C ARG B 273 -1.99 -18.92 -23.55
N LEU B 274 -0.87 -18.24 -23.80
CA LEU B 274 -0.89 -17.03 -24.61
C LEU B 274 -0.63 -17.30 -26.09
N HIS B 275 -0.47 -18.56 -26.48
CA HIS B 275 -0.02 -18.87 -27.83
C HIS B 275 -1.07 -19.52 -28.68
N GLY B 276 -2.01 -20.23 -28.09
CA GLY B 276 -2.93 -21.03 -28.87
C GLY B 276 -2.34 -22.38 -29.19
N GLU B 277 -3.23 -23.35 -29.40
CA GLU B 277 -2.83 -24.74 -29.49
C GLU B 277 -1.85 -25.03 -30.60
N GLY B 278 -1.47 -24.04 -31.39
CA GLY B 278 -0.56 -24.30 -32.48
C GLY B 278 0.81 -24.75 -32.02
N VAL B 279 1.34 -24.13 -30.97
CA VAL B 279 2.68 -24.45 -30.50
C VAL B 279 2.83 -25.94 -30.25
N ILE B 280 1.74 -26.61 -29.86
CA ILE B 280 1.80 -28.04 -29.63
C ILE B 280 1.52 -28.80 -30.91
N GLU B 281 0.32 -28.60 -31.47
CA GLU B 281 -0.08 -29.32 -32.66
C GLU B 281 0.85 -29.11 -33.84
N LYS B 282 1.69 -28.07 -33.83
CA LYS B 282 2.53 -27.78 -34.98
C LYS B 282 4.02 -27.77 -34.63
N ASP B 283 4.40 -28.36 -33.49
CA ASP B 283 5.79 -28.48 -33.08
C ASP B 283 6.53 -27.16 -33.17
N GLU B 284 6.10 -26.18 -32.38
CA GLU B 284 6.75 -24.88 -32.40
C GLU B 284 7.58 -24.61 -31.17
N LEU B 285 7.61 -25.53 -30.22
CA LEU B 285 8.48 -25.35 -29.07
C LEU B 285 9.92 -25.39 -29.54
N PRO B 286 10.81 -24.66 -28.89
CA PRO B 286 12.16 -24.51 -29.40
C PRO B 286 12.87 -25.85 -29.57
N ASP B 287 13.48 -26.01 -30.73
CA ASP B 287 14.25 -27.19 -31.02
C ASP B 287 15.54 -27.18 -30.23
N GLY B 288 16.19 -28.32 -30.16
CA GLY B 288 17.35 -28.44 -29.29
C GLY B 288 18.59 -27.71 -29.74
N LYS B 289 19.29 -28.24 -30.74
CA LYS B 289 20.59 -27.70 -31.13
C LYS B 289 21.08 -28.49 -32.34
N GLU B 290 22.01 -27.91 -33.07
CA GLU B 290 22.55 -28.56 -34.26
C GLU B 290 23.25 -29.85 -33.89
N GLU B 291 22.64 -30.97 -34.22
CA GLU B 291 23.27 -32.28 -34.16
C GLU B 291 23.54 -32.73 -32.74
N ARG B 292 23.03 -31.99 -31.75
CA ARG B 292 23.24 -32.34 -30.35
C ARG B 292 22.30 -33.47 -29.96
N ASP B 293 22.83 -34.54 -29.38
CA ASP B 293 22.02 -35.72 -29.14
C ASP B 293 21.16 -35.62 -27.89
N LYS B 294 21.23 -34.50 -27.17
CA LYS B 294 20.29 -34.30 -26.08
C LYS B 294 19.05 -33.52 -26.53
N GLY B 295 19.15 -32.73 -27.58
CA GLY B 295 18.03 -31.89 -27.90
C GLY B 295 17.91 -30.78 -26.88
N HIS B 296 16.69 -30.31 -26.67
CA HIS B 296 16.46 -29.23 -25.73
C HIS B 296 16.66 -29.73 -24.32
N HIS B 297 16.96 -28.80 -23.41
CA HIS B 297 17.21 -29.22 -22.03
C HIS B 297 15.93 -29.36 -21.23
N LEU B 298 14.87 -28.63 -21.59
CA LEU B 298 13.58 -28.83 -20.92
C LEU B 298 12.70 -29.80 -21.70
N TRP B 299 12.26 -29.40 -22.88
CA TRP B 299 11.63 -30.36 -23.75
C TRP B 299 12.70 -31.29 -24.27
N ASP B 300 12.30 -32.43 -24.80
CA ASP B 300 13.20 -33.52 -25.15
C ASP B 300 13.81 -34.21 -23.94
N ILE B 301 13.39 -33.87 -22.74
CA ILE B 301 13.65 -34.74 -21.60
C ILE B 301 12.74 -35.96 -21.74
N LYS B 302 13.34 -37.14 -21.76
CA LYS B 302 12.53 -38.34 -21.94
C LYS B 302 11.68 -38.58 -20.70
N VAL B 303 10.38 -38.81 -20.90
CA VAL B 303 9.46 -39.05 -19.79
C VAL B 303 9.37 -40.55 -19.52
N GLN B 304 8.90 -41.33 -20.48
CA GLN B 304 9.07 -42.77 -20.43
C GLN B 304 10.02 -43.22 -21.53
N GLY B 305 9.67 -42.95 -22.78
CA GLY B 305 10.61 -43.02 -23.86
C GLY B 305 10.31 -41.89 -24.81
N THR B 306 9.30 -41.10 -24.46
CA THR B 306 8.90 -39.93 -25.21
C THR B 306 9.65 -38.72 -24.72
N ALA B 307 10.10 -37.90 -25.66
CA ALA B 307 10.50 -36.56 -25.31
C ALA B 307 9.31 -35.83 -24.71
N LEU B 308 9.58 -34.88 -23.83
CA LEU B 308 8.50 -34.25 -23.09
C LEU B 308 7.55 -33.51 -24.03
N ARG B 309 8.05 -33.03 -25.17
CA ARG B 309 7.18 -32.30 -26.09
C ARG B 309 6.13 -33.23 -26.69
N THR B 310 6.52 -34.45 -27.04
CA THR B 310 5.56 -35.41 -27.54
C THR B 310 4.56 -35.78 -26.46
N LYS B 311 5.01 -35.95 -25.22
CA LYS B 311 4.08 -36.27 -24.16
C LYS B 311 3.08 -35.14 -23.97
N LEU B 312 3.53 -33.90 -24.09
CA LEU B 312 2.59 -32.78 -24.04
C LEU B 312 1.56 -32.88 -25.15
N LYS B 313 2.02 -33.20 -26.36
CA LYS B 313 1.07 -33.34 -27.46
C LYS B 313 0.04 -34.44 -27.18
N GLU B 314 0.45 -35.52 -26.53
CA GLU B 314 -0.51 -36.57 -26.21
C GLU B 314 -1.49 -36.13 -25.13
N LEU B 315 -1.00 -35.44 -24.10
CA LEU B 315 -1.90 -34.91 -23.10
C LEU B 315 -2.94 -34.01 -23.73
N TRP B 316 -2.53 -33.20 -24.71
CA TRP B 316 -3.50 -32.38 -25.43
C TRP B 316 -4.51 -33.26 -26.14
N GLN B 317 -4.03 -34.15 -27.01
CA GLN B 317 -4.94 -34.98 -27.79
C GLN B 317 -5.94 -35.70 -26.90
N SER B 318 -5.62 -35.87 -25.62
CA SER B 318 -6.62 -36.41 -24.71
C SER B 318 -7.62 -35.36 -24.29
N ASN B 319 -7.16 -34.24 -23.73
CA ASN B 319 -8.03 -33.26 -23.07
C ASN B 319 -8.41 -32.12 -23.99
N LYS B 320 -8.67 -32.35 -25.27
CA LYS B 320 -8.97 -31.23 -26.17
C LYS B 320 -10.28 -30.53 -25.80
N ASP B 321 -11.00 -31.00 -24.79
CA ASP B 321 -12.34 -30.51 -24.53
C ASP B 321 -12.41 -29.46 -23.44
N ILE B 322 -11.40 -29.34 -22.58
CA ILE B 322 -11.39 -28.22 -21.66
C ILE B 322 -11.07 -26.94 -22.39
N GLY B 323 -10.54 -27.04 -23.59
CA GLY B 323 -10.05 -25.87 -24.27
C GLY B 323 -8.58 -25.62 -23.98
N TRP B 324 -7.92 -24.88 -24.86
CA TRP B 324 -6.49 -24.69 -24.73
C TRP B 324 -6.13 -24.02 -23.41
N ARG B 325 -6.87 -22.98 -23.03
CA ARG B 325 -6.50 -22.20 -21.86
C ARG B 325 -6.60 -23.02 -20.57
N LYS B 326 -7.74 -23.65 -20.35
CA LYS B 326 -7.90 -24.47 -19.15
C LYS B 326 -6.86 -25.57 -19.11
N PHE B 327 -6.58 -26.19 -20.25
CA PHE B 327 -5.59 -27.26 -20.29
C PHE B 327 -4.23 -26.77 -19.83
N THR B 328 -3.76 -25.67 -20.41
CA THR B 328 -2.42 -25.22 -20.08
C THR B 328 -2.32 -24.74 -18.64
N GLU B 329 -3.32 -23.98 -18.17
CA GLU B 329 -3.25 -23.49 -16.80
C GLU B 329 -3.40 -24.60 -15.79
N MET B 330 -4.27 -25.58 -16.06
CA MET B 330 -4.44 -26.69 -15.14
C MET B 330 -3.19 -27.56 -15.09
N LEU B 331 -2.57 -27.83 -16.23
CA LEU B 331 -1.34 -28.61 -16.19
C LEU B 331 -0.26 -27.87 -15.42
N GLY B 332 -0.12 -26.57 -15.66
CA GLY B 332 0.86 -25.80 -14.92
C GLY B 332 0.62 -25.83 -13.42
N SER B 333 -0.60 -25.56 -12.99
CA SER B 333 -0.87 -25.48 -11.56
C SER B 333 -0.72 -26.84 -10.91
N ASN B 334 -1.08 -27.91 -11.62
CA ASN B 334 -0.89 -29.25 -11.08
C ASN B 334 0.58 -29.58 -10.90
N LEU B 335 1.40 -29.22 -11.89
CA LEU B 335 2.83 -29.45 -11.75
C LEU B 335 3.40 -28.68 -10.57
N TYR B 336 2.99 -27.42 -10.41
CA TYR B 336 3.43 -26.64 -9.26
C TYR B 336 3.05 -27.32 -7.96
N LEU B 337 1.83 -27.82 -7.85
CA LEU B 337 1.40 -28.45 -6.61
C LEU B 337 2.23 -29.69 -6.32
N ILE B 338 2.43 -30.54 -7.32
CA ILE B 338 3.23 -31.73 -7.07
C ILE B 338 4.64 -31.35 -6.68
N TYR B 339 5.21 -30.36 -7.35
CA TYR B 339 6.53 -29.87 -6.97
C TYR B 339 6.57 -29.51 -5.50
N LYS B 340 5.64 -28.67 -5.05
CA LYS B 340 5.64 -28.25 -3.67
C LYS B 340 5.51 -29.45 -2.74
N LYS B 341 4.72 -30.44 -3.14
CA LYS B 341 4.62 -31.64 -2.32
C LYS B 341 5.97 -32.31 -2.17
N GLU B 342 6.69 -32.51 -3.27
CA GLU B 342 7.95 -33.23 -3.21
C GLU B 342 8.98 -32.50 -2.37
N THR B 343 9.03 -31.17 -2.46
CA THR B 343 10.12 -30.42 -1.83
C THR B 343 9.75 -30.05 -0.40
N GLY B 344 8.81 -30.80 0.16
CA GLY B 344 8.48 -30.63 1.56
C GLY B 344 7.25 -29.81 1.86
N GLY B 345 6.18 -29.93 1.07
CA GLY B 345 4.88 -29.41 1.43
C GLY B 345 4.57 -28.07 0.80
N VAL B 346 3.27 -27.81 0.68
CA VAL B 346 2.82 -26.56 0.07
C VAL B 346 3.05 -25.40 1.03
N SER B 347 3.33 -24.24 0.47
CA SER B 347 3.40 -23.02 1.26
C SER B 347 2.01 -22.63 1.73
N THR B 348 1.88 -22.38 3.02
CA THR B 348 0.61 -21.95 3.59
C THR B 348 0.72 -20.51 4.02
N ARG B 349 -0.43 -19.86 4.14
CA ARG B 349 -0.51 -18.47 4.53
C ARG B 349 -1.41 -18.33 5.74
N PHE B 350 -0.97 -17.56 6.71
CA PHE B 350 -1.77 -17.32 7.92
C PHE B 350 -1.30 -16.00 8.51
N ARG B 351 -2.15 -14.99 8.50
CA ARG B 351 -1.82 -13.71 9.10
C ARG B 351 -2.03 -13.79 10.60
N ILE B 352 -1.03 -13.39 11.37
CA ILE B 352 -1.08 -13.60 12.80
C ILE B 352 -2.11 -12.69 13.44
N LEU B 353 -1.99 -11.39 13.21
CA LEU B 353 -2.96 -10.42 13.68
C LEU B 353 -3.11 -9.33 12.64
N GLY B 354 -4.30 -8.78 12.53
CA GLY B 354 -4.53 -7.67 11.64
C GLY B 354 -5.50 -7.94 10.52
N ASP B 355 -5.96 -9.18 10.38
CA ASP B 355 -6.89 -9.53 9.30
C ASP B 355 -8.28 -9.10 9.69
N THR B 356 -8.61 -7.86 9.36
CA THR B 356 -9.83 -7.21 9.84
C THR B 356 -10.92 -7.30 8.78
N GLU B 357 -11.78 -8.28 8.91
CA GLU B 357 -13.00 -8.34 8.11
C GLU B 357 -14.09 -7.69 8.92
N TYR B 358 -14.50 -6.49 8.52
CA TYR B 358 -15.32 -5.62 9.34
C TYR B 358 -16.68 -5.41 8.71
N TYR B 359 -17.74 -5.71 9.46
CA TYR B 359 -19.09 -5.29 9.16
C TYR B 359 -19.59 -4.47 10.33
N SER B 360 -20.42 -3.46 10.06
CA SER B 360 -20.96 -2.65 11.15
C SER B 360 -21.88 -3.50 12.02
N LYS B 361 -21.78 -3.31 13.33
CA LYS B 361 -22.54 -4.12 14.27
C LYS B 361 -24.01 -3.71 14.26
N ALA B 362 -24.89 -4.70 14.08
CA ALA B 362 -26.32 -4.41 14.09
C ALA B 362 -26.80 -3.88 15.44
N HIS B 363 -26.03 -4.11 16.50
CA HIS B 363 -26.37 -3.57 17.81
C HIS B 363 -26.44 -2.06 17.73
N ASP B 364 -27.65 -1.52 17.79
CA ASP B 364 -27.84 -0.09 17.60
C ASP B 364 -27.14 0.69 18.70
N SER B 365 -26.74 1.94 18.39
CA SER B 365 -26.16 2.78 19.42
C SER B 365 -27.14 2.91 20.57
N GLU B 366 -28.25 3.59 20.32
CA GLU B 366 -29.54 3.46 20.99
C GLU B 366 -30.41 4.58 20.46
N GLY B 367 -31.73 4.39 20.55
CA GLY B 367 -32.68 5.48 20.38
C GLY B 367 -32.38 6.35 19.17
N SER B 368 -31.74 5.74 18.18
CA SER B 368 -31.44 6.39 16.92
C SER B 368 -32.59 6.24 15.95
N ASP B 369 -33.80 6.09 16.46
CA ASP B 369 -35.00 6.11 15.64
C ASP B 369 -35.38 7.57 15.40
N LEU B 370 -34.94 8.08 14.26
CA LEU B 370 -35.15 9.47 13.91
C LEU B 370 -35.89 9.55 12.59
N PHE B 371 -36.86 10.45 12.51
CA PHE B 371 -37.57 10.74 11.27
C PHE B 371 -37.12 12.11 10.81
N ILE B 372 -36.48 12.17 9.65
CA ILE B 372 -35.82 13.38 9.18
C ILE B 372 -36.48 13.87 7.89
N PRO B 373 -37.49 14.72 7.96
CA PRO B 373 -38.09 15.24 6.73
C PRO B 373 -37.21 16.29 6.08
N VAL B 374 -37.15 16.24 4.76
CA VAL B 374 -36.55 17.28 3.94
C VAL B 374 -37.60 17.74 2.95
N THR B 375 -37.77 19.06 2.84
CA THR B 375 -38.83 19.60 1.99
C THR B 375 -38.20 20.38 0.86
N PRO B 376 -38.15 19.86 -0.36
CA PRO B 376 -37.54 20.58 -1.47
C PRO B 376 -38.28 21.87 -1.76
N PRO B 377 -37.57 22.94 -2.07
CA PRO B 377 -38.23 24.22 -2.33
C PRO B 377 -39.20 24.09 -3.48
N GLU B 378 -40.29 24.85 -3.42
CA GLU B 378 -41.16 24.95 -4.57
C GLU B 378 -40.41 25.58 -5.72
N GLY B 379 -40.74 25.16 -6.93
CA GLY B 379 -40.16 25.73 -8.12
C GLY B 379 -38.83 25.14 -8.53
N ILE B 380 -38.13 24.44 -7.63
CA ILE B 380 -36.85 23.84 -8.00
C ILE B 380 -37.12 22.79 -9.07
N GLU B 381 -36.12 22.57 -9.92
CA GLU B 381 -36.28 21.69 -11.07
C GLU B 381 -35.38 20.48 -10.95
N THR B 382 -35.80 19.38 -11.54
CA THR B 382 -35.13 18.11 -11.38
C THR B 382 -34.84 17.50 -12.74
N LYS B 383 -33.60 17.07 -12.94
CA LYS B 383 -33.16 16.50 -14.19
C LYS B 383 -32.15 15.41 -13.90
N GLU B 384 -32.09 14.43 -14.79
CA GLU B 384 -31.12 13.34 -14.71
C GLU B 384 -30.14 13.49 -15.86
N TRP B 385 -28.89 13.78 -15.54
CA TRP B 385 -27.86 13.87 -16.55
C TRP B 385 -27.17 12.52 -16.67
N ILE B 386 -26.86 12.11 -17.90
CA ILE B 386 -26.20 10.84 -18.12
C ILE B 386 -24.99 11.05 -19.00
N ILE B 387 -23.86 10.49 -18.58
CA ILE B 387 -22.60 10.54 -19.31
C ILE B 387 -22.33 9.16 -19.87
N VAL B 388 -21.98 9.08 -21.15
CA VAL B 388 -21.55 7.82 -21.74
C VAL B 388 -20.23 8.04 -22.44
N GLY B 389 -19.40 7.00 -22.45
CA GLY B 389 -18.12 7.09 -23.13
C GLY B 389 -17.38 5.78 -23.00
N ARG B 390 -16.06 5.87 -23.13
CA ARG B 390 -15.20 4.71 -23.06
C ARG B 390 -13.96 5.02 -22.23
N LEU B 391 -13.65 4.13 -21.29
CA LEU B 391 -12.41 4.17 -20.53
C LEU B 391 -11.37 3.35 -21.27
N LYS B 392 -10.27 3.98 -21.66
CA LYS B 392 -9.19 3.30 -22.36
C LYS B 392 -7.99 3.17 -21.44
N ALA B 393 -7.46 1.95 -21.34
CA ALA B 393 -6.29 1.67 -20.53
C ALA B 393 -5.06 2.30 -21.16
N ALA B 394 -4.36 3.13 -20.41
CA ALA B 394 -3.16 3.79 -20.92
C ALA B 394 -1.87 3.09 -20.50
N THR B 395 -1.95 2.18 -19.56
CA THR B 395 -0.82 1.43 -19.07
C THR B 395 -1.31 0.01 -18.89
N PRO B 396 -0.46 -0.95 -18.60
CA PRO B 396 -0.96 -2.21 -18.05
C PRO B 396 -1.85 -1.91 -16.85
N PHE B 397 -2.89 -2.69 -16.68
CA PHE B 397 -3.83 -2.43 -15.60
C PHE B 397 -3.95 -3.66 -14.73
N TYR B 398 -4.45 -3.46 -13.51
CA TYR B 398 -4.54 -4.52 -12.53
C TYR B 398 -5.67 -4.23 -11.56
N PHE B 399 -6.66 -5.12 -11.53
CA PHE B 399 -7.71 -5.09 -10.52
C PHE B 399 -7.57 -6.37 -9.71
N GLY B 400 -7.13 -6.24 -8.46
CA GLY B 400 -6.79 -7.41 -7.69
C GLY B 400 -7.99 -8.22 -7.27
N VAL B 401 -7.71 -9.49 -6.97
CA VAL B 401 -8.72 -10.44 -6.54
C VAL B 401 -7.97 -11.55 -5.81
N GLN B 402 -8.69 -12.29 -4.97
CA GLN B 402 -8.04 -13.31 -4.17
C GLN B 402 -7.86 -14.59 -4.99
N GLN B 403 -7.18 -15.58 -4.40
CA GLN B 403 -6.92 -16.82 -5.13
C GLN B 403 -8.24 -17.44 -5.57
N PRO B 404 -8.24 -18.15 -6.69
CA PRO B 404 -9.50 -18.76 -7.16
C PRO B 404 -10.16 -19.65 -6.13
N SER B 405 -9.38 -20.45 -5.40
CA SER B 405 -9.96 -21.35 -4.42
C SER B 405 -10.54 -20.61 -3.22
N ASP B 406 -10.18 -19.34 -3.05
CA ASP B 406 -10.77 -18.52 -2.02
C ASP B 406 -12.07 -17.88 -2.47
N SER B 407 -12.43 -18.05 -3.74
CA SER B 407 -13.56 -17.37 -4.33
C SER B 407 -14.79 -18.26 -4.49
N ILE B 408 -14.79 -19.45 -3.90
CA ILE B 408 -15.94 -20.34 -3.97
C ILE B 408 -16.98 -19.82 -2.99
N PRO B 409 -18.20 -19.51 -3.43
CA PRO B 409 -19.10 -18.79 -2.53
C PRO B 409 -19.59 -19.60 -1.35
N GLY B 410 -19.99 -20.86 -1.54
CA GLY B 410 -20.51 -21.60 -0.40
C GLY B 410 -19.46 -21.94 0.63
N LYS B 411 -18.26 -22.31 0.18
CA LYS B 411 -17.22 -22.85 1.05
C LYS B 411 -16.33 -21.71 1.52
N GLU B 412 -16.81 -20.93 2.48
CA GLU B 412 -15.92 -20.05 3.21
C GLU B 412 -15.53 -20.71 4.51
N LYS B 413 -14.29 -20.44 4.96
CA LYS B 413 -13.70 -21.21 6.05
C LYS B 413 -14.58 -21.20 7.29
N LYS B 414 -14.84 -20.02 7.86
CA LYS B 414 -15.57 -19.91 9.12
C LYS B 414 -14.89 -20.70 10.23
N SER B 415 -13.58 -20.57 10.34
CA SER B 415 -12.87 -21.39 11.31
C SER B 415 -11.81 -20.63 12.09
N GLU B 416 -11.39 -19.47 11.60
CA GLU B 416 -10.64 -18.49 12.38
C GLU B 416 -9.18 -18.85 12.62
N ASP B 417 -8.81 -20.09 12.35
CA ASP B 417 -7.42 -20.49 12.45
C ASP B 417 -7.01 -21.38 11.29
N SER B 418 -7.79 -21.40 10.22
CA SER B 418 -7.44 -22.19 9.06
C SER B 418 -6.20 -21.63 8.39
N LEU B 419 -5.43 -22.53 7.81
CA LEU B 419 -4.33 -22.18 6.94
C LEU B 419 -4.86 -22.17 5.52
N VAL B 420 -4.56 -21.14 4.78
CA VAL B 420 -4.94 -21.10 3.38
C VAL B 420 -3.73 -21.39 2.52
N ILE B 421 -3.87 -22.38 1.64
CA ILE B 421 -2.78 -22.84 0.80
C ILE B 421 -2.63 -21.86 -0.34
N ASN B 422 -1.45 -21.28 -0.50
CA ASN B 422 -1.32 -20.32 -1.58
C ASN B 422 -0.96 -21.04 -2.86
N GLU B 423 -1.47 -20.52 -3.95
CA GLU B 423 -1.56 -21.22 -5.22
C GLU B 423 -0.46 -20.80 -6.16
N HIS B 424 -0.55 -21.28 -7.40
CA HIS B 424 0.53 -21.10 -8.36
C HIS B 424 0.79 -19.63 -8.66
N THR B 425 -0.25 -18.82 -8.83
CA THR B 425 -0.05 -17.54 -9.48
C THR B 425 0.31 -16.42 -8.51
N SER B 426 -0.40 -16.31 -7.39
CA SER B 426 -0.11 -15.44 -6.26
C SER B 426 -0.54 -13.99 -6.44
N PHE B 427 -0.89 -13.54 -7.64
CA PHE B 427 -1.45 -12.21 -7.79
C PHE B 427 -2.42 -12.27 -8.97
N ASN B 428 -3.68 -12.53 -8.66
CA ASN B 428 -4.67 -12.78 -9.70
C ASN B 428 -5.39 -11.49 -10.03
N ILE B 429 -5.69 -11.32 -11.31
CA ILE B 429 -6.47 -10.20 -11.79
C ILE B 429 -7.92 -10.62 -11.86
N LEU B 430 -8.84 -9.65 -11.79
CA LEU B 430 -10.26 -9.94 -11.76
C LEU B 430 -10.81 -10.08 -13.17
N LEU B 431 -11.60 -11.13 -13.38
CA LEU B 431 -12.22 -11.41 -14.67
C LEU B 431 -13.64 -11.88 -14.42
N ASP B 432 -14.50 -11.73 -15.42
CA ASP B 432 -15.84 -12.27 -15.29
C ASP B 432 -15.82 -13.75 -15.66
N LYS B 433 -16.99 -14.35 -15.84
CA LYS B 433 -17.05 -15.78 -16.11
C LYS B 433 -16.61 -16.11 -17.52
N GLU B 434 -16.76 -15.17 -18.45
CA GLU B 434 -16.33 -15.38 -19.82
C GLU B 434 -14.86 -15.06 -20.02
N ASN B 435 -14.12 -14.86 -18.94
CA ASN B 435 -12.70 -14.56 -18.93
C ASN B 435 -12.41 -13.17 -19.46
N ARG B 436 -13.43 -12.36 -19.67
CA ARG B 436 -13.26 -10.97 -20.06
C ARG B 436 -12.78 -10.14 -18.89
N TYR B 437 -12.04 -9.08 -19.19
CA TYR B 437 -11.57 -8.18 -18.15
C TYR B 437 -12.71 -7.33 -17.64
N ARG B 438 -12.56 -6.85 -16.43
CA ARG B 438 -13.66 -6.26 -15.70
C ARG B 438 -13.19 -5.06 -14.90
N ILE B 439 -13.92 -3.96 -15.00
CA ILE B 439 -13.76 -2.84 -14.07
C ILE B 439 -15.00 -2.83 -13.21
N PRO B 440 -14.94 -3.33 -11.98
CA PRO B 440 -16.17 -3.47 -11.19
C PRO B 440 -16.76 -2.12 -10.84
N ARG B 441 -18.04 -2.14 -10.46
CA ARG B 441 -18.67 -0.91 -10.02
C ARG B 441 -18.04 -0.40 -8.74
N SER B 442 -17.62 -1.32 -7.87
CA SER B 442 -17.05 -0.92 -6.59
C SER B 442 -15.74 -0.17 -6.77
N ALA B 443 -14.88 -0.62 -7.68
CA ALA B 443 -13.60 0.04 -7.89
C ALA B 443 -13.78 1.39 -8.56
N LEU B 444 -14.65 1.46 -9.57
CA LEU B 444 -14.88 2.72 -10.26
C LEU B 444 -15.56 3.72 -9.34
N ARG B 445 -16.43 3.26 -8.46
CA ARG B 445 -17.04 4.15 -7.49
C ARG B 445 -16.05 4.61 -6.44
N GLY B 446 -15.17 3.72 -5.98
CA GLY B 446 -14.16 4.13 -5.02
C GLY B 446 -13.20 5.16 -5.58
N ALA B 447 -12.80 4.99 -6.83
CA ALA B 447 -11.93 5.97 -7.46
C ALA B 447 -12.65 7.28 -7.70
N LEU B 448 -13.90 7.23 -8.17
CA LEU B 448 -14.63 8.47 -8.34
C LEU B 448 -14.84 9.20 -7.02
N ARG B 449 -15.07 8.45 -5.94
CA ARG B 449 -15.21 9.10 -4.65
C ARG B 449 -13.88 9.71 -4.20
N ARG B 450 -12.77 9.02 -4.43
CA ARG B 450 -11.48 9.59 -4.09
C ARG B 450 -11.23 10.89 -4.84
N ASP B 451 -11.52 10.89 -6.14
CA ASP B 451 -11.24 12.08 -6.93
C ASP B 451 -12.25 13.20 -6.67
N LEU B 452 -13.47 12.87 -6.30
CA LEU B 452 -14.44 13.90 -5.97
C LEU B 452 -14.13 14.52 -4.63
N ARG B 453 -13.71 13.71 -3.67
CA ARG B 453 -13.24 14.24 -2.40
C ARG B 453 -11.99 15.08 -2.59
N THR B 454 -11.19 14.77 -3.61
CA THR B 454 -10.05 15.63 -3.95
C THR B 454 -10.51 16.93 -4.58
N ALA B 455 -11.54 16.86 -5.41
CA ALA B 455 -12.01 18.05 -6.11
C ALA B 455 -12.71 19.02 -5.17
N PHE B 456 -13.33 18.50 -4.11
CA PHE B 456 -13.94 19.40 -3.13
C PHE B 456 -12.92 19.94 -2.14
N GLY B 457 -11.77 19.30 -2.00
CA GLY B 457 -10.82 19.69 -1.00
C GLY B 457 -11.19 19.27 0.41
N SER B 458 -12.25 18.50 0.57
CA SER B 458 -12.68 18.01 1.87
C SER B 458 -13.55 16.79 1.65
N GLY B 459 -13.65 15.97 2.68
CA GLY B 459 -14.48 14.79 2.62
C GLY B 459 -14.29 13.99 3.88
N CYS B 460 -15.31 13.26 4.30
CA CYS B 460 -15.14 12.42 5.47
C CYS B 460 -14.71 11.02 5.03
N ASN B 461 -14.10 10.28 5.95
CA ASN B 461 -13.85 8.87 5.71
C ASN B 461 -15.14 8.11 5.94
N VAL B 462 -15.42 7.13 5.08
CA VAL B 462 -16.69 6.43 5.11
C VAL B 462 -16.90 5.78 6.47
N SER B 463 -17.93 6.22 7.17
CA SER B 463 -18.28 5.68 8.48
C SER B 463 -19.42 4.70 8.30
N LEU B 464 -19.20 3.46 8.73
CA LEU B 464 -20.10 2.36 8.45
C LEU B 464 -21.18 2.22 9.53
N GLY B 465 -22.41 2.02 9.08
CA GLY B 465 -23.50 1.80 10.00
C GLY B 465 -23.94 3.01 10.78
N GLY B 466 -23.59 4.20 10.32
CA GLY B 466 -23.93 5.40 11.06
C GLY B 466 -25.43 5.53 11.24
N GLN B 467 -25.83 6.13 12.35
CA GLN B 467 -27.24 6.23 12.66
C GLN B 467 -27.91 7.39 11.95
N ILE B 468 -27.15 8.41 11.58
CA ILE B 468 -27.65 9.60 10.90
C ILE B 468 -26.83 9.79 9.63
N LEU B 469 -27.50 10.05 8.52
CA LEU B 469 -26.80 10.32 7.28
C LEU B 469 -25.82 11.47 7.43
N CYS B 470 -24.63 11.31 6.90
CA CYS B 470 -23.70 12.43 6.80
C CYS B 470 -24.11 13.32 5.62
N ASN B 471 -23.92 14.62 5.77
CA ASN B 471 -24.28 15.58 4.75
C ASN B 471 -23.09 16.44 4.32
N CYS B 472 -21.90 15.86 4.24
CA CYS B 472 -20.82 16.48 3.49
C CYS B 472 -21.29 16.73 2.07
N LYS B 473 -20.71 17.74 1.41
CA LYS B 473 -21.01 17.91 0.00
C LYS B 473 -20.61 16.68 -0.80
N VAL B 474 -19.51 16.02 -0.42
CA VAL B 474 -19.14 14.81 -1.11
C VAL B 474 -20.20 13.73 -0.91
N CYS B 475 -20.69 13.57 0.31
CA CYS B 475 -21.72 12.57 0.54
C CYS B 475 -23.00 12.93 -0.20
N ILE B 476 -23.38 14.21 -0.15
CA ILE B 476 -24.61 14.64 -0.83
C ILE B 476 -24.53 14.33 -2.31
N GLU B 477 -23.36 14.55 -2.93
CA GLU B 477 -23.26 14.32 -4.37
C GLU B 477 -23.12 12.84 -4.70
N MET B 478 -22.28 12.13 -3.96
CA MET B 478 -22.13 10.69 -4.17
C MET B 478 -23.44 9.95 -3.97
N ARG B 479 -24.39 10.53 -3.25
CA ARG B 479 -25.68 9.88 -3.13
C ARG B 479 -26.55 10.03 -4.38
N ARG B 480 -26.15 10.87 -5.34
CA ARG B 480 -26.90 11.07 -6.56
C ARG B 480 -26.20 10.52 -7.78
N ILE B 481 -25.28 9.58 -7.60
CA ILE B 481 -24.43 9.09 -8.67
C ILE B 481 -24.57 7.58 -8.75
N THR B 482 -24.89 7.09 -9.93
CA THR B 482 -24.88 5.66 -10.21
C THR B 482 -23.97 5.40 -11.40
N LEU B 483 -23.13 4.40 -11.27
CA LEU B 483 -22.26 3.91 -12.34
C LEU B 483 -22.78 2.57 -12.85
N LYS B 484 -22.02 1.93 -13.72
CA LYS B 484 -22.41 0.65 -14.28
C LYS B 484 -21.17 -0.23 -14.31
N ASP B 485 -21.36 -1.54 -14.18
CA ASP B 485 -20.27 -2.47 -14.34
C ASP B 485 -19.76 -2.45 -15.77
N SER B 486 -18.47 -2.72 -15.95
CA SER B 486 -17.87 -2.70 -17.28
C SER B 486 -17.14 -4.00 -17.54
N VAL B 487 -17.26 -4.51 -18.75
CA VAL B 487 -16.43 -5.61 -19.23
C VAL B 487 -15.90 -5.24 -20.60
N SER B 488 -14.76 -5.79 -20.95
CA SER B 488 -14.19 -5.55 -22.25
C SER B 488 -14.68 -6.59 -23.24
N ASP B 489 -14.33 -6.40 -24.50
CA ASP B 489 -14.57 -7.47 -25.46
C ASP B 489 -13.44 -8.47 -25.44
N PHE B 490 -12.25 -8.04 -25.06
CA PHE B 490 -11.09 -8.91 -24.97
C PHE B 490 -11.33 -10.01 -23.93
N SER B 491 -10.93 -11.22 -24.28
CA SER B 491 -10.86 -12.28 -23.28
C SER B 491 -9.62 -13.14 -23.44
N GLU B 492 -8.56 -12.63 -24.05
CA GLU B 492 -7.31 -13.35 -24.10
C GLU B 492 -6.69 -13.39 -22.71
N PRO B 493 -5.75 -14.30 -22.46
CA PRO B 493 -5.25 -14.47 -21.10
C PRO B 493 -4.38 -13.31 -20.68
N PRO B 494 -4.16 -13.14 -19.38
CA PRO B 494 -3.35 -12.02 -18.90
C PRO B 494 -1.87 -12.32 -19.03
N GLU B 495 -1.06 -11.28 -18.89
CA GLU B 495 0.37 -11.49 -18.93
C GLU B 495 0.91 -11.57 -17.51
N ILE B 496 2.06 -12.21 -17.36
CA ILE B 496 2.65 -12.45 -16.06
C ILE B 496 3.94 -11.64 -15.96
N ARG B 497 3.96 -10.70 -15.04
CA ARG B 497 5.15 -9.93 -14.74
C ARG B 497 5.75 -10.47 -13.46
N TYR B 498 7.05 -10.70 -13.46
CA TYR B 498 7.71 -11.13 -12.24
C TYR B 498 8.31 -9.93 -11.54
N ARG B 499 8.36 -10.01 -10.22
CA ARG B 499 9.04 -9.04 -9.40
C ARG B 499 9.94 -9.78 -8.45
N ILE B 500 11.06 -9.15 -8.12
CA ILE B 500 11.97 -9.63 -7.10
C ILE B 500 12.27 -8.48 -6.16
N ALA B 501 13.04 -8.76 -5.13
CA ALA B 501 13.52 -7.73 -4.23
C ALA B 501 14.98 -7.99 -3.96
N LYS B 502 15.77 -6.93 -3.88
CA LYS B 502 17.21 -7.08 -3.79
C LYS B 502 17.68 -6.84 -2.36
N ASN B 503 18.61 -7.65 -1.91
CA ASN B 503 19.20 -7.47 -0.59
C ASN B 503 20.16 -6.30 -0.65
N PRO B 504 19.92 -5.22 0.07
CA PRO B 504 20.80 -4.06 -0.06
C PRO B 504 22.23 -4.32 0.36
N GLY B 505 22.45 -5.20 1.34
CA GLY B 505 23.80 -5.42 1.81
C GLY B 505 24.69 -6.06 0.76
N THR B 506 24.14 -6.95 -0.05
CA THR B 506 24.91 -7.70 -1.01
C THR B 506 24.55 -7.41 -2.45
N ALA B 507 23.47 -6.67 -2.70
CA ALA B 507 22.98 -6.37 -4.03
C ALA B 507 22.68 -7.62 -4.85
N THR B 508 22.41 -8.74 -4.19
CA THR B 508 21.80 -9.90 -4.79
C THR B 508 20.33 -9.92 -4.42
N VAL B 509 19.68 -11.04 -4.69
CA VAL B 509 18.24 -11.12 -4.45
C VAL B 509 17.98 -11.48 -2.99
N GLU B 510 16.92 -10.92 -2.44
CA GLU B 510 16.49 -11.25 -1.09
C GLU B 510 16.00 -12.69 -1.03
N ASP B 511 16.46 -13.43 -0.03
CA ASP B 511 16.03 -14.82 0.09
C ASP B 511 14.53 -14.89 0.30
N GLY B 512 13.81 -15.39 -0.68
CA GLY B 512 12.39 -15.60 -0.57
C GLY B 512 11.51 -14.56 -1.23
N SER B 513 12.08 -13.60 -1.95
CA SER B 513 11.34 -12.50 -2.55
C SER B 513 11.31 -12.68 -4.06
N LEU B 514 10.26 -13.32 -4.55
CA LEU B 514 10.07 -13.50 -5.99
C LEU B 514 8.63 -13.88 -6.22
N PHE B 515 7.91 -13.11 -7.03
CA PHE B 515 6.49 -13.38 -7.19
C PHE B 515 6.03 -12.94 -8.55
N ASP B 516 4.89 -13.46 -8.99
CA ASP B 516 4.38 -13.22 -10.33
C ASP B 516 2.98 -12.64 -10.28
N ILE B 517 2.69 -11.76 -11.23
CA ILE B 517 1.50 -10.92 -11.21
C ILE B 517 0.80 -11.02 -12.55
N GLU B 518 -0.52 -11.16 -12.54
CA GLU B 518 -1.31 -11.09 -13.76
C GLU B 518 -1.71 -9.65 -14.01
N VAL B 519 -1.26 -9.11 -15.14
CA VAL B 519 -1.64 -7.77 -15.56
C VAL B 519 -2.44 -7.87 -16.84
N GLY B 520 -3.32 -6.89 -17.05
CA GLY B 520 -4.11 -6.81 -18.24
C GLY B 520 -3.42 -5.93 -19.27
N PRO B 521 -3.81 -6.05 -20.54
CA PRO B 521 -3.10 -5.35 -21.59
C PRO B 521 -3.40 -3.87 -21.59
N GLU B 522 -2.44 -3.09 -22.07
CA GLU B 522 -2.71 -1.68 -22.25
C GLU B 522 -3.37 -1.44 -23.60
N GLY B 523 -4.06 -0.33 -23.70
CA GLY B 523 -4.78 -0.02 -24.91
C GLY B 523 -6.15 -0.60 -25.00
N LEU B 524 -6.61 -1.30 -23.97
CA LEU B 524 -7.94 -1.89 -23.95
C LEU B 524 -8.98 -0.84 -23.60
N THR B 525 -10.23 -1.13 -23.93
CA THR B 525 -11.33 -0.19 -23.71
C THR B 525 -12.49 -0.87 -23.02
N PHE B 526 -13.17 -0.10 -22.18
CA PHE B 526 -14.34 -0.51 -21.42
C PHE B 526 -15.44 0.54 -21.58
N PRO B 527 -16.69 0.13 -21.47
CA PRO B 527 -17.78 1.11 -21.55
C PRO B 527 -17.96 1.84 -20.23
N PHE B 528 -18.27 3.13 -20.32
CA PHE B 528 -18.39 3.97 -19.14
C PHE B 528 -19.74 4.67 -19.16
N VAL B 529 -20.52 4.50 -18.09
CA VAL B 529 -21.77 5.20 -17.90
C VAL B 529 -21.76 5.84 -16.52
N LEU B 530 -22.32 7.04 -16.42
CA LEU B 530 -22.49 7.71 -15.14
C LEU B 530 -23.81 8.45 -15.14
N ARG B 531 -24.51 8.43 -14.02
CA ARG B 531 -25.79 9.10 -13.92
C ARG B 531 -25.78 10.03 -12.73
N TYR B 532 -26.27 11.26 -12.92
CA TYR B 532 -26.40 12.23 -11.85
C TYR B 532 -27.82 12.74 -11.82
N ARG B 533 -28.54 12.47 -10.74
CA ARG B 533 -29.94 12.88 -10.62
C ARG B 533 -30.03 14.03 -9.64
N GLY B 534 -30.37 15.21 -10.12
CA GLY B 534 -30.45 16.34 -9.23
C GLY B 534 -30.90 17.60 -9.92
N HIS B 535 -30.61 18.73 -9.28
CA HIS B 535 -31.17 20.01 -9.69
C HIS B 535 -30.22 20.85 -10.52
N LYS B 536 -28.91 20.67 -10.37
CA LYS B 536 -27.94 21.34 -11.22
C LYS B 536 -26.66 20.53 -11.22
N PHE B 537 -25.98 20.51 -12.36
CA PHE B 537 -24.78 19.71 -12.50
C PHE B 537 -23.63 20.33 -11.71
N PRO B 538 -23.00 19.59 -10.81
CA PRO B 538 -21.98 20.19 -9.95
C PRO B 538 -20.71 20.50 -10.73
N GLU B 539 -20.04 21.58 -10.31
CA GLU B 539 -18.78 21.93 -10.96
C GLU B 539 -17.69 20.92 -10.65
N GLN B 540 -17.77 20.31 -9.47
CA GLN B 540 -16.73 19.37 -9.07
C GLN B 540 -16.83 18.07 -9.86
N LEU B 541 -18.04 17.62 -10.16
CA LEU B 541 -18.16 16.42 -10.98
C LEU B 541 -17.72 16.67 -12.41
N SER B 542 -18.02 17.85 -12.95
CA SER B 542 -17.48 18.18 -14.26
C SER B 542 -15.97 18.24 -14.22
N SER B 543 -15.41 18.77 -13.14
CA SER B 543 -13.96 18.77 -12.96
C SER B 543 -13.41 17.36 -12.99
N VAL B 544 -14.08 16.43 -12.32
CA VAL B 544 -13.59 15.05 -12.29
C VAL B 544 -13.66 14.45 -13.68
N ILE B 545 -14.77 14.64 -14.37
CA ILE B 545 -14.93 14.10 -15.71
C ILE B 545 -13.86 14.65 -16.64
N ARG B 546 -13.44 15.90 -16.42
CA ARG B 546 -12.39 16.49 -17.25
C ARG B 546 -11.00 15.99 -16.85
N TYR B 547 -10.79 15.72 -15.56
CA TYR B 547 -9.55 15.12 -15.11
C TYR B 547 -9.35 13.74 -15.71
N TRP B 548 -10.42 12.96 -15.80
CA TRP B 548 -10.33 11.64 -16.40
C TRP B 548 -10.33 11.70 -17.91
N GLU B 549 -10.58 12.87 -18.47
CA GLU B 549 -10.77 12.99 -19.91
C GLU B 549 -9.44 13.00 -20.64
N GLU B 550 -9.39 12.32 -21.76
CA GLU B 550 -8.24 12.38 -22.67
C GLU B 550 -8.64 13.23 -23.86
N ASN B 551 -7.85 14.26 -24.13
CA ASN B 551 -8.07 15.15 -25.26
C ASN B 551 -6.77 15.33 -26.01
N ASP B 552 -6.76 16.30 -26.91
CA ASP B 552 -5.50 16.71 -27.52
C ASP B 552 -4.66 17.46 -26.50
N GLY B 553 -3.44 16.98 -26.30
CA GLY B 553 -2.51 17.64 -25.40
C GLY B 553 -2.69 17.31 -23.94
N LYS B 554 -3.67 16.49 -23.58
CA LYS B 554 -3.88 16.09 -22.20
C LYS B 554 -4.08 14.59 -22.13
N ASN B 555 -3.46 13.96 -21.13
CA ASN B 555 -3.67 12.56 -20.84
C ASN B 555 -4.84 12.43 -19.88
N GLY B 556 -5.47 11.27 -19.87
CA GLY B 556 -6.46 11.01 -18.85
C GLY B 556 -5.79 10.55 -17.57
N MET B 557 -6.34 11.00 -16.44
CA MET B 557 -5.75 10.73 -15.14
C MET B 557 -6.71 9.97 -14.25
N ALA B 558 -7.37 8.96 -14.79
CA ALA B 558 -8.25 8.12 -14.00
C ALA B 558 -7.44 6.94 -13.48
N TRP B 559 -6.96 7.05 -12.24
CA TRP B 559 -6.22 5.97 -11.60
C TRP B 559 -7.20 4.98 -11.00
N LEU B 560 -7.07 3.73 -11.39
CA LEU B 560 -8.04 2.70 -11.06
C LEU B 560 -7.34 1.45 -10.56
N GLY B 561 -7.91 0.82 -9.55
CA GLY B 561 -7.39 -0.45 -9.09
C GLY B 561 -6.07 -0.34 -8.34
N GLY B 562 -5.42 -1.49 -8.23
CA GLY B 562 -4.23 -1.61 -7.41
C GLY B 562 -2.95 -1.32 -8.16
N LEU B 563 -1.85 -1.39 -7.42
CA LEU B 563 -0.51 -1.28 -7.98
C LEU B 563 -0.33 0.02 -8.75
N ASP B 564 -0.69 1.14 -8.12
CA ASP B 564 -0.59 2.43 -8.78
C ASP B 564 0.81 3.01 -8.71
N SER B 565 1.61 2.56 -7.74
CA SER B 565 2.95 3.10 -7.59
C SER B 565 3.87 2.63 -8.70
N THR B 566 3.53 1.52 -9.33
CA THR B 566 4.23 1.06 -10.51
C THR B 566 3.44 1.32 -11.78
N GLY B 567 2.55 2.30 -11.75
CA GLY B 567 1.90 2.76 -12.96
C GLY B 567 0.90 1.83 -13.57
N LYS B 568 0.26 0.97 -12.79
CA LYS B 568 -0.78 0.12 -13.34
C LYS B 568 -2.13 0.80 -13.21
N GLY B 569 -2.89 0.82 -14.29
CA GLY B 569 -4.25 1.29 -14.21
C GLY B 569 -4.45 2.78 -14.36
N ARG B 570 -3.63 3.47 -15.13
CA ARG B 570 -3.98 4.82 -15.52
C ARG B 570 -4.90 4.75 -16.72
N PHE B 571 -6.15 5.11 -16.52
CA PHE B 571 -7.15 5.08 -17.58
C PHE B 571 -7.40 6.48 -18.09
N ALA B 572 -8.08 6.55 -19.23
CA ALA B 572 -8.39 7.85 -19.82
C ALA B 572 -9.76 7.76 -20.47
N LEU B 573 -10.58 8.77 -20.25
CA LEU B 573 -11.90 8.78 -20.84
C LEU B 573 -11.86 9.32 -22.26
N LYS B 574 -12.77 8.83 -23.10
CA LYS B 574 -12.88 9.33 -24.46
C LYS B 574 -14.26 9.06 -25.01
N ASP B 575 -14.59 9.77 -26.07
CA ASP B 575 -15.89 9.66 -26.75
C ASP B 575 -17.03 10.09 -25.84
N ILE B 576 -16.76 11.08 -24.99
CA ILE B 576 -17.75 11.47 -23.99
C ILE B 576 -18.95 12.12 -24.66
N LYS B 577 -20.13 11.70 -24.25
CA LYS B 577 -21.39 12.30 -24.69
C LYS B 577 -22.29 12.43 -23.47
N ILE B 578 -22.66 13.67 -23.15
CA ILE B 578 -23.52 13.98 -22.02
C ILE B 578 -24.91 14.30 -22.53
N PHE B 579 -25.91 13.77 -21.85
CA PHE B 579 -27.30 13.97 -22.21
C PHE B 579 -28.08 14.32 -20.95
N GLU B 580 -29.34 14.69 -21.14
CA GLU B 580 -30.14 15.28 -20.07
C GLU B 580 -31.60 14.88 -20.22
N TRP B 581 -32.17 14.40 -19.11
CA TRP B 581 -33.59 14.12 -19.00
C TRP B 581 -34.24 15.19 -18.15
N ASP B 582 -35.24 15.86 -18.71
CA ASP B 582 -36.07 16.80 -17.95
C ASP B 582 -37.09 15.98 -17.17
N LEU B 583 -36.95 15.99 -15.84
CA LEU B 583 -37.80 15.14 -15.02
C LEU B 583 -39.04 15.88 -14.54
N ASN B 584 -39.10 17.19 -14.76
CA ASN B 584 -40.28 17.94 -14.35
C ASN B 584 -41.32 17.99 -15.46
N GLN B 585 -40.87 17.85 -16.72
CA GLN B 585 -41.74 18.03 -17.86
C GLN B 585 -41.86 16.81 -18.75
N LYS B 586 -40.97 15.84 -18.60
CA LYS B 586 -40.93 14.67 -19.46
C LYS B 586 -40.90 13.38 -18.66
N ILE B 587 -41.47 13.40 -17.45
CA ILE B 587 -41.33 12.23 -16.60
C ILE B 587 -42.05 11.04 -17.21
N ASN B 588 -43.11 11.29 -17.96
CA ASN B 588 -43.81 10.21 -18.63
C ASN B 588 -42.90 9.50 -19.62
N GLU B 589 -42.08 10.25 -20.35
CA GLU B 589 -41.22 9.64 -21.35
C GLU B 589 -39.96 9.05 -20.72
N TYR B 590 -39.48 9.64 -19.64
CA TYR B 590 -38.39 9.00 -18.91
C TYR B 590 -38.82 7.63 -18.41
N ILE B 591 -40.01 7.54 -17.82
CA ILE B 591 -40.52 6.25 -17.36
C ILE B 591 -40.81 5.34 -18.52
N LYS B 592 -41.28 5.89 -19.65
CA LYS B 592 -41.55 5.07 -20.82
C LYS B 592 -40.28 4.42 -21.32
N GLU B 593 -39.19 5.16 -21.36
CA GLU B 593 -37.93 4.63 -21.86
C GLU B 593 -37.16 3.84 -20.82
N ARG B 594 -37.53 3.96 -19.54
CA ARG B 594 -36.81 3.30 -18.43
C ARG B 594 -35.42 3.92 -18.27
N GLY B 595 -35.34 5.23 -18.47
CA GLY B 595 -34.08 5.92 -18.30
C GLY B 595 -32.96 5.43 -19.19
N MET B 596 -33.30 4.68 -20.24
CA MET B 596 -32.32 4.04 -21.12
C MET B 596 -31.42 3.08 -20.36
N ARG B 597 -31.91 2.52 -19.27
CA ARG B 597 -31.08 1.63 -18.47
C ARG B 597 -30.89 0.32 -19.21
N GLY B 598 -29.64 -0.14 -19.27
CA GLY B 598 -29.33 -1.34 -20.04
C GLY B 598 -29.31 -1.14 -21.54
N LYS B 599 -29.42 0.09 -22.01
CA LYS B 599 -29.32 0.42 -23.42
C LYS B 599 -28.30 1.53 -23.64
N GLU B 600 -27.17 1.47 -22.95
CA GLU B 600 -26.28 2.62 -22.92
C GLU B 600 -25.33 2.65 -24.11
N LYS B 601 -24.90 1.50 -24.63
CA LYS B 601 -24.10 1.52 -25.84
C LYS B 601 -24.91 2.04 -27.02
N GLU B 602 -26.20 1.65 -27.07
CA GLU B 602 -27.12 2.23 -28.06
C GLU B 602 -27.10 3.73 -27.99
N LEU B 603 -27.05 4.30 -26.79
CA LEU B 603 -27.01 5.75 -26.66
C LEU B 603 -25.66 6.30 -27.10
N LEU B 604 -24.59 5.56 -26.85
CA LEU B 604 -23.26 6.07 -27.16
C LEU B 604 -23.02 6.17 -28.66
N GLU B 605 -23.39 5.13 -29.41
CA GLU B 605 -23.03 5.08 -30.82
C GLU B 605 -24.15 5.55 -31.75
N MET B 606 -25.22 6.14 -31.22
CA MET B 606 -26.37 6.47 -32.06
C MET B 606 -26.30 7.91 -32.55
N GLY B 607 -27.12 8.19 -33.56
CA GLY B 607 -27.27 9.55 -34.03
C GLY B 607 -28.35 10.30 -33.27
N GLU B 608 -28.17 11.62 -33.19
CA GLU B 608 -29.07 12.45 -32.41
C GLU B 608 -30.47 12.51 -32.97
N SER B 609 -30.66 12.11 -34.23
CA SER B 609 -32.01 12.08 -34.77
C SER B 609 -32.83 10.95 -34.16
N SER B 610 -32.17 9.87 -33.73
CA SER B 610 -32.87 8.75 -33.10
C SER B 610 -32.83 8.82 -31.58
N LEU B 611 -32.51 9.97 -31.02
CA LEU B 611 -32.63 10.15 -29.57
C LEU B 611 -34.10 10.11 -29.16
N PRO B 612 -34.46 9.28 -28.18
CA PRO B 612 -35.87 9.21 -27.79
C PRO B 612 -36.34 10.51 -27.17
N ASP B 613 -37.66 10.71 -27.22
CA ASP B 613 -38.26 11.94 -26.76
C ASP B 613 -37.85 12.25 -25.33
N GLY B 614 -37.53 13.52 -25.07
CA GLY B 614 -37.25 13.98 -23.74
C GLY B 614 -35.80 13.93 -23.33
N LEU B 615 -34.94 13.37 -24.15
CA LEU B 615 -33.52 13.22 -23.85
C LEU B 615 -32.75 14.09 -24.81
N ILE B 616 -32.02 15.07 -24.28
CA ILE B 616 -31.38 16.04 -25.16
C ILE B 616 -29.89 16.17 -24.86
N PRO B 617 -29.08 16.54 -25.83
CA PRO B 617 -27.66 16.75 -25.56
C PRO B 617 -27.43 17.91 -24.61
N TYR B 618 -26.62 17.67 -23.59
CA TYR B 618 -26.23 18.73 -22.69
C TYR B 618 -25.25 19.66 -23.39
N LYS B 619 -25.42 20.96 -23.20
CA LYS B 619 -24.64 21.93 -23.97
C LYS B 619 -23.61 22.68 -23.15
N PHE B 620 -23.70 22.70 -21.83
CA PHE B 620 -22.85 23.56 -21.02
C PHE B 620 -21.83 22.79 -20.20
N PHE B 621 -21.46 21.59 -20.63
CA PHE B 621 -20.31 20.93 -20.05
C PHE B 621 -19.11 21.84 -20.18
N GLU B 622 -18.63 22.36 -19.07
CA GLU B 622 -17.64 23.42 -19.11
C GLU B 622 -16.27 22.89 -19.50
N GLU B 623 -15.50 23.71 -20.19
CA GLU B 623 -14.17 23.30 -20.61
C GLU B 623 -13.23 23.31 -19.41
N ARG B 624 -12.13 22.57 -19.57
CA ARG B 624 -11.18 22.38 -18.46
C ARG B 624 -10.80 23.70 -17.83
N GLU B 625 -10.43 24.69 -18.65
CA GLU B 625 -9.92 25.94 -18.12
C GLU B 625 -10.97 26.77 -17.42
N CYS B 626 -12.26 26.45 -17.57
CA CYS B 626 -13.28 27.25 -16.92
C CYS B 626 -13.59 26.77 -15.51
N LEU B 627 -13.24 25.52 -15.19
CA LEU B 627 -13.60 24.93 -13.91
C LEU B 627 -12.60 25.29 -12.84
N PHE B 628 -13.07 25.94 -11.77
CA PHE B 628 -12.20 26.22 -10.63
C PHE B 628 -11.75 24.96 -9.91
N PRO B 629 -12.62 23.97 -9.62
CA PRO B 629 -12.11 22.77 -8.94
C PRO B 629 -11.02 22.07 -9.72
N TYR B 630 -11.13 22.03 -11.04
CA TYR B 630 -10.13 21.34 -11.84
C TYR B 630 -8.78 22.03 -11.74
N LYS B 631 -8.74 23.35 -11.90
CA LYS B 631 -7.46 24.04 -11.91
C LYS B 631 -6.85 24.10 -10.52
N GLU B 632 -7.67 24.33 -9.51
CA GLU B 632 -7.09 24.55 -8.19
C GLU B 632 -6.69 23.23 -7.52
N ASN B 633 -7.49 22.18 -7.64
CA ASN B 633 -7.29 20.98 -6.83
C ASN B 633 -6.85 19.77 -7.65
N LEU B 634 -7.61 19.39 -8.68
CA LEU B 634 -7.33 18.11 -9.33
C LEU B 634 -6.08 18.17 -10.18
N LYS B 635 -6.03 19.11 -11.12
CA LYS B 635 -4.92 19.18 -12.06
C LYS B 635 -3.55 19.31 -11.40
N PRO B 636 -3.34 20.11 -10.35
CA PRO B 636 -2.02 20.18 -9.74
C PRO B 636 -1.64 18.96 -8.93
N GLN B 637 -2.51 17.95 -8.82
CA GLN B 637 -2.21 16.82 -7.96
C GLN B 637 -0.98 16.07 -8.43
N TRP B 638 -1.05 15.46 -9.61
CA TRP B 638 0.03 14.65 -10.14
C TRP B 638 0.77 15.41 -11.22
N SER B 639 2.08 15.48 -11.10
CA SER B 639 2.92 16.16 -12.07
C SER B 639 3.69 15.14 -12.87
N GLU B 640 3.75 15.33 -14.18
CA GLU B 640 4.40 14.41 -15.08
C GLU B 640 5.85 14.81 -15.30
N VAL B 641 6.75 13.84 -15.26
CA VAL B 641 8.14 14.01 -15.64
C VAL B 641 8.45 12.92 -16.66
N GLN B 642 8.71 13.31 -17.89
CA GLN B 642 8.98 12.36 -18.96
C GLN B 642 10.41 12.54 -19.44
N TYR B 643 11.07 11.45 -19.81
CA TYR B 643 12.47 11.54 -20.19
C TYR B 643 12.89 10.33 -21.01
N THR B 644 13.89 10.54 -21.85
CA THR B 644 14.47 9.51 -22.71
C THR B 644 15.82 9.10 -22.16
N ILE B 645 16.02 7.80 -22.01
CA ILE B 645 17.29 7.23 -21.58
C ILE B 645 17.98 6.64 -22.79
N GLU B 646 19.25 6.96 -22.97
CA GLU B 646 20.04 6.45 -24.09
C GLU B 646 21.02 5.41 -23.59
N VAL B 647 20.81 4.18 -24.03
CA VAL B 647 21.57 3.01 -23.61
C VAL B 647 22.53 2.65 -24.73
N GLY B 648 23.82 2.75 -24.45
CA GLY B 648 24.85 2.57 -25.45
C GLY B 648 25.49 1.20 -25.51
N SER B 649 24.92 0.21 -24.84
CA SER B 649 25.43 -1.15 -24.84
C SER B 649 24.25 -2.09 -24.97
N PRO B 650 24.49 -3.40 -25.08
CA PRO B 650 23.36 -4.33 -25.09
C PRO B 650 22.52 -4.19 -23.84
N LEU B 651 21.21 -4.28 -24.03
CA LEU B 651 20.26 -4.20 -22.93
C LEU B 651 19.53 -5.51 -22.82
N LEU B 652 19.55 -6.09 -21.61
CA LEU B 652 18.90 -7.38 -21.37
C LEU B 652 18.25 -7.36 -19.99
N THR B 653 16.97 -7.03 -19.95
CA THR B 653 16.09 -7.40 -18.85
C THR B 653 15.56 -8.78 -19.20
N ALA B 654 16.06 -9.79 -18.51
CA ALA B 654 15.91 -11.15 -18.99
C ALA B 654 14.49 -11.67 -18.74
N ASP B 655 14.03 -12.52 -19.65
CA ASP B 655 12.80 -13.29 -19.49
C ASP B 655 13.16 -14.72 -19.88
N THR B 656 13.31 -15.59 -18.88
CA THR B 656 13.77 -16.93 -19.17
C THR B 656 12.63 -17.85 -19.58
N ILE B 657 11.42 -17.58 -19.09
CA ILE B 657 10.28 -18.42 -19.45
C ILE B 657 9.94 -18.26 -20.93
N SER B 658 9.85 -17.01 -21.39
CA SER B 658 9.62 -16.79 -22.82
C SER B 658 10.73 -17.39 -23.65
N ALA B 659 11.98 -17.19 -23.24
CA ALA B 659 13.09 -17.85 -23.91
C ALA B 659 12.87 -19.35 -24.01
N LEU B 660 12.19 -19.94 -23.03
CA LEU B 660 11.89 -21.36 -23.11
C LEU B 660 10.74 -21.65 -24.06
N THR B 661 9.91 -20.66 -24.36
CA THR B 661 8.73 -20.88 -25.18
C THR B 661 8.87 -20.43 -26.64
N GLU B 662 9.73 -19.46 -26.92
CA GLU B 662 9.79 -18.84 -28.24
C GLU B 662 10.84 -19.51 -29.12
N PRO B 663 10.66 -19.51 -30.44
CA PRO B 663 11.61 -20.19 -31.32
C PRO B 663 12.99 -19.55 -31.25
N GLY B 664 14.02 -20.39 -31.25
CA GLY B 664 15.38 -19.89 -31.28
C GLY B 664 16.36 -20.62 -30.41
N ASN B 665 15.87 -21.19 -29.31
CA ASN B 665 16.70 -21.85 -28.31
C ASN B 665 17.75 -20.89 -27.75
N ARG B 666 17.26 -19.87 -27.06
CA ARG B 666 18.11 -18.93 -26.35
C ARG B 666 17.95 -19.16 -24.86
N ASP B 667 18.89 -18.66 -24.07
CA ASP B 667 18.82 -18.90 -22.65
C ASP B 667 18.18 -17.73 -21.91
N ALA B 668 18.13 -16.56 -22.52
CA ALA B 668 17.47 -15.39 -21.97
C ALA B 668 17.24 -14.41 -23.10
N ILE B 669 15.98 -13.97 -23.26
CA ILE B 669 15.64 -12.97 -24.25
C ILE B 669 15.13 -11.73 -23.52
N ALA B 670 14.92 -10.67 -24.28
CA ALA B 670 14.54 -9.39 -23.70
C ALA B 670 13.06 -9.35 -23.37
N TYR B 671 12.69 -8.40 -22.52
CA TYR B 671 11.31 -8.29 -22.08
C TYR B 671 10.45 -7.60 -23.13
N LYS B 672 9.26 -8.15 -23.36
CA LYS B 672 8.29 -7.58 -24.27
C LYS B 672 6.92 -7.57 -23.61
N LYS B 673 6.10 -6.59 -23.97
CA LYS B 673 4.74 -6.51 -23.49
C LYS B 673 3.78 -6.55 -24.66
N ARG B 674 2.65 -7.20 -24.45
CA ARG B 674 1.56 -7.18 -25.41
C ARG B 674 0.82 -5.86 -25.31
N VAL B 675 0.49 -5.29 -26.45
CA VAL B 675 -0.24 -4.02 -26.51
C VAL B 675 -1.46 -4.23 -27.37
N TYR B 676 -2.61 -3.83 -26.84
CA TYR B 676 -3.87 -3.99 -27.56
C TYR B 676 -4.17 -2.75 -28.37
N ASN B 677 -4.57 -2.95 -29.62
CA ASN B 677 -4.80 -1.86 -30.56
C ASN B 677 -6.30 -1.72 -30.78
N ASP B 678 -6.86 -0.59 -30.35
CA ASP B 678 -8.31 -0.47 -30.36
C ASP B 678 -8.87 -0.33 -31.77
N GLY B 679 -8.03 0.02 -32.73
CA GLY B 679 -8.51 0.13 -34.10
C GLY B 679 -8.92 -1.21 -34.67
N ASN B 680 -7.96 -2.13 -34.77
CA ASN B 680 -8.19 -3.45 -35.34
C ASN B 680 -8.85 -4.41 -34.38
N ASN B 681 -9.13 -3.98 -33.15
CA ASN B 681 -9.67 -4.86 -32.11
C ASN B 681 -8.85 -6.14 -31.97
N ALA B 682 -7.55 -5.98 -31.75
CA ALA B 682 -6.66 -7.12 -31.68
C ALA B 682 -5.38 -6.72 -30.97
N ILE B 683 -4.55 -7.71 -30.68
CA ILE B 683 -3.23 -7.46 -30.12
C ILE B 683 -2.26 -7.09 -31.23
N GLU B 684 -1.41 -6.11 -30.97
CA GLU B 684 -0.40 -5.75 -31.94
C GLU B 684 0.47 -6.96 -32.26
N PRO B 685 0.60 -7.35 -33.52
CA PRO B 685 1.39 -8.55 -33.81
C PRO B 685 2.87 -8.38 -33.56
N GLU B 686 3.33 -7.16 -33.28
CA GLU B 686 4.71 -6.93 -32.90
C GLU B 686 4.77 -6.35 -31.49
N PRO B 687 5.16 -7.13 -30.50
CA PRO B 687 5.20 -6.61 -29.12
C PRO B 687 6.26 -5.53 -28.94
N ARG B 688 5.96 -4.60 -28.05
CA ARG B 688 6.86 -3.52 -27.73
C ARG B 688 7.86 -3.96 -26.67
N PHE B 689 9.13 -3.71 -26.92
CA PHE B 689 10.16 -3.95 -25.92
C PHE B 689 10.14 -2.83 -24.90
N ALA B 690 10.43 -3.18 -23.65
CA ALA B 690 10.30 -2.22 -22.58
C ALA B 690 11.18 -2.64 -21.42
N VAL B 691 11.29 -1.75 -20.45
CA VAL B 691 11.85 -2.05 -19.14
C VAL B 691 10.72 -1.90 -18.14
N LYS B 692 10.42 -2.97 -17.42
CA LYS B 692 9.29 -2.97 -16.50
C LYS B 692 9.34 -1.73 -15.61
N SER B 693 8.16 -1.17 -15.33
CA SER B 693 8.11 -0.02 -14.45
C SER B 693 8.58 -0.39 -13.06
N GLU B 694 8.45 -1.66 -12.68
CA GLU B 694 8.98 -2.14 -11.41
C GLU B 694 10.49 -1.91 -11.32
N THR B 695 11.22 -2.13 -12.41
CA THR B 695 12.66 -1.94 -12.40
C THR B 695 13.01 -0.46 -12.40
N HIS B 696 12.31 0.32 -13.21
CA HIS B 696 12.38 1.78 -13.16
C HIS B 696 12.29 2.29 -11.71
N ARG B 697 11.20 1.93 -11.03
CA ARG B 697 10.97 2.36 -9.66
C ARG B 697 12.05 1.85 -8.73
N GLY B 698 12.43 0.59 -8.84
CA GLY B 698 13.44 0.04 -7.97
C GLY B 698 14.75 0.76 -8.09
N ILE B 699 15.12 1.14 -9.31
CA ILE B 699 16.39 1.84 -9.52
C ILE B 699 16.34 3.21 -8.86
N PHE B 700 15.26 3.96 -9.09
CA PHE B 700 15.15 5.26 -8.42
C PHE B 700 15.20 5.12 -6.91
N ARG B 701 14.50 4.12 -6.38
CA ARG B 701 14.43 3.93 -4.93
C ARG B 701 15.80 3.57 -4.36
N THR B 702 16.52 2.70 -5.05
CA THR B 702 17.84 2.32 -4.56
C THR B 702 18.82 3.47 -4.68
N ALA B 703 18.66 4.31 -5.69
CA ALA B 703 19.53 5.47 -5.83
C ALA B 703 19.34 6.44 -4.66
N VAL B 704 18.09 6.78 -4.37
CA VAL B 704 17.82 7.67 -3.25
C VAL B 704 18.25 7.03 -1.94
N GLY B 705 17.91 5.75 -1.74
CA GLY B 705 18.30 5.08 -0.52
C GLY B 705 19.79 5.06 -0.31
N ARG B 706 20.55 4.80 -1.37
CA ARG B 706 22.00 4.80 -1.25
C ARG B 706 22.52 6.16 -0.87
N ARG B 707 21.98 7.21 -1.49
CA ARG B 707 22.50 8.55 -1.21
C ARG B 707 22.21 8.97 0.23
N THR B 708 20.97 8.81 0.68
CA THR B 708 20.63 9.33 2.00
C THR B 708 21.19 8.46 3.11
N GLY B 709 21.34 7.17 2.88
CA GLY B 709 21.83 6.26 3.89
C GLY B 709 20.77 5.44 4.58
N ASP B 710 19.53 5.45 4.08
CA ASP B 710 18.45 4.70 4.68
C ASP B 710 18.41 3.25 4.24
N LEU B 711 19.04 2.91 3.12
CA LEU B 711 18.83 1.59 2.53
C LEU B 711 19.24 0.48 3.49
N GLY B 712 20.33 0.68 4.22
CA GLY B 712 20.78 -0.35 5.14
C GLY B 712 20.31 -0.19 6.56
N LYS B 713 19.00 -0.29 6.80
CA LYS B 713 18.46 -0.14 8.14
C LYS B 713 17.36 -1.17 8.37
N GLU B 714 17.13 -1.48 9.64
CA GLU B 714 16.16 -2.49 10.02
C GLU B 714 15.13 -2.02 11.04
N ASP B 715 15.39 -0.93 11.78
CA ASP B 715 14.44 -0.41 12.76
C ASP B 715 13.48 0.52 12.04
N HIS B 716 12.23 0.10 11.92
CA HIS B 716 11.24 0.83 11.15
C HIS B 716 9.91 0.85 11.87
N GLU B 717 9.91 1.28 13.13
CA GLU B 717 8.67 1.33 13.88
C GLU B 717 7.86 2.57 13.55
N ASP B 718 8.39 3.76 13.80
CA ASP B 718 7.70 4.98 13.43
C ASP B 718 8.67 5.77 12.58
N CYS B 719 8.76 5.44 11.30
CA CYS B 719 9.88 5.88 10.48
C CYS B 719 9.49 7.03 9.57
N THR B 720 10.35 8.04 9.52
CA THR B 720 10.30 9.10 8.51
C THR B 720 11.66 9.08 7.84
N CYS B 721 11.84 8.18 6.87
CA CYS B 721 13.19 7.86 6.44
C CYS B 721 13.73 8.85 5.42
N ASP B 722 12.86 9.69 4.86
CA ASP B 722 13.07 10.46 3.63
C ASP B 722 12.96 9.54 2.43
N MET B 723 12.98 8.23 2.65
CA MET B 723 12.72 7.27 1.61
C MET B 723 11.36 6.65 1.75
N CYS B 724 10.87 6.55 2.98
CA CYS B 724 9.49 6.15 3.21
C CYS B 724 8.52 7.30 2.98
N ILE B 725 9.00 8.54 2.94
CA ILE B 725 8.12 9.65 2.63
C ILE B 725 7.98 9.81 1.12
N ILE B 726 8.92 9.26 0.37
CA ILE B 726 8.87 9.40 -1.09
C ILE B 726 8.19 8.19 -1.72
N PHE B 727 8.60 7.00 -1.32
CA PHE B 727 8.14 5.78 -1.96
C PHE B 727 7.15 4.99 -1.13
N GLY B 728 6.72 5.50 0.02
CA GLY B 728 5.79 4.77 0.85
C GLY B 728 6.40 3.57 1.53
N ASN B 729 5.57 2.86 2.28
CA ASN B 729 6.02 1.68 3.02
C ASN B 729 4.81 0.79 3.29
N GLU B 730 4.96 -0.14 4.23
CA GLU B 730 3.86 -1.02 4.62
C GLU B 730 2.61 -0.28 5.00
N HIS B 731 2.72 1.00 5.36
CA HIS B 731 1.61 1.71 5.97
C HIS B 731 1.07 2.87 5.14
N GLU B 732 1.82 3.36 4.17
CA GLU B 732 1.38 4.50 3.37
C GLU B 732 1.78 4.30 1.92
N SER B 733 0.86 4.61 1.02
CA SER B 733 1.13 4.49 -0.39
C SER B 733 2.12 5.55 -0.85
N SER B 734 2.80 5.26 -1.95
CA SER B 734 3.89 6.09 -2.40
C SER B 734 3.41 7.41 -2.97
N LYS B 735 4.30 8.40 -2.93
CA LYS B 735 4.05 9.71 -3.50
C LYS B 735 4.59 9.84 -4.92
N ILE B 736 5.18 8.79 -5.47
CA ILE B 736 5.76 8.83 -6.80
C ILE B 736 5.39 7.54 -7.50
N ARG B 737 4.99 7.64 -8.78
CA ARG B 737 4.47 6.50 -9.52
C ARG B 737 5.16 6.39 -10.87
N PHE B 738 5.71 5.23 -11.16
CA PHE B 738 6.55 5.03 -12.33
C PHE B 738 5.81 4.25 -13.40
N GLU B 739 6.10 4.57 -14.66
CA GLU B 739 5.57 3.82 -15.78
C GLU B 739 6.71 3.16 -16.52
N ASP B 740 6.38 2.36 -17.51
CA ASP B 740 7.39 1.60 -18.22
C ASP B 740 8.31 2.52 -19.00
N LEU B 741 9.52 2.04 -19.26
CA LEU B 741 10.41 2.67 -20.22
C LEU B 741 10.29 1.90 -21.52
N GLU B 742 9.71 2.53 -22.53
CA GLU B 742 9.35 1.84 -23.75
C GLU B 742 10.32 2.20 -24.87
N LEU B 743 10.79 1.19 -25.58
CA LEU B 743 11.69 1.42 -26.69
C LEU B 743 10.97 2.22 -27.77
N ILE B 744 11.62 3.27 -28.26
CA ILE B 744 11.01 4.14 -29.26
C ILE B 744 11.79 4.22 -30.56
N ASN B 745 13.09 3.92 -30.59
CA ASN B 745 13.83 3.90 -31.84
C ASN B 745 14.10 2.48 -32.30
N GLY B 746 13.20 1.56 -32.00
CA GLY B 746 13.41 0.17 -32.33
C GLY B 746 13.44 -0.12 -33.81
N ASN B 747 12.59 0.56 -34.58
CA ASN B 747 12.52 0.33 -36.02
C ASN B 747 13.80 0.73 -36.74
N GLU B 748 14.66 1.52 -36.09
CA GLU B 748 15.88 1.98 -36.75
C GLU B 748 16.91 0.87 -36.88
N PHE B 749 16.71 -0.23 -36.17
CA PHE B 749 17.65 -1.33 -36.22
C PHE B 749 17.17 -2.39 -37.20
N GLU B 750 18.08 -2.87 -38.06
CA GLU B 750 17.72 -3.93 -38.98
C GLU B 750 17.75 -5.30 -38.33
N LYS B 751 18.55 -5.45 -37.28
CA LYS B 751 18.57 -6.68 -36.49
C LYS B 751 18.49 -6.25 -35.03
N LEU B 752 17.26 -6.21 -34.50
CA LEU B 752 17.04 -5.57 -33.21
C LEU B 752 17.77 -6.29 -32.09
N GLU B 753 17.70 -7.61 -32.06
CA GLU B 753 18.38 -8.38 -31.03
C GLU B 753 19.69 -8.95 -31.56
N LYS B 754 20.57 -9.28 -30.62
CA LYS B 754 21.91 -9.75 -30.93
C LYS B 754 22.20 -10.97 -30.07
N HIS B 755 22.79 -11.99 -30.67
CA HIS B 755 23.08 -13.23 -29.97
C HIS B 755 24.51 -13.22 -29.49
N ILE B 756 24.72 -13.22 -28.18
CA ILE B 756 26.05 -13.17 -27.58
C ILE B 756 26.30 -14.45 -26.81
N ASP B 757 27.50 -15.01 -26.96
CA ASP B 757 27.88 -16.24 -26.30
C ASP B 757 28.74 -15.98 -25.09
N HIS B 758 28.68 -16.88 -24.12
CA HIS B 758 29.47 -16.81 -22.91
C HIS B 758 29.85 -18.23 -22.50
N VAL B 759 30.99 -18.33 -21.81
CA VAL B 759 31.48 -19.61 -21.32
C VAL B 759 32.40 -19.33 -20.16
N ALA B 760 32.38 -20.20 -19.16
CA ALA B 760 33.26 -20.05 -18.02
C ALA B 760 34.50 -20.89 -18.22
N ILE B 761 35.65 -20.35 -17.81
CA ILE B 761 36.94 -21.00 -18.04
C ILE B 761 37.44 -21.59 -16.73
N ASP B 762 37.79 -22.87 -16.76
CA ASP B 762 38.37 -23.53 -15.60
C ASP B 762 39.76 -22.97 -15.33
N ARG B 763 39.99 -22.57 -14.07
CA ARG B 763 41.27 -21.94 -13.73
C ARG B 763 42.45 -22.86 -13.92
N PHE B 764 42.28 -24.16 -13.69
CA PHE B 764 43.40 -25.07 -13.82
C PHE B 764 43.62 -25.48 -15.27
N THR B 765 42.64 -26.14 -15.87
CA THR B 765 42.84 -26.68 -17.20
C THR B 765 42.85 -25.60 -18.26
N GLY B 766 42.30 -24.44 -17.95
CA GLY B 766 42.29 -23.35 -18.90
C GLY B 766 41.29 -23.52 -20.01
N GLY B 767 40.60 -24.65 -20.08
CA GLY B 767 39.58 -24.86 -21.08
C GLY B 767 38.20 -24.78 -20.49
N ALA B 768 37.22 -24.76 -21.38
CA ALA B 768 35.85 -24.50 -20.99
C ALA B 768 35.38 -25.48 -19.92
N LEU B 769 34.82 -24.92 -18.83
CA LEU B 769 34.25 -25.73 -17.77
C LEU B 769 33.02 -26.49 -18.28
N ASP B 770 32.76 -27.64 -17.67
CA ASP B 770 31.90 -28.65 -18.29
C ASP B 770 30.52 -28.11 -18.64
N LYS B 771 29.82 -27.51 -17.71
CA LYS B 771 28.43 -27.20 -17.98
C LYS B 771 28.18 -25.70 -18.09
N ALA B 772 29.19 -24.93 -18.46
CA ALA B 772 29.05 -23.49 -18.37
C ALA B 772 29.17 -22.82 -19.73
N LYS B 773 28.41 -23.28 -20.71
CA LYS B 773 28.24 -22.58 -21.96
C LYS B 773 26.83 -22.03 -22.01
N PHE B 774 26.68 -20.77 -22.38
CA PHE B 774 25.36 -20.17 -22.42
C PHE B 774 25.40 -18.95 -23.31
N ASP B 775 24.27 -18.27 -23.42
CA ASP B 775 24.16 -17.18 -24.38
C ASP B 775 22.99 -16.30 -23.99
N THR B 776 22.99 -15.11 -24.56
CA THR B 776 21.98 -14.11 -24.27
C THR B 776 21.54 -13.46 -25.57
N TYR B 777 20.37 -12.84 -25.52
CA TYR B 777 19.74 -12.20 -26.66
C TYR B 777 19.37 -10.76 -26.33
N PRO B 778 20.33 -9.89 -26.05
CA PRO B 778 19.99 -8.53 -25.68
C PRO B 778 19.63 -7.68 -26.88
N LEU B 779 18.89 -6.62 -26.61
CA LEU B 779 18.64 -5.62 -27.64
C LEU B 779 19.96 -4.98 -28.05
N ALA B 780 20.22 -4.97 -29.36
CA ALA B 780 21.55 -4.67 -29.88
C ALA B 780 21.80 -3.17 -29.85
N GLY B 781 22.19 -2.66 -28.68
CA GLY B 781 22.60 -1.28 -28.53
C GLY B 781 24.12 -1.19 -28.61
N SER B 782 24.60 -0.14 -29.24
CA SER B 782 26.02 0.10 -29.40
C SER B 782 26.34 1.57 -29.10
N PRO B 783 27.61 1.90 -28.89
CA PRO B 783 27.94 3.30 -28.58
C PRO B 783 27.59 4.28 -29.69
N LYS B 784 27.57 3.83 -30.95
CA LYS B 784 27.25 4.75 -32.04
C LYS B 784 25.81 4.66 -32.50
N LYS B 785 25.07 3.64 -32.08
CA LYS B 785 23.65 3.49 -32.42
C LYS B 785 22.89 3.07 -31.18
N PRO B 786 22.76 3.97 -30.22
CA PRO B 786 22.22 3.58 -28.91
C PRO B 786 20.72 3.41 -28.94
N LEU B 787 20.23 2.59 -28.02
CA LEU B 787 18.80 2.42 -27.87
C LEU B 787 18.21 3.57 -27.07
N LYS B 788 16.98 3.92 -27.40
CA LYS B 788 16.30 5.06 -26.77
C LYS B 788 15.03 4.59 -26.11
N LEU B 789 14.97 4.68 -24.79
CA LEU B 789 13.80 4.25 -24.04
C LEU B 789 13.16 5.48 -23.40
N LYS B 790 11.91 5.74 -23.75
CA LYS B 790 11.17 6.87 -23.20
C LYS B 790 10.27 6.39 -22.08
N GLY B 791 10.32 7.07 -20.94
CA GLY B 791 9.44 6.74 -19.84
C GLY B 791 9.13 7.96 -19.00
N ARG B 792 8.11 7.83 -18.15
CA ARG B 792 7.67 8.95 -17.34
C ARG B 792 7.35 8.47 -15.94
N PHE B 793 7.44 9.38 -14.98
CA PHE B 793 6.88 9.14 -13.66
C PHE B 793 6.12 10.36 -13.18
N TRP B 794 5.21 10.13 -12.24
CA TRP B 794 4.35 11.15 -11.69
C TRP B 794 4.71 11.41 -10.23
N ILE B 795 4.78 12.69 -9.88
CA ILE B 795 5.08 13.13 -8.52
C ILE B 795 3.85 13.80 -7.93
N LYS B 796 3.46 13.37 -6.74
CA LYS B 796 2.27 13.91 -6.11
C LYS B 796 2.54 15.28 -5.51
N LYS B 797 1.55 16.16 -5.62
CA LYS B 797 1.65 17.49 -5.03
C LYS B 797 1.94 17.38 -3.54
N GLY B 798 2.85 18.22 -3.06
CA GLY B 798 3.16 18.23 -1.65
C GLY B 798 4.62 17.99 -1.38
N PHE B 799 5.31 17.44 -2.39
CA PHE B 799 6.73 17.15 -2.28
C PHE B 799 7.51 18.34 -1.73
N SER B 800 8.47 18.06 -0.88
CA SER B 800 9.31 19.11 -0.35
C SER B 800 10.48 19.39 -1.28
N GLY B 801 11.07 20.57 -1.12
CA GLY B 801 12.15 20.96 -2.00
C GLY B 801 13.37 20.07 -1.89
N ASP B 802 13.63 19.53 -0.70
CA ASP B 802 14.75 18.61 -0.57
C ASP B 802 14.38 17.23 -1.08
N HIS B 803 13.09 16.91 -1.15
CA HIS B 803 12.69 15.65 -1.76
C HIS B 803 12.69 15.75 -3.28
N LYS B 804 12.29 16.89 -3.83
CA LYS B 804 12.54 17.14 -5.24
C LYS B 804 14.03 17.03 -5.54
N LEU B 805 14.85 17.59 -4.66
CA LEU B 805 16.29 17.50 -4.87
C LEU B 805 16.74 16.05 -4.90
N LEU B 806 16.21 15.23 -4.00
CA LEU B 806 16.63 13.83 -3.99
C LEU B 806 16.25 13.14 -5.29
N ILE B 807 15.04 13.39 -5.78
CA ILE B 807 14.59 12.72 -7.01
C ILE B 807 15.46 13.13 -8.19
N THR B 808 15.78 14.42 -8.30
CA THR B 808 16.62 14.87 -9.40
C THR B 808 18.07 14.38 -9.26
N THR B 809 18.56 14.26 -8.04
CA THR B 809 19.90 13.72 -7.84
C THR B 809 19.96 12.25 -8.24
N ALA B 810 18.89 11.50 -8.00
CA ALA B 810 18.83 10.12 -8.49
C ALA B 810 18.77 10.08 -10.00
N LEU B 811 18.02 11.00 -10.61
CA LEU B 811 18.03 11.09 -12.07
C LEU B 811 19.43 11.38 -12.59
N SER B 812 20.21 12.20 -11.86
CA SER B 812 21.57 12.47 -12.28
C SER B 812 22.45 11.25 -12.14
N ASP B 813 22.29 10.51 -11.05
CA ASP B 813 23.04 9.27 -10.88
C ASP B 813 22.78 8.31 -12.01
N ILE B 814 21.52 8.20 -12.43
CA ILE B 814 21.18 7.29 -13.52
C ILE B 814 21.78 7.76 -14.83
N ARG B 815 21.63 9.06 -15.13
CA ARG B 815 22.25 9.62 -16.32
C ARG B 815 23.76 9.44 -16.32
N ASP B 816 24.37 9.34 -15.14
CA ASP B 816 25.82 9.32 -15.06
C ASP B 816 26.40 7.91 -14.98
N GLY B 817 25.59 6.88 -15.12
CA GLY B 817 26.10 5.54 -15.30
C GLY B 817 26.43 4.78 -14.04
N LEU B 818 25.85 5.13 -12.89
CA LEU B 818 26.13 4.37 -11.68
C LEU B 818 25.15 3.22 -11.52
N TYR B 819 24.09 3.20 -12.30
CA TYR B 819 23.04 2.19 -12.17
C TYR B 819 22.69 1.63 -13.54
N PRO B 820 23.24 0.48 -13.92
CA PRO B 820 22.84 -0.14 -15.18
C PRO B 820 21.46 -0.74 -15.12
N LEU B 821 20.81 -0.81 -16.28
CA LEU B 821 19.47 -1.34 -16.42
C LEU B 821 19.53 -2.80 -16.81
N GLY B 822 18.81 -3.64 -16.08
CA GLY B 822 18.75 -5.04 -16.41
C GLY B 822 19.91 -5.84 -15.88
N SER B 823 20.03 -7.06 -16.39
CA SER B 823 20.98 -8.02 -15.86
C SER B 823 22.35 -7.81 -16.47
N LYS B 824 23.30 -8.63 -16.02
CA LYS B 824 24.65 -8.68 -16.59
C LYS B 824 25.34 -7.33 -16.56
N GLY B 825 24.94 -6.47 -15.61
CA GLY B 825 25.52 -5.14 -15.56
C GLY B 825 27.03 -5.14 -15.38
N GLY B 826 27.55 -6.14 -14.67
CA GLY B 826 28.97 -6.17 -14.37
C GLY B 826 29.85 -6.42 -15.58
N VAL B 827 29.32 -7.07 -16.61
CA VAL B 827 30.07 -7.30 -17.84
C VAL B 827 29.69 -6.33 -18.93
N GLY B 828 29.02 -5.24 -18.59
CA GLY B 828 28.82 -4.15 -19.53
C GLY B 828 27.48 -4.09 -20.20
N TYR B 829 26.45 -4.70 -19.63
CA TYR B 829 25.12 -4.65 -20.22
C TYR B 829 24.32 -3.50 -19.63
N GLY B 830 23.54 -2.83 -20.47
CA GLY B 830 22.62 -1.83 -19.98
C GLY B 830 23.28 -0.61 -19.39
N TRP B 831 24.44 -0.23 -19.90
CA TRP B 831 25.15 0.94 -19.41
C TRP B 831 24.51 2.17 -20.02
N VAL B 832 23.98 3.05 -19.16
CA VAL B 832 23.32 4.24 -19.65
C VAL B 832 24.34 5.19 -20.22
N ALA B 833 24.15 5.57 -21.48
CA ALA B 833 25.01 6.57 -22.09
C ALA B 833 24.56 7.98 -21.75
N GLY B 834 23.26 8.25 -21.83
CA GLY B 834 22.78 9.59 -21.52
C GLY B 834 21.32 9.62 -21.14
N ILE B 835 20.81 10.83 -20.98
CA ILE B 835 19.40 11.07 -20.70
C ILE B 835 19.05 12.47 -21.19
N SER B 836 17.87 12.60 -21.77
CA SER B 836 17.33 13.88 -22.21
C SER B 836 15.94 14.06 -21.63
N ILE B 837 15.71 15.21 -21.04
CA ILE B 837 14.41 15.54 -20.46
C ILE B 837 13.57 16.23 -21.51
N ASP B 838 12.26 16.01 -21.46
CA ASP B 838 11.32 16.54 -22.43
C ASP B 838 10.99 17.98 -22.09
N ASP B 839 9.90 18.50 -22.65
CA ASP B 839 9.42 19.84 -22.35
C ASP B 839 8.34 19.87 -21.29
N ASN B 840 7.32 19.02 -21.42
CA ASN B 840 6.20 18.99 -20.49
C ASN B 840 6.62 18.96 -19.03
N VAL B 841 7.77 18.36 -18.71
CA VAL B 841 8.34 18.30 -17.37
C VAL B 841 8.21 19.66 -16.70
N PRO B 842 7.89 19.74 -15.42
CA PRO B 842 7.80 21.06 -14.78
C PRO B 842 9.13 21.80 -14.86
N ASP B 843 9.05 23.14 -14.84
CA ASP B 843 10.25 23.94 -15.06
C ASP B 843 11.31 23.70 -13.99
N ASP B 844 10.91 23.70 -12.71
CA ASP B 844 11.88 23.56 -11.64
C ASP B 844 12.64 22.24 -11.76
N PHE B 845 11.95 21.17 -12.17
CA PHE B 845 12.62 19.88 -12.28
C PHE B 845 13.69 19.90 -13.35
N LYS B 846 13.36 20.44 -14.53
CA LYS B 846 14.32 20.52 -15.62
C LYS B 846 15.53 21.35 -15.22
N GLU B 847 15.29 22.52 -14.63
CA GLU B 847 16.43 23.36 -14.26
C GLU B 847 17.25 22.69 -13.15
N MET B 848 16.60 21.91 -12.27
CA MET B 848 17.33 21.18 -11.27
C MET B 848 18.24 20.12 -11.91
N ILE B 849 17.72 19.41 -12.90
CA ILE B 849 18.56 18.47 -13.64
C ILE B 849 19.77 19.18 -14.21
N ASN B 850 19.55 20.29 -14.91
CA ASN B 850 20.67 20.94 -15.60
C ASN B 850 21.67 21.57 -14.63
N LYS B 851 21.21 21.99 -13.44
CA LYS B 851 22.13 22.58 -12.47
C LYS B 851 23.27 21.64 -12.11
N THR B 852 23.07 20.34 -12.32
CA THR B 852 24.11 19.36 -12.06
C THR B 852 25.26 19.51 -13.05
N ASN B 853 47.25 10.78 -16.77
CA ASN B 853 47.90 11.39 -17.93
C ASN B 853 49.02 10.50 -18.45
N ASN B 854 48.66 9.61 -19.38
CA ASN B 854 49.61 8.63 -19.92
C ASN B 854 50.22 7.81 -18.79
N ASP B 855 49.35 7.08 -18.09
CA ASP B 855 49.73 6.46 -16.85
C ASP B 855 50.80 5.40 -17.10
N TYR B 856 52.05 5.79 -16.99
CA TYR B 856 53.15 4.91 -17.31
C TYR B 856 53.59 4.15 -16.07
N VAL B 857 53.37 2.85 -16.07
CA VAL B 857 53.75 1.97 -14.98
C VAL B 857 54.95 1.16 -15.42
N HIS B 858 55.87 0.91 -14.48
CA HIS B 858 57.03 0.07 -14.71
C HIS B 858 57.13 -0.96 -13.59
N PRO B 859 57.15 -2.23 -13.90
CA PRO B 859 57.02 -3.27 -12.88
C PRO B 859 58.36 -3.70 -12.33
N GLY B 860 58.36 -4.76 -11.53
CA GLY B 860 59.59 -5.49 -11.27
C GLY B 860 60.45 -5.61 -12.50
N HIS B 861 59.83 -5.90 -13.65
CA HIS B 861 60.35 -5.59 -14.98
C HIS B 861 61.47 -6.50 -15.44
N GLN B 862 62.06 -7.30 -14.54
CA GLN B 862 63.26 -8.06 -14.86
C GLN B 862 62.95 -9.50 -15.21
N SER B 863 61.72 -9.78 -15.65
CA SER B 863 61.30 -11.16 -15.88
C SER B 863 61.90 -11.84 -17.12
N PRO B 864 62.43 -11.14 -18.14
CA PRO B 864 63.18 -11.84 -19.18
C PRO B 864 64.26 -12.76 -18.61
N LYS B 865 64.34 -13.98 -19.18
CA LYS B 865 65.38 -14.94 -18.85
C LYS B 865 65.99 -15.55 -20.10
N GLN B 866 66.78 -16.61 -19.96
CA GLN B 866 67.30 -17.42 -21.07
C GLN B 866 67.80 -16.53 -22.23
N ASP B 867 68.92 -15.85 -21.96
CA ASP B 867 69.33 -14.64 -22.68
C ASP B 867 68.95 -14.65 -24.16
N HIS B 868 69.45 -15.63 -24.92
CA HIS B 868 68.96 -15.88 -26.27
C HIS B 868 69.50 -17.23 -26.73
N LYS B 869 68.60 -18.16 -27.06
CA LYS B 869 69.02 -19.47 -27.55
C LYS B 869 68.57 -19.73 -28.98
N ASN B 870 67.36 -19.33 -29.35
CA ASN B 870 66.83 -19.36 -30.71
C ASN B 870 66.71 -20.76 -31.29
N LYS B 871 67.01 -21.80 -30.52
CA LYS B 871 66.88 -23.16 -31.06
C LYS B 871 65.95 -24.00 -30.20
N ASN B 872 65.90 -23.71 -28.91
CA ASN B 872 65.05 -24.52 -28.06
C ASN B 872 63.58 -24.21 -28.34
N ILE B 873 62.74 -25.20 -28.07
CA ILE B 873 61.31 -25.09 -28.24
C ILE B 873 60.67 -25.14 -26.87
N TYR B 874 59.87 -24.14 -26.57
CA TYR B 874 59.20 -24.02 -25.28
C TYR B 874 57.77 -24.52 -25.40
N TYR B 875 57.23 -25.01 -24.29
CA TYR B 875 55.86 -25.47 -24.25
C TYR B 875 54.90 -24.28 -24.33
N PRO B 876 53.76 -24.42 -25.01
CA PRO B 876 52.89 -23.26 -25.18
C PRO B 876 52.22 -22.77 -23.91
N HIS B 877 52.13 -23.60 -22.88
CA HIS B 877 51.55 -23.15 -21.62
C HIS B 877 52.34 -23.69 -20.44
N TYR B 878 52.20 -23.00 -19.31
CA TYR B 878 52.88 -23.35 -18.07
C TYR B 878 51.94 -23.08 -16.91
N PHE B 879 52.09 -23.83 -15.84
CA PHE B 879 51.20 -23.72 -14.69
C PHE B 879 51.88 -22.94 -13.57
N LEU B 880 51.13 -22.02 -12.97
CA LEU B 880 51.58 -21.25 -11.83
C LEU B 880 51.12 -21.92 -10.55
N ASP B 881 52.06 -22.17 -9.64
CA ASP B 881 51.79 -22.70 -8.31
C ASP B 881 52.23 -21.67 -7.29
N SER B 882 51.35 -21.36 -6.34
CA SER B 882 51.62 -20.33 -5.37
C SER B 882 51.40 -20.78 -3.93
N GLY B 883 51.10 -22.05 -3.71
CA GLY B 883 50.79 -22.52 -2.38
C GLY B 883 49.32 -22.35 -2.05
N SER B 884 48.96 -22.87 -0.89
CA SER B 884 47.57 -22.94 -0.45
C SER B 884 47.26 -21.98 0.68
N LYS B 885 47.88 -20.81 0.71
CA LYS B 885 47.59 -19.81 1.74
C LYS B 885 46.71 -18.73 1.13
N VAL B 886 45.43 -18.74 1.47
CA VAL B 886 44.46 -17.81 0.91
C VAL B 886 43.91 -16.96 2.05
N TYR B 887 43.83 -15.66 1.82
CA TYR B 887 43.38 -14.70 2.82
C TYR B 887 41.89 -14.46 2.64
N ARG B 888 41.09 -15.00 3.56
CA ARG B 888 39.65 -14.80 3.52
C ARG B 888 39.25 -13.71 4.50
N GLU B 889 38.32 -12.86 4.08
CA GLU B 889 37.88 -11.71 4.84
C GLU B 889 36.42 -11.92 5.25
N LYS B 890 36.16 -11.84 6.55
CA LYS B 890 34.80 -12.06 7.03
C LYS B 890 33.96 -10.79 6.98
N ASP B 891 34.61 -9.63 6.90
CA ASP B 891 33.91 -8.35 7.02
C ASP B 891 33.63 -7.79 5.63
N ILE B 892 32.75 -8.47 4.90
CA ILE B 892 32.53 -8.15 3.50
C ILE B 892 31.96 -6.74 3.36
N ILE B 893 32.54 -5.97 2.44
CA ILE B 893 32.18 -4.57 2.26
C ILE B 893 30.81 -4.46 1.62
N THR B 894 29.84 -3.94 2.36
CA THR B 894 28.47 -3.95 1.87
C THR B 894 28.27 -2.99 0.72
N HIS B 895 27.12 -3.13 0.06
CA HIS B 895 26.74 -2.33 -1.09
C HIS B 895 25.73 -1.25 -0.75
N GLU B 896 25.29 -1.18 0.50
CA GLU B 896 24.10 -0.41 0.85
C GLU B 896 24.33 1.08 0.96
N GLU B 897 25.54 1.55 0.68
CA GLU B 897 25.82 2.98 0.69
C GLU B 897 27.19 3.18 0.08
N PHE B 898 27.58 4.43 -0.10
CA PHE B 898 28.90 4.79 -0.58
C PHE B 898 29.72 5.23 0.62
N THR B 899 30.57 4.34 1.12
CA THR B 899 31.37 4.63 2.30
C THR B 899 32.32 5.78 2.02
N GLU B 900 32.73 6.46 3.09
CA GLU B 900 33.53 7.68 2.93
C GLU B 900 34.99 7.36 2.65
N GLU B 901 35.61 6.55 3.50
CA GLU B 901 37.03 6.26 3.33
C GLU B 901 37.29 5.48 2.05
N LEU B 902 36.31 4.72 1.58
CA LEU B 902 36.46 3.93 0.37
C LEU B 902 36.36 4.81 -0.87
N LEU B 903 36.81 4.27 -2.00
CA LEU B 903 36.85 5.00 -3.25
C LEU B 903 35.90 4.38 -4.25
N SER B 904 35.16 5.22 -4.97
CA SER B 904 34.37 4.80 -6.11
C SER B 904 34.71 5.69 -7.29
N GLY B 905 34.57 5.16 -8.50
CA GLY B 905 34.87 5.94 -9.68
C GLY B 905 34.92 5.10 -10.93
N LYS B 906 35.69 5.56 -11.90
CA LYS B 906 35.84 4.86 -13.16
C LYS B 906 37.24 5.02 -13.70
N ILE B 907 37.58 4.13 -14.64
CA ILE B 907 38.90 4.05 -15.26
C ILE B 907 38.70 3.90 -16.75
N ASN B 908 39.27 4.82 -17.52
CA ASN B 908 39.32 4.69 -18.97
C ASN B 908 40.64 4.02 -19.32
N CYS B 909 40.55 2.88 -20.01
CA CYS B 909 41.72 2.10 -20.40
C CYS B 909 41.71 1.87 -21.91
N LYS B 910 42.91 1.85 -22.48
CA LYS B 910 43.10 1.60 -23.90
C LYS B 910 43.87 0.30 -24.07
N LEU B 911 43.32 -0.59 -24.88
CA LEU B 911 43.86 -1.92 -25.11
C LEU B 911 44.47 -1.98 -26.50
N GLU B 912 45.78 -2.11 -26.58
CA GLU B 912 46.45 -2.21 -27.86
C GLU B 912 46.90 -3.65 -28.07
N THR B 913 46.62 -4.18 -29.25
CA THR B 913 46.95 -5.55 -29.60
C THR B 913 48.42 -5.59 -30.01
N LEU B 914 49.17 -6.52 -29.42
CA LEU B 914 50.56 -6.72 -29.77
C LEU B 914 50.73 -7.77 -30.85
N THR B 915 49.95 -8.83 -30.79
CA THR B 915 49.85 -9.84 -31.84
C THR B 915 48.41 -9.89 -32.30
N PRO B 916 48.14 -10.42 -33.49
CA PRO B 916 46.78 -10.40 -34.03
C PRO B 916 45.77 -10.99 -33.06
N LEU B 917 44.57 -10.42 -33.08
CA LEU B 917 43.51 -10.76 -32.14
C LEU B 917 42.34 -11.43 -32.85
N ILE B 918 41.67 -12.35 -32.17
CA ILE B 918 40.48 -13.02 -32.69
C ILE B 918 39.40 -12.98 -31.64
N ILE B 919 38.29 -12.28 -31.93
CA ILE B 919 37.10 -12.30 -31.10
C ILE B 919 35.91 -12.52 -32.03
N PRO B 920 35.44 -13.75 -32.18
CA PRO B 920 34.48 -14.03 -33.26
C PRO B 920 33.06 -13.59 -32.93
N ASP B 921 32.38 -13.09 -33.96
CA ASP B 921 30.95 -12.76 -33.88
C ASP B 921 30.19 -14.05 -34.07
N THR B 922 30.00 -14.79 -32.99
CA THR B 922 29.55 -16.17 -33.06
C THR B 922 28.04 -16.30 -33.24
N SER B 923 27.34 -15.22 -33.57
CA SER B 923 25.91 -15.35 -33.83
C SER B 923 25.68 -16.13 -35.12
N ASP B 924 26.59 -16.02 -36.08
CA ASP B 924 26.43 -16.58 -37.41
C ASP B 924 27.61 -17.47 -37.73
N GLU B 925 27.37 -18.77 -37.81
CA GLU B 925 28.43 -19.72 -38.18
C GLU B 925 28.80 -19.64 -39.64
N ASN B 926 28.03 -18.93 -40.46
CA ASN B 926 28.33 -18.74 -41.87
C ASN B 926 28.55 -17.26 -42.16
N GLY B 927 29.13 -16.56 -41.19
CA GLY B 927 29.28 -15.11 -41.28
C GLY B 927 30.07 -14.66 -42.48
N LEU B 928 31.00 -15.46 -42.95
CA LEU B 928 31.77 -15.13 -44.14
C LEU B 928 31.20 -15.75 -45.39
N LYS B 929 29.99 -16.32 -45.32
CA LYS B 929 29.33 -16.95 -46.46
C LYS B 929 30.28 -17.92 -47.15
N LEU B 930 30.77 -18.91 -46.40
CA LEU B 930 31.73 -19.84 -46.96
C LEU B 930 31.22 -21.26 -47.07
N GLN B 931 30.18 -21.62 -46.31
CA GLN B 931 29.69 -23.00 -46.34
C GLN B 931 29.03 -23.37 -47.66
N GLY B 932 28.85 -22.41 -48.57
CA GLY B 932 28.29 -22.74 -49.86
C GLY B 932 29.07 -23.83 -50.56
N ASN B 933 30.36 -23.59 -50.78
CA ASN B 933 31.21 -24.62 -51.32
C ASN B 933 31.69 -25.60 -50.27
N LYS B 934 31.76 -25.18 -49.01
CA LYS B 934 32.41 -25.96 -47.96
C LYS B 934 31.44 -26.20 -46.81
N PRO B 935 30.55 -27.18 -46.96
CA PRO B 935 29.66 -27.51 -45.85
C PRO B 935 30.43 -27.98 -44.63
N GLY B 936 29.93 -27.62 -43.45
CA GLY B 936 30.51 -28.02 -42.19
C GLY B 936 31.55 -27.08 -41.62
N HIS B 937 32.07 -26.14 -42.39
CA HIS B 937 33.15 -25.28 -41.96
C HIS B 937 32.55 -24.06 -41.28
N LYS B 938 32.90 -23.84 -40.01
CA LYS B 938 32.43 -22.66 -39.32
C LYS B 938 33.30 -21.46 -39.67
N ASN B 939 32.67 -20.43 -40.21
CA ASN B 939 33.34 -19.17 -40.51
C ASN B 939 32.74 -18.09 -39.62
N TYR B 940 33.57 -17.16 -39.18
CA TYR B 940 33.11 -16.11 -38.29
C TYR B 940 33.71 -14.77 -38.68
N LYS B 941 32.89 -13.73 -38.61
CA LYS B 941 33.40 -12.38 -38.63
C LYS B 941 33.82 -11.97 -37.23
N PHE B 942 34.53 -10.86 -37.13
CA PHE B 942 34.90 -10.33 -35.83
C PHE B 942 33.66 -9.85 -35.10
N PHE B 943 33.69 -9.94 -33.77
CA PHE B 943 32.53 -9.55 -32.97
C PHE B 943 32.21 -8.08 -33.19
N ASN B 944 30.96 -7.81 -33.54
CA ASN B 944 30.52 -6.44 -33.78
C ASN B 944 29.05 -6.34 -33.41
N ILE B 945 28.66 -5.15 -32.97
CA ILE B 945 27.26 -4.82 -32.80
C ILE B 945 26.95 -3.69 -33.76
N ASN B 946 25.97 -3.91 -34.63
CA ASN B 946 25.60 -2.92 -35.64
C ASN B 946 26.78 -2.50 -36.50
N GLY B 947 27.68 -3.43 -36.79
CA GLY B 947 28.76 -3.20 -37.71
C GLY B 947 30.02 -2.62 -37.11
N GLU B 948 29.95 -1.97 -35.95
CA GLU B 948 31.11 -1.39 -35.29
C GLU B 948 31.79 -2.46 -34.46
N LEU B 949 33.10 -2.61 -34.65
CA LEU B 949 33.82 -3.71 -34.03
C LEU B 949 33.95 -3.50 -32.53
N MET B 950 33.60 -4.52 -31.75
CA MET B 950 33.60 -4.43 -30.31
C MET B 950 34.31 -5.62 -29.72
N ILE B 951 34.58 -5.54 -28.42
CA ILE B 951 35.02 -6.68 -27.61
C ILE B 951 34.03 -6.81 -26.47
N PRO B 952 33.47 -7.99 -26.23
CA PRO B 952 32.51 -8.12 -25.15
C PRO B 952 33.16 -7.85 -23.81
N GLY B 953 32.40 -7.23 -22.91
CA GLY B 953 32.95 -6.88 -21.62
C GLY B 953 33.27 -8.09 -20.78
N SER B 954 32.51 -9.17 -20.95
CA SER B 954 32.74 -10.40 -20.21
C SER B 954 34.11 -10.97 -20.48
N GLU B 955 34.60 -10.86 -21.71
CA GLU B 955 35.93 -11.36 -22.02
C GLU B 955 37.00 -10.62 -21.23
N LEU B 956 36.91 -9.30 -21.21
CA LEU B 956 37.85 -8.51 -20.43
C LEU B 956 37.73 -8.82 -18.94
N ARG B 957 36.50 -8.89 -18.43
CA ARG B 957 36.33 -9.18 -17.01
C ARG B 957 36.95 -10.52 -16.65
N GLY B 958 36.74 -11.54 -17.47
CA GLY B 958 37.29 -12.85 -17.16
C GLY B 958 38.80 -12.89 -17.24
N MET B 959 39.38 -12.32 -18.29
CA MET B 959 40.83 -12.29 -18.37
C MET B 959 41.42 -11.56 -17.18
N LEU B 960 40.87 -10.38 -16.86
CA LEU B 960 41.36 -9.61 -15.73
C LEU B 960 41.18 -10.35 -14.43
N ARG B 961 40.04 -11.04 -14.26
CA ARG B 961 39.78 -11.72 -13.00
C ARG B 961 40.74 -12.87 -12.79
N THR B 962 40.97 -13.67 -13.83
CA THR B 962 41.96 -14.73 -13.72
C THR B 962 43.32 -14.15 -13.35
N HIS B 963 43.68 -13.01 -13.94
CA HIS B 963 44.99 -12.43 -13.63
C HIS B 963 45.06 -11.94 -12.19
N PHE B 964 44.03 -11.23 -11.75
CA PHE B 964 43.98 -10.70 -10.39
C PHE B 964 43.94 -11.82 -9.35
N GLU B 965 43.27 -12.93 -9.68
CA GLU B 965 43.23 -14.05 -8.75
C GLU B 965 44.60 -14.70 -8.62
N ALA B 966 45.31 -14.89 -9.75
CA ALA B 966 46.66 -15.40 -9.64
C ALA B 966 47.55 -14.44 -8.88
N LEU B 967 47.30 -13.14 -9.01
CA LEU B 967 48.15 -12.15 -8.36
C LEU B 967 47.97 -12.15 -6.85
N THR B 968 46.73 -12.18 -6.38
CA THR B 968 46.42 -12.05 -4.97
C THR B 968 46.21 -13.38 -4.28
N LYS B 969 46.55 -14.50 -4.93
CA LYS B 969 46.45 -15.83 -4.35
C LYS B 969 45.05 -16.09 -3.80
N SER B 970 44.08 -16.01 -4.70
CA SER B 970 42.71 -16.29 -4.38
C SER B 970 42.39 -17.75 -4.70
N CYS B 971 41.14 -18.12 -4.55
CA CYS B 971 40.75 -19.50 -4.78
C CYS B 971 40.65 -19.78 -6.27
N PHE B 972 40.52 -21.05 -6.61
CA PHE B 972 40.16 -21.42 -7.97
C PHE B 972 38.66 -21.24 -8.12
N ALA B 973 38.21 -20.01 -8.39
CA ALA B 973 36.78 -19.72 -8.38
C ALA B 973 36.03 -20.59 -9.36
N ILE B 974 36.54 -20.73 -10.57
CA ILE B 974 35.95 -21.58 -11.58
C ILE B 974 36.85 -22.79 -11.71
N PHE B 975 36.45 -23.90 -11.11
CA PHE B 975 37.25 -25.11 -11.12
C PHE B 975 36.34 -26.28 -11.42
N GLY B 976 36.83 -27.23 -12.20
CA GLY B 976 36.12 -28.45 -12.52
C GLY B 976 36.28 -29.52 -11.46
N GLU B 977 35.53 -29.40 -10.37
CA GLU B 977 35.76 -30.28 -9.22
C GLU B 977 35.57 -31.74 -9.57
N ASP B 978 34.54 -32.05 -10.37
CA ASP B 978 34.12 -33.44 -10.53
C ASP B 978 34.91 -34.19 -11.60
N SER B 979 35.73 -33.49 -12.39
CA SER B 979 36.48 -34.18 -13.42
C SER B 979 37.39 -35.23 -12.79
N THR B 980 37.21 -36.48 -13.21
CA THR B 980 38.04 -37.58 -12.73
C THR B 980 39.07 -37.94 -13.79
N LEU B 981 40.20 -38.46 -13.33
CA LEU B 981 41.40 -38.56 -14.14
C LEU B 981 41.88 -40.01 -14.20
N SER B 982 41.58 -40.70 -15.29
CA SER B 982 42.10 -42.03 -15.51
C SER B 982 43.31 -41.95 -16.42
N TRP B 983 44.50 -41.90 -15.81
CA TRP B 983 45.71 -41.79 -16.59
C TRP B 983 46.17 -43.19 -16.97
N ALA B 984 41.75 -42.28 -12.28
CA ALA B 984 41.28 -43.57 -11.84
C ALA B 984 40.92 -43.51 -10.36
N SER B 985 41.75 -42.80 -9.59
CA SER B 985 41.62 -42.82 -8.15
C SER B 985 40.50 -41.92 -7.67
N LYS B 986 40.57 -40.62 -7.96
CA LYS B 986 39.75 -39.62 -7.30
C LYS B 986 39.22 -38.63 -8.33
N THR B 987 38.77 -37.49 -7.83
CA THR B 987 38.35 -36.38 -8.66
C THR B 987 39.39 -35.25 -8.59
N LEU B 988 39.29 -34.32 -9.54
CA LEU B 988 40.25 -33.23 -9.58
C LEU B 988 40.12 -32.31 -8.39
N GLY B 989 38.94 -32.25 -7.79
CA GLY B 989 38.81 -31.58 -6.51
C GLY B 989 39.40 -32.40 -5.38
N GLY B 990 39.63 -33.68 -5.61
CA GLY B 990 40.22 -34.52 -4.57
C GLY B 990 41.69 -34.24 -4.37
N LYS B 991 42.38 -33.77 -5.41
CA LYS B 991 43.79 -33.46 -5.28
C LYS B 991 44.01 -31.99 -4.94
N LEU B 992 43.08 -31.12 -5.30
CA LEU B 992 43.25 -29.69 -5.03
C LEU B 992 43.07 -29.43 -3.54
N ASP B 993 43.81 -28.48 -3.01
CA ASP B 993 43.73 -28.20 -1.58
C ASP B 993 42.39 -27.55 -1.24
N LYS B 994 41.90 -27.86 -0.04
CA LYS B 994 40.63 -27.32 0.42
C LYS B 994 40.63 -25.80 0.39
N ALA B 995 41.74 -25.20 0.81
CA ALA B 995 41.82 -23.75 0.88
C ALA B 995 41.68 -23.09 -0.49
N LEU B 996 41.88 -23.83 -1.57
CA LEU B 996 41.79 -23.29 -2.90
C LEU B 996 40.46 -23.55 -3.60
N HIS B 997 39.60 -24.39 -3.01
CA HIS B 997 38.26 -24.60 -3.54
C HIS B 997 37.50 -23.26 -3.53
N PRO B 998 36.53 -23.10 -4.43
CA PRO B 998 35.91 -21.78 -4.60
C PRO B 998 35.11 -21.37 -3.37
N CYS B 999 35.26 -20.11 -2.98
CA CYS B 999 34.55 -19.57 -1.83
C CYS B 999 33.05 -19.67 -2.07
N THR B 1000 32.34 -20.29 -1.14
CA THR B 1000 30.92 -20.57 -1.34
C THR B 1000 30.03 -19.52 -0.72
N GLY B 1001 30.00 -19.45 0.62
CA GLY B 1001 29.06 -18.60 1.32
C GLY B 1001 29.79 -17.50 2.06
N LEU B 1002 29.01 -16.60 2.64
CA LEU B 1002 29.59 -15.51 3.41
C LEU B 1002 29.96 -15.94 4.83
N SER B 1003 29.66 -17.19 5.20
CA SER B 1003 29.95 -17.63 6.56
C SER B 1003 31.44 -17.68 6.82
N ASP B 1004 32.20 -18.28 5.91
CA ASP B 1004 33.63 -18.05 5.88
C ASP B 1004 33.90 -16.70 5.25
N GLY B 1005 35.15 -16.44 4.92
CA GLY B 1005 35.49 -15.19 4.30
C GLY B 1005 35.20 -15.19 2.82
N LEU B 1006 35.68 -14.15 2.15
CA LEU B 1006 35.78 -14.14 0.70
C LEU B 1006 37.19 -13.79 0.30
N CYS B 1007 37.82 -14.68 -0.46
CA CYS B 1007 39.18 -14.44 -0.92
C CYS B 1007 39.23 -13.14 -1.71
N PRO B 1008 40.43 -12.59 -1.93
CA PRO B 1008 40.50 -11.28 -2.61
C PRO B 1008 39.79 -11.25 -3.96
N GLY B 1009 39.93 -12.31 -4.76
CA GLY B 1009 39.26 -12.35 -6.04
C GLY B 1009 37.76 -12.40 -5.89
N CYS B 1010 37.26 -13.35 -5.12
CA CYS B 1010 35.83 -13.45 -4.89
C CYS B 1010 35.31 -12.29 -4.06
N HIS B 1011 36.21 -11.46 -3.51
CA HIS B 1011 35.77 -10.27 -2.81
C HIS B 1011 35.62 -9.09 -3.73
N LEU B 1012 36.54 -8.95 -4.68
CA LEU B 1012 36.50 -7.80 -5.57
C LEU B 1012 35.57 -8.03 -6.73
N PHE B 1013 35.43 -9.28 -7.17
CA PHE B 1013 34.71 -9.59 -8.40
C PHE B 1013 33.33 -10.18 -8.16
N GLY B 1014 33.11 -10.94 -7.08
CA GLY B 1014 31.78 -11.31 -6.67
C GLY B 1014 31.54 -12.81 -6.72
N THR B 1015 30.45 -13.22 -6.06
CA THR B 1015 30.00 -14.61 -6.07
C THR B 1015 28.50 -14.63 -6.30
N THR B 1016 27.91 -15.82 -6.17
CA THR B 1016 26.46 -15.93 -6.30
C THR B 1016 25.73 -15.50 -5.04
N ASP B 1017 26.45 -15.04 -4.02
CA ASP B 1017 25.85 -14.50 -2.81
C ASP B 1017 26.31 -13.09 -2.53
N TYR B 1018 27.15 -12.52 -3.38
CA TYR B 1018 27.71 -11.20 -3.15
C TYR B 1018 28.10 -10.61 -4.49
N LYS B 1019 27.46 -9.51 -4.86
CA LYS B 1019 27.70 -8.88 -6.15
C LYS B 1019 29.09 -8.28 -6.20
N GLY B 1020 29.65 -8.20 -7.40
CA GLY B 1020 31.00 -7.67 -7.55
C GLY B 1020 31.03 -6.16 -7.42
N ARG B 1021 32.18 -5.66 -6.97
CA ARG B 1021 32.35 -4.23 -6.80
C ARG B 1021 32.96 -3.55 -8.02
N VAL B 1022 33.32 -4.32 -9.05
CA VAL B 1022 33.84 -3.77 -10.28
C VAL B 1022 32.93 -4.18 -11.42
N LYS B 1023 32.83 -3.31 -12.41
CA LYS B 1023 32.03 -3.53 -13.61
C LYS B 1023 32.91 -3.23 -14.81
N PHE B 1024 32.89 -4.11 -15.81
CA PHE B 1024 33.71 -3.96 -16.99
C PHE B 1024 32.83 -3.67 -18.20
N GLY B 1025 33.30 -2.80 -19.08
CA GLY B 1025 32.47 -2.40 -20.20
C GLY B 1025 32.88 -3.00 -21.52
N PHE B 1026 31.99 -2.94 -22.50
CA PHE B 1026 32.34 -3.38 -23.84
C PHE B 1026 33.38 -2.45 -24.44
N ALA B 1027 34.34 -3.01 -25.14
CA ALA B 1027 35.34 -2.20 -25.82
C ALA B 1027 34.82 -1.76 -27.17
N LYS B 1028 35.23 -0.57 -27.58
CA LYS B 1028 34.90 -0.02 -28.90
C LYS B 1028 36.19 0.18 -29.68
N TYR B 1029 36.13 -0.10 -30.98
CA TYR B 1029 37.30 0.05 -31.82
C TYR B 1029 37.62 1.51 -32.05
N GLU B 1030 38.91 1.85 -32.11
CA GLU B 1030 39.30 3.24 -32.27
C GLU B 1030 40.14 3.52 -33.50
N ASN B 1031 41.30 2.86 -33.64
CA ASN B 1031 42.19 3.25 -34.74
C ASN B 1031 43.20 2.15 -34.98
N GLY B 1032 43.78 2.17 -36.17
CA GLY B 1032 44.80 1.23 -36.56
C GLY B 1032 44.61 0.76 -37.98
N PRO B 1033 45.39 -0.25 -38.39
CA PRO B 1033 45.21 -0.85 -39.72
C PRO B 1033 43.91 -1.62 -39.87
N GLU B 1034 43.36 -2.14 -38.77
CA GLU B 1034 42.01 -2.69 -38.68
C GLU B 1034 41.85 -4.09 -39.28
N TRP B 1035 42.82 -4.59 -40.04
CA TRP B 1035 42.69 -5.93 -40.58
C TRP B 1035 44.07 -6.47 -40.92
N LEU B 1036 44.21 -7.79 -40.83
CA LEU B 1036 45.42 -8.50 -41.24
C LEU B 1036 45.15 -9.18 -42.57
N ILE B 1037 45.98 -8.89 -43.57
CA ILE B 1037 45.73 -9.28 -44.95
C ILE B 1037 46.67 -10.41 -45.32
N THR B 1038 46.14 -11.43 -45.99
CA THR B 1038 46.91 -12.55 -46.50
C THR B 1038 46.57 -12.79 -47.96
N ARG B 1039 47.59 -13.00 -48.78
CA ARG B 1039 47.40 -12.99 -50.23
C ARG B 1039 46.63 -14.22 -50.71
N GLY B 1040 46.89 -15.38 -50.11
CA GLY B 1040 46.27 -16.59 -50.58
C GLY B 1040 44.79 -16.69 -50.28
N ASN B 1041 44.36 -16.03 -49.20
CA ASN B 1041 43.09 -16.32 -48.57
C ASN B 1041 41.91 -15.86 -49.42
N ASN B 1042 40.75 -16.50 -49.20
CA ASN B 1042 39.57 -16.22 -50.01
C ASN B 1042 38.89 -14.93 -49.60
N PRO B 1043 38.58 -14.67 -48.33
CA PRO B 1043 38.14 -13.33 -47.95
C PRO B 1043 39.30 -12.37 -47.75
N GLU B 1044 40.52 -12.89 -47.61
CA GLU B 1044 41.77 -12.14 -47.59
C GLU B 1044 41.91 -11.32 -46.31
N ARG B 1045 40.84 -11.22 -45.53
CA ARG B 1045 40.87 -10.58 -44.23
C ARG B 1045 40.64 -11.58 -43.12
N SER B 1046 40.83 -12.86 -43.41
CA SER B 1046 40.57 -13.93 -42.46
C SER B 1046 41.69 -14.95 -42.50
N LEU B 1047 41.78 -15.72 -41.42
CA LEU B 1047 42.70 -16.84 -41.33
C LEU B 1047 41.90 -18.10 -41.07
N THR B 1048 42.44 -19.21 -41.52
CA THR B 1048 41.83 -20.53 -41.33
C THR B 1048 42.63 -21.22 -40.24
N LEU B 1049 42.18 -21.08 -39.01
CA LEU B 1049 42.97 -21.46 -37.85
C LEU B 1049 43.36 -22.93 -37.89
N GLY B 1050 44.37 -23.27 -37.10
CA GLY B 1050 44.69 -24.65 -36.86
C GLY B 1050 43.68 -25.27 -35.92
N VAL B 1051 43.75 -26.60 -35.83
CA VAL B 1051 42.81 -27.31 -34.98
C VAL B 1051 43.02 -26.93 -33.52
N LEU B 1052 41.92 -26.82 -32.78
CA LEU B 1052 41.95 -26.52 -31.36
C LEU B 1052 41.27 -27.64 -30.60
N GLU B 1053 42.04 -28.38 -29.80
CA GLU B 1053 41.52 -29.47 -29.01
C GLU B 1053 41.50 -29.08 -27.53
N SER B 1054 40.97 -29.97 -26.72
CA SER B 1054 40.68 -29.62 -25.34
C SER B 1054 41.87 -29.92 -24.44
N PRO B 1055 42.06 -29.15 -23.37
CA PRO B 1055 43.19 -29.39 -22.48
C PRO B 1055 43.02 -30.69 -21.72
N ARG B 1056 44.09 -31.47 -21.69
CA ARG B 1056 44.01 -32.81 -21.13
C ARG B 1056 44.84 -32.86 -19.86
N PRO B 1057 44.22 -32.81 -18.67
CA PRO B 1057 45.00 -32.85 -17.43
C PRO B 1057 45.62 -34.21 -17.13
N ALA B 1058 45.59 -35.15 -18.07
CA ALA B 1058 46.37 -36.37 -17.86
C ALA B 1058 47.85 -36.08 -18.01
N PHE B 1059 48.19 -35.09 -18.83
CA PHE B 1059 49.60 -34.78 -19.08
C PHE B 1059 50.17 -33.92 -17.97
N SER B 1060 49.33 -33.19 -17.25
CA SER B 1060 49.84 -32.34 -16.18
C SER B 1060 49.84 -33.07 -14.85
N ILE B 1061 48.90 -33.98 -14.64
CA ILE B 1061 48.82 -34.78 -13.42
C ILE B 1061 49.12 -36.22 -13.82
N PRO B 1062 50.38 -36.64 -13.83
CA PRO B 1062 50.73 -37.89 -14.52
C PRO B 1062 50.46 -39.14 -13.70
N ASP B 1063 50.34 -39.03 -12.39
CA ASP B 1063 50.14 -40.22 -11.58
C ASP B 1063 49.50 -39.81 -10.26
N ASP B 1064 49.38 -40.79 -9.35
CA ASP B 1064 48.63 -40.58 -8.11
C ASP B 1064 49.37 -39.65 -7.15
N GLU B 1065 50.71 -39.66 -7.20
CA GLU B 1065 51.47 -38.87 -6.23
C GLU B 1065 51.55 -37.41 -6.61
N SER B 1066 51.31 -37.08 -7.87
CA SER B 1066 51.25 -35.69 -8.29
C SER B 1066 49.91 -35.07 -7.87
N GLU B 1067 49.87 -33.74 -7.87
CA GLU B 1067 48.66 -32.99 -7.56
C GLU B 1067 48.50 -31.84 -8.54
N ILE B 1068 47.49 -31.00 -8.29
CA ILE B 1068 47.15 -29.90 -9.18
C ILE B 1068 48.34 -28.94 -9.22
N PRO B 1069 48.89 -28.65 -10.40
CA PRO B 1069 50.03 -27.73 -10.44
C PRO B 1069 49.63 -26.29 -10.27
N GLY B 1070 48.50 -25.87 -10.79
CA GLY B 1070 48.05 -24.52 -10.56
C GLY B 1070 47.38 -23.96 -11.79
N ARG B 1071 47.44 -22.65 -11.92
CA ARG B 1071 46.70 -21.97 -12.96
C ARG B 1071 47.48 -21.95 -14.26
N LYS B 1072 46.83 -22.37 -15.34
CA LYS B 1072 47.50 -22.41 -16.62
C LYS B 1072 47.60 -21.01 -17.20
N PHE B 1073 48.76 -20.69 -17.78
CA PHE B 1073 48.94 -19.47 -18.52
C PHE B 1073 49.66 -19.80 -19.82
N TYR B 1074 49.33 -19.05 -20.85
CA TYR B 1074 49.93 -19.24 -22.18
C TYR B 1074 50.97 -18.17 -22.41
N LEU B 1075 52.04 -18.54 -23.10
CA LEU B 1075 53.15 -17.60 -23.30
C LEU B 1075 52.82 -16.60 -24.40
N HIS B 1076 53.73 -15.65 -24.59
CA HIS B 1076 53.67 -14.74 -25.71
C HIS B 1076 54.69 -15.16 -26.76
N HIS B 1077 54.28 -15.15 -28.02
CA HIS B 1077 55.17 -15.53 -29.12
C HIS B 1077 54.49 -15.18 -30.43
N ASN B 1078 55.29 -15.08 -31.49
CA ASN B 1078 54.80 -14.79 -32.81
C ASN B 1078 54.57 -16.06 -33.63
N GLY B 1079 54.27 -17.17 -32.96
CA GLY B 1079 53.97 -18.41 -33.66
C GLY B 1079 52.79 -18.32 -34.60
N TRP B 1080 51.98 -17.26 -34.49
CA TRP B 1080 50.85 -17.12 -35.40
C TRP B 1080 51.32 -17.00 -36.84
N ARG B 1081 52.53 -16.50 -37.07
CA ARG B 1081 53.07 -16.46 -38.42
C ARG B 1081 53.07 -17.84 -39.05
N ILE B 1082 53.39 -18.87 -38.27
CA ILE B 1082 53.32 -20.24 -38.79
C ILE B 1082 51.94 -20.51 -39.37
N ILE B 1083 50.90 -20.19 -38.61
CA ILE B 1083 49.54 -20.36 -39.08
C ILE B 1083 49.30 -19.55 -40.34
N ARG B 1084 49.86 -18.34 -40.40
CA ARG B 1084 49.72 -17.53 -41.59
C ARG B 1084 50.49 -18.12 -42.75
N GLN B 1085 51.62 -18.75 -42.48
CA GLN B 1085 52.52 -19.14 -43.56
C GLN B 1085 52.12 -20.49 -44.15
N LYS B 1086 51.29 -21.24 -43.45
CA LYS B 1086 50.83 -22.55 -43.93
C LYS B 1086 49.33 -22.57 -44.23
N GLN B 1087 48.79 -21.46 -44.74
CA GLN B 1087 47.37 -21.39 -45.07
C GLN B 1087 46.97 -22.50 -46.03
N LEU B 1088 47.73 -22.66 -47.12
CA LEU B 1088 47.43 -23.71 -48.09
C LEU B 1088 47.45 -25.08 -47.44
N GLU B 1089 48.47 -25.34 -46.63
CA GLU B 1089 48.63 -26.67 -46.04
C GLU B 1089 47.53 -26.98 -45.03
N ILE B 1090 47.13 -26.01 -44.23
CA ILE B 1090 46.11 -26.29 -43.23
C ILE B 1090 44.75 -26.42 -43.91
N ARG B 1091 44.48 -25.56 -44.89
CA ARG B 1091 43.24 -25.71 -45.64
C ARG B 1091 43.22 -27.01 -46.43
N GLU B 1092 44.39 -27.62 -46.66
CA GLU B 1092 44.43 -28.92 -47.31
C GLU B 1092 44.21 -30.06 -46.33
N THR B 1093 45.12 -30.23 -45.37
CA THR B 1093 45.20 -31.47 -44.61
C THR B 1093 44.16 -31.54 -43.51
N VAL B 1094 43.95 -30.45 -42.78
CA VAL B 1094 42.96 -30.51 -41.71
C VAL B 1094 41.59 -30.53 -42.35
N GLN B 1095 40.73 -31.41 -41.82
CA GLN B 1095 39.43 -31.61 -42.43
C GLN B 1095 38.57 -30.35 -42.23
N PRO B 1096 37.77 -29.97 -43.23
CA PRO B 1096 37.11 -28.66 -43.17
C PRO B 1096 36.21 -28.46 -41.97
N GLU B 1097 35.86 -29.53 -41.27
CA GLU B 1097 35.03 -29.38 -40.08
C GLU B 1097 35.81 -29.57 -38.79
N ARG B 1098 37.05 -30.05 -38.86
CA ARG B 1098 37.89 -30.14 -37.68
C ARG B 1098 38.40 -28.77 -37.23
N ASN B 1099 38.15 -27.71 -38.00
CA ASN B 1099 38.71 -26.40 -37.68
C ASN B 1099 37.70 -25.32 -38.00
N VAL B 1100 38.15 -24.07 -38.06
CA VAL B 1100 37.28 -22.92 -38.16
C VAL B 1100 38.05 -21.73 -38.73
N THR B 1101 37.41 -21.01 -39.65
CA THR B 1101 38.01 -19.85 -40.28
C THR B 1101 37.33 -18.58 -39.79
N THR B 1102 38.11 -17.51 -39.64
CA THR B 1102 37.58 -16.34 -38.96
C THR B 1102 38.40 -15.11 -39.33
N GLU B 1103 37.74 -13.96 -39.25
CA GLU B 1103 38.42 -12.68 -39.45
C GLU B 1103 39.33 -12.38 -38.27
N VAL B 1104 40.47 -11.74 -38.57
CA VAL B 1104 41.48 -11.44 -37.56
C VAL B 1104 41.83 -9.96 -37.63
N MET B 1105 42.05 -9.35 -36.46
CA MET B 1105 42.52 -7.98 -36.37
C MET B 1105 44.04 -7.98 -36.27
N ASP B 1106 44.68 -7.10 -37.02
CA ASP B 1106 46.12 -6.98 -36.98
C ASP B 1106 46.58 -6.34 -35.68
N LYS B 1107 47.88 -6.43 -35.43
CA LYS B 1107 48.43 -5.70 -34.29
C LYS B 1107 48.44 -4.21 -34.58
N GLY B 1108 48.52 -3.41 -33.52
CA GLY B 1108 48.44 -1.99 -33.63
C GLY B 1108 47.05 -1.41 -33.49
N ASN B 1109 46.04 -2.25 -33.32
CA ASN B 1109 44.69 -1.75 -33.19
C ASN B 1109 44.38 -1.40 -31.74
N VAL B 1110 43.79 -0.24 -31.54
CA VAL B 1110 43.49 0.28 -30.21
C VAL B 1110 41.99 0.15 -29.97
N PHE B 1111 41.64 -0.53 -28.89
CA PHE B 1111 40.27 -0.57 -28.42
C PHE B 1111 40.19 0.25 -27.14
N SER B 1112 38.98 0.65 -26.78
CA SER B 1112 38.77 1.47 -25.60
C SER B 1112 37.70 0.85 -24.73
N PHE B 1113 37.91 0.88 -23.41
CA PHE B 1113 36.88 0.39 -22.51
C PHE B 1113 36.99 1.09 -21.17
N ASP B 1114 35.95 0.91 -20.36
CA ASP B 1114 35.84 1.53 -19.05
C ASP B 1114 35.65 0.47 -17.99
N VAL B 1115 36.25 0.70 -16.83
CA VAL B 1115 36.07 -0.14 -15.66
C VAL B 1115 35.56 0.75 -14.54
N ARG B 1116 34.36 0.48 -14.06
CA ARG B 1116 33.75 1.27 -13.00
C ARG B 1116 33.82 0.50 -11.69
N PHE B 1117 33.95 1.21 -10.58
CA PHE B 1117 34.04 0.56 -9.29
C PHE B 1117 33.34 1.38 -8.22
N GLU B 1118 32.95 0.69 -7.15
CA GLU B 1118 32.33 1.32 -6.00
C GLU B 1118 32.82 0.67 -4.72
N ASN B 1119 33.11 1.50 -3.72
CA ASN B 1119 33.46 1.05 -2.38
C ASN B 1119 34.71 0.18 -2.37
N LEU B 1120 35.73 0.63 -3.06
CA LEU B 1120 37.01 -0.06 -3.03
C LEU B 1120 37.89 0.51 -1.95
N ARG B 1121 38.77 -0.32 -1.41
CA ARG B 1121 39.79 0.18 -0.51
C ARG B 1121 41.05 0.49 -1.29
N GLU B 1122 41.89 1.35 -0.73
CA GLU B 1122 42.97 1.92 -1.52
C GLU B 1122 43.90 0.84 -2.04
N TRP B 1123 44.17 -0.20 -1.24
CA TRP B 1123 44.99 -1.29 -1.77
C TRP B 1123 44.25 -2.06 -2.84
N GLU B 1124 42.93 -2.11 -2.78
CA GLU B 1124 42.19 -2.78 -3.84
C GLU B 1124 42.29 -2.01 -5.15
N LEU B 1125 42.17 -0.69 -5.08
CA LEU B 1125 42.33 0.09 -6.30
C LEU B 1125 43.77 0.03 -6.80
N GLY B 1126 44.73 -0.04 -5.89
CA GLY B 1126 46.11 -0.21 -6.32
C GLY B 1126 46.32 -1.51 -7.03
N LEU B 1127 45.86 -2.62 -6.44
CA LEU B 1127 46.02 -3.92 -7.06
C LEU B 1127 45.23 -4.04 -8.33
N LEU B 1128 44.12 -3.30 -8.45
CA LEU B 1128 43.34 -3.33 -9.68
C LEU B 1128 44.06 -2.59 -10.80
N LEU B 1129 44.60 -1.40 -10.51
CA LEU B 1129 45.40 -0.70 -11.50
C LEU B 1129 46.63 -1.52 -11.88
N GLN B 1130 47.17 -2.29 -10.94
CA GLN B 1130 48.37 -3.06 -11.24
C GLN B 1130 48.04 -4.33 -12.01
N SER B 1131 46.88 -4.94 -11.73
CA SER B 1131 46.47 -6.11 -12.49
C SER B 1131 46.00 -5.70 -13.88
N LEU B 1132 45.59 -4.45 -14.05
CA LEU B 1132 45.24 -3.97 -15.38
C LEU B 1132 46.48 -3.86 -16.25
N ASP B 1133 47.41 -3.01 -15.86
CA ASP B 1133 48.68 -2.83 -16.56
C ASP B 1133 49.80 -3.14 -15.57
N PRO B 1134 50.36 -4.35 -15.62
CA PRO B 1134 51.45 -4.66 -14.70
C PRO B 1134 52.69 -3.83 -14.96
N GLY B 1135 52.95 -3.49 -16.21
CA GLY B 1135 54.11 -2.69 -16.57
C GLY B 1135 54.54 -2.91 -18.00
N LYS B 1136 55.67 -2.35 -18.41
CA LYS B 1136 56.21 -2.67 -19.72
C LYS B 1136 56.77 -4.08 -19.72
N ASN B 1137 56.86 -4.67 -20.91
CA ASN B 1137 57.31 -6.04 -21.13
C ASN B 1137 56.37 -7.07 -20.51
N ILE B 1138 55.22 -6.66 -20.01
CA ILE B 1138 54.24 -7.57 -19.44
C ILE B 1138 52.89 -7.30 -20.08
N ALA B 1139 52.22 -8.35 -20.54
CA ALA B 1139 50.95 -8.18 -21.22
C ALA B 1139 50.04 -9.37 -20.93
N HIS B 1140 48.75 -9.16 -21.15
CA HIS B 1140 47.73 -10.19 -20.98
C HIS B 1140 47.56 -10.97 -22.27
N LYS B 1141 46.60 -11.90 -22.26
CA LYS B 1141 46.21 -12.64 -23.44
C LYS B 1141 44.70 -12.77 -23.51
N LEU B 1142 44.15 -12.64 -24.71
CA LEU B 1142 42.72 -12.55 -24.90
C LEU B 1142 42.34 -13.21 -26.22
N GLY B 1143 41.12 -13.74 -26.30
CA GLY B 1143 40.59 -14.16 -27.57
C GLY B 1143 40.75 -15.64 -27.85
N LYS B 1144 40.57 -15.99 -29.12
CA LYS B 1144 40.66 -17.38 -29.53
C LYS B 1144 42.09 -17.74 -29.91
N GLY B 1145 42.50 -18.94 -29.50
CA GLY B 1145 43.76 -19.49 -29.96
C GLY B 1145 44.98 -18.97 -29.25
N LYS B 1146 44.88 -18.70 -27.97
CA LYS B 1146 46.03 -18.24 -27.22
C LYS B 1146 47.23 -19.19 -27.29
N PRO B 1147 47.05 -20.51 -27.26
CA PRO B 1147 48.21 -21.39 -27.43
C PRO B 1147 48.91 -21.25 -28.76
N TYR B 1148 48.30 -20.57 -29.73
CA TYR B 1148 48.89 -20.46 -31.06
C TYR B 1148 49.66 -19.18 -31.28
N GLY B 1149 49.59 -18.22 -30.38
CA GLY B 1149 50.31 -16.97 -30.52
C GLY B 1149 49.45 -15.75 -30.65
N PHE B 1150 48.13 -15.89 -30.85
CA PHE B 1150 47.27 -14.74 -30.94
C PHE B 1150 46.96 -14.20 -29.54
N GLY B 1151 46.40 -13.01 -29.50
CA GLY B 1151 45.76 -12.54 -28.29
C GLY B 1151 46.59 -11.69 -27.35
N SER B 1152 47.87 -11.49 -27.61
CA SER B 1152 48.66 -10.63 -26.73
C SER B 1152 48.17 -9.20 -26.86
N VAL B 1153 47.62 -8.65 -25.78
CA VAL B 1153 47.13 -7.29 -25.78
C VAL B 1153 47.65 -6.57 -24.55
N LYS B 1154 48.26 -5.41 -24.77
CA LYS B 1154 48.78 -4.57 -23.70
C LYS B 1154 47.73 -3.51 -23.36
N ILE B 1155 47.47 -3.34 -22.08
CA ILE B 1155 46.46 -2.40 -21.59
C ILE B 1155 47.16 -1.20 -20.99
N LYS B 1156 46.57 -0.01 -21.19
CA LYS B 1156 47.13 1.23 -20.70
C LYS B 1156 46.04 2.06 -20.03
N ILE B 1157 46.35 2.59 -18.85
CA ILE B 1157 45.40 3.44 -18.12
C ILE B 1157 45.37 4.81 -18.79
N ASP B 1158 44.21 5.20 -19.29
CA ASP B 1158 44.09 6.53 -19.86
C ASP B 1158 43.66 7.53 -18.79
N SER B 1159 42.77 7.13 -17.89
CA SER B 1159 42.38 8.08 -16.84
C SER B 1159 41.68 7.36 -15.71
N LEU B 1160 41.70 8.00 -14.55
CA LEU B 1160 41.14 7.44 -13.33
C LEU B 1160 40.40 8.53 -12.59
N HIS B 1161 39.07 8.54 -12.71
CA HIS B 1161 38.25 9.48 -11.99
C HIS B 1161 37.70 8.79 -10.76
N THR B 1162 37.58 9.52 -9.66
CA THR B 1162 36.82 9.03 -8.52
C THR B 1162 35.79 10.07 -8.13
N PHE B 1163 35.02 9.76 -7.09
CA PHE B 1163 34.14 10.76 -6.52
C PHE B 1163 33.82 10.40 -5.08
N LYS B 1164 33.14 11.34 -4.43
CA LYS B 1164 32.44 11.10 -3.17
C LYS B 1164 30.96 11.33 -3.43
N ILE B 1165 30.12 10.43 -2.91
CA ILE B 1165 28.72 10.48 -3.26
C ILE B 1165 27.98 11.57 -2.51
N ASN B 1166 28.58 12.08 -1.43
CA ASN B 1166 27.88 12.99 -0.53
C ASN B 1166 28.67 14.27 -0.27
N SER B 1167 29.98 14.13 -0.14
CA SER B 1167 30.78 15.17 0.51
C SER B 1167 31.03 16.35 -0.40
N ASN B 1168 31.79 16.14 -1.49
CA ASN B 1168 32.08 17.21 -2.45
C ASN B 1168 30.88 17.55 -3.31
N ASN B 1169 29.72 16.97 -3.01
CA ASN B 1169 28.54 17.04 -3.88
C ASN B 1169 28.89 16.52 -5.27
N ASP B 1170 29.62 15.40 -5.29
CA ASP B 1170 29.83 14.57 -6.48
C ASP B 1170 30.40 15.39 -7.64
N LYS B 1171 31.60 15.85 -7.42
CA LYS B 1171 32.40 16.45 -8.49
C LYS B 1171 33.40 15.40 -8.92
N ILE B 1172 33.36 15.04 -10.20
CA ILE B 1172 34.35 14.12 -10.73
C ILE B 1172 35.72 14.77 -10.65
N LYS B 1173 36.61 14.18 -9.87
CA LYS B 1173 37.96 14.70 -9.73
C LYS B 1173 38.93 13.72 -10.39
N ARG B 1174 39.82 14.26 -11.22
CA ARG B 1174 40.80 13.42 -11.90
C ARG B 1174 41.96 13.11 -10.96
N VAL B 1175 42.16 11.84 -10.66
CA VAL B 1175 43.22 11.43 -9.73
C VAL B 1175 44.57 11.67 -10.40
N PRO B 1176 45.50 12.39 -9.76
CA PRO B 1176 46.83 12.57 -10.35
C PRO B 1176 47.65 11.30 -10.27
N GLN B 1177 48.88 11.39 -10.75
CA GLN B 1177 49.73 10.21 -10.82
C GLN B 1177 50.35 9.88 -9.45
N SER B 1178 50.50 10.88 -8.59
CA SER B 1178 51.08 10.61 -7.28
C SER B 1178 50.17 9.72 -6.44
N ASP B 1179 48.89 10.08 -6.34
CA ASP B 1179 47.94 9.27 -5.61
C ASP B 1179 47.83 7.88 -6.21
N ILE B 1180 48.02 7.78 -7.53
CA ILE B 1180 48.07 6.49 -8.19
C ILE B 1180 49.25 5.67 -7.68
N ARG B 1181 50.43 6.29 -7.62
CA ARG B 1181 51.60 5.58 -7.14
C ARG B 1181 51.40 5.08 -5.72
N GLU B 1182 50.79 5.88 -4.85
CA GLU B 1182 50.63 5.41 -3.48
C GLU B 1182 49.53 4.36 -3.36
N TYR B 1183 48.51 4.40 -4.23
CA TYR B 1183 47.56 3.28 -4.26
C TYR B 1183 48.29 1.99 -4.62
N ILE B 1184 49.13 2.04 -5.64
CA ILE B 1184 49.90 0.86 -6.03
C ILE B 1184 50.80 0.40 -4.88
N ASN B 1185 51.37 1.36 -4.14
CA ASN B 1185 52.22 1.01 -3.01
C ASN B 1185 51.43 0.32 -1.91
N LYS B 1186 50.21 0.79 -1.63
CA LYS B 1186 49.38 0.10 -0.65
C LYS B 1186 49.06 -1.32 -1.11
N GLY B 1187 48.83 -1.50 -2.41
CA GLY B 1187 48.64 -2.85 -2.92
C GLY B 1187 49.85 -3.74 -2.69
N TYR B 1188 51.04 -3.21 -2.97
CA TYR B 1188 52.27 -3.97 -2.76
C TYR B 1188 52.46 -4.32 -1.29
N GLN B 1189 52.15 -3.36 -0.41
CA GLN B 1189 52.18 -3.62 1.03
C GLN B 1189 51.29 -4.79 1.39
N LYS B 1190 50.04 -4.77 0.93
CA LYS B 1190 49.13 -5.85 1.27
C LYS B 1190 49.66 -7.19 0.78
N LEU B 1191 50.29 -7.21 -0.40
CA LEU B 1191 50.80 -8.49 -0.89
C LEU B 1191 51.91 -9.03 0.00
N ILE B 1192 52.90 -8.19 0.32
CA ILE B 1192 54.02 -8.66 1.14
C ILE B 1192 53.55 -8.95 2.56
N GLU B 1193 52.47 -8.31 2.99
CA GLU B 1193 51.91 -8.57 4.31
C GLU B 1193 51.18 -9.91 4.34
N TRP B 1194 50.50 -10.25 3.24
CA TRP B 1194 49.92 -11.58 3.14
C TRP B 1194 51.00 -12.64 3.13
N SER B 1195 52.15 -12.32 2.51
CA SER B 1195 53.23 -13.30 2.47
C SER B 1195 53.57 -13.84 3.85
N GLY B 1196 53.34 -13.05 4.89
CA GLY B 1196 53.67 -13.42 6.25
C GLY B 1196 55.08 -13.04 6.65
N ASN B 1197 56.06 -13.31 5.80
CA ASN B 1197 57.41 -12.82 5.99
C ASN B 1197 57.45 -11.39 5.47
N ASN B 1198 57.69 -10.45 6.37
CA ASN B 1198 57.61 -9.02 6.06
C ASN B 1198 58.96 -8.42 5.73
N SER B 1199 59.86 -9.19 5.12
CA SER B 1199 61.16 -8.66 4.72
C SER B 1199 60.91 -7.77 3.51
N ILE B 1200 60.45 -6.54 3.81
CA ILE B 1200 60.11 -5.60 2.75
C ILE B 1200 61.36 -5.11 2.03
N GLN B 1201 62.37 -4.67 2.79
CA GLN B 1201 63.52 -3.92 2.30
C GLN B 1201 63.08 -2.97 1.18
N LYS B 1202 62.16 -2.09 1.58
CA LYS B 1202 61.39 -1.27 0.64
C LYS B 1202 62.27 -0.28 -0.11
N GLY B 1203 61.96 -0.11 -1.39
CA GLY B 1203 62.29 1.11 -2.11
C GLY B 1203 61.01 1.86 -2.41
N ASN B 1204 61.01 3.16 -2.11
CA ASN B 1204 59.77 3.93 -2.20
C ASN B 1204 59.22 3.94 -3.61
N VAL B 1205 60.08 4.13 -4.60
CA VAL B 1205 59.70 4.01 -6.00
C VAL B 1205 59.73 2.54 -6.35
N LEU B 1206 59.06 2.17 -7.44
CA LEU B 1206 59.17 0.85 -8.05
C LEU B 1206 58.99 -0.24 -7.00
N PRO B 1207 57.78 -0.49 -6.55
CA PRO B 1207 57.54 -1.69 -5.76
C PRO B 1207 58.18 -2.90 -6.42
N GLN B 1208 59.12 -3.54 -5.74
CA GLN B 1208 59.74 -4.75 -6.29
C GLN B 1208 58.71 -5.86 -6.24
N TRP B 1209 58.06 -6.12 -7.37
CA TRP B 1209 57.08 -7.19 -7.39
C TRP B 1209 57.76 -8.54 -7.40
N HIS B 1210 58.95 -8.63 -7.99
CA HIS B 1210 59.58 -9.92 -8.18
C HIS B 1210 60.25 -10.46 -6.92
N VAL B 1211 60.19 -9.73 -5.80
CA VAL B 1211 60.69 -10.32 -4.57
C VAL B 1211 59.68 -11.30 -4.02
N ILE B 1212 58.39 -11.04 -4.21
CA ILE B 1212 57.37 -12.03 -3.83
C ILE B 1212 57.41 -13.15 -4.86
N PRO B 1213 57.59 -14.41 -4.45
CA PRO B 1213 57.88 -15.45 -5.45
C PRO B 1213 56.81 -15.65 -6.50
N HIS B 1214 55.55 -15.85 -6.07
CA HIS B 1214 54.51 -16.18 -7.02
C HIS B 1214 54.30 -15.07 -8.04
N ILE B 1215 54.50 -13.81 -7.63
CA ILE B 1215 54.43 -12.71 -8.58
C ILE B 1215 55.62 -12.75 -9.53
N ASP B 1216 56.79 -13.15 -9.02
CA ASP B 1216 57.93 -13.31 -9.92
C ASP B 1216 57.64 -14.32 -11.02
N LYS B 1217 57.08 -15.49 -10.65
CA LYS B 1217 56.75 -16.47 -11.67
C LYS B 1217 55.65 -15.97 -12.59
N LEU B 1218 54.62 -15.34 -12.03
CA LEU B 1218 53.53 -14.81 -12.85
C LEU B 1218 54.05 -13.86 -13.91
N TYR B 1219 54.82 -12.86 -13.49
CA TYR B 1219 55.34 -11.87 -14.42
C TYR B 1219 56.37 -12.47 -15.36
N LYS B 1220 57.02 -13.56 -14.96
CA LYS B 1220 57.88 -14.27 -15.89
C LYS B 1220 57.06 -14.90 -17.01
N LEU B 1221 55.87 -15.41 -16.68
CA LEU B 1221 54.97 -15.92 -17.70
C LEU B 1221 54.48 -14.80 -18.62
N LEU B 1222 53.95 -13.74 -18.03
CA LEU B 1222 53.34 -12.67 -18.79
C LEU B 1222 54.36 -11.78 -19.46
N TRP B 1223 55.63 -12.16 -19.43
CA TRP B 1223 56.69 -11.44 -20.11
C TRP B 1223 56.50 -11.52 -21.62
N VAL B 1224 56.64 -10.38 -22.29
CA VAL B 1224 56.53 -10.30 -23.75
C VAL B 1224 57.95 -10.43 -24.31
N PRO B 1225 58.27 -11.48 -25.05
CA PRO B 1225 59.65 -11.65 -25.51
C PRO B 1225 60.01 -10.74 -26.65
N PHE B 1226 59.04 -10.16 -27.35
CA PHE B 1226 59.29 -9.41 -28.57
C PHE B 1226 58.82 -7.97 -28.49
N LEU B 1227 58.33 -7.53 -27.33
CA LEU B 1227 57.73 -6.21 -27.22
C LEU B 1227 58.66 -5.15 -27.79
N ASN B 1228 59.88 -5.09 -27.30
CA ASN B 1228 60.88 -4.16 -27.78
C ASN B 1228 62.12 -4.86 -28.33
N ASP B 1229 62.61 -5.88 -27.63
CA ASP B 1229 63.81 -6.61 -28.04
C ASP B 1229 63.45 -7.41 -29.28
N SER B 1230 63.75 -6.86 -30.46
CA SER B 1230 63.40 -7.52 -31.70
C SER B 1230 64.09 -8.86 -31.89
N LYS B 1231 65.25 -9.03 -31.26
CA LYS B 1231 66.03 -10.25 -31.48
C LYS B 1231 65.29 -11.49 -31.00
N LEU B 1232 64.71 -11.44 -29.81
CA LEU B 1232 64.06 -12.60 -29.22
C LEU B 1232 62.83 -12.97 -30.04
N GLU B 1233 62.80 -14.19 -30.54
CA GLU B 1233 61.66 -14.72 -31.31
C GLU B 1233 61.57 -16.21 -31.07
N PRO B 1234 61.14 -16.60 -29.87
CA PRO B 1234 61.26 -18.01 -29.48
C PRO B 1234 60.30 -18.89 -30.25
N ASP B 1235 60.54 -20.19 -30.19
CA ASP B 1235 59.80 -21.18 -30.97
C ASP B 1235 58.84 -21.91 -30.03
N VAL B 1236 57.68 -21.32 -29.82
CA VAL B 1236 56.68 -21.89 -28.92
C VAL B 1236 55.71 -22.72 -29.75
N ARG B 1237 55.69 -24.02 -29.48
CA ARG B 1237 54.82 -24.96 -30.18
C ARG B 1237 54.60 -26.17 -29.30
N TYR B 1238 53.66 -26.93 -29.66
CA TYR B 1238 53.36 -28.22 -29.06
C TYR B 1238 54.10 -29.31 -29.82
N PRO B 1239 54.44 -30.40 -29.14
CA PRO B 1239 55.00 -31.55 -29.86
C PRO B 1239 53.96 -32.19 -30.76
N VAL B 1240 54.43 -32.69 -31.90
CA VAL B 1240 53.59 -33.51 -32.75
C VAL B 1240 53.34 -34.80 -31.99
N LEU B 1241 52.39 -35.62 -32.47
CA LEU B 1241 52.02 -36.81 -31.72
C LEU B 1241 53.12 -37.88 -31.76
N ASN B 1242 53.62 -38.19 -32.95
CA ASN B 1242 54.61 -39.25 -33.07
C ASN B 1242 55.57 -38.93 -34.20
N GLU B 1243 56.36 -39.93 -34.60
CA GLU B 1243 57.36 -39.75 -35.65
C GLU B 1243 56.75 -39.36 -36.99
N GLU B 1244 55.49 -39.70 -37.23
CA GLU B 1244 54.86 -39.42 -38.52
C GLU B 1244 53.57 -38.65 -38.25
N SER B 1245 53.68 -37.34 -38.06
CA SER B 1245 52.54 -36.54 -37.63
C SER B 1245 52.45 -35.22 -38.37
N LYS B 1246 53.07 -35.12 -39.53
CA LYS B 1246 52.74 -34.14 -40.55
C LYS B 1246 53.20 -32.73 -40.19
N GLY B 1247 53.62 -32.51 -38.95
CA GLY B 1247 54.15 -31.22 -38.56
C GLY B 1247 55.53 -31.47 -37.99
N TYR B 1248 55.97 -32.71 -38.16
CA TYR B 1248 57.15 -33.20 -37.50
C TYR B 1248 58.40 -32.57 -38.08
N ILE B 1249 59.23 -32.02 -37.20
CA ILE B 1249 60.56 -31.60 -37.60
C ILE B 1249 61.38 -32.86 -37.81
N GLU B 1250 61.88 -33.05 -39.03
CA GLU B 1250 62.64 -34.25 -39.33
C GLU B 1250 63.88 -34.33 -38.44
N GLY B 1251 64.12 -35.52 -37.90
CA GLY B 1251 65.27 -35.73 -37.04
C GLY B 1251 65.29 -34.84 -35.81
N SER B 1252 64.19 -34.80 -35.08
CA SER B 1252 64.11 -34.05 -33.83
C SER B 1252 63.38 -34.88 -32.79
N ASP B 1253 63.78 -34.70 -31.54
CA ASP B 1253 63.26 -35.47 -30.43
C ASP B 1253 62.02 -34.84 -29.81
N TYR B 1254 61.32 -33.99 -30.56
CA TYR B 1254 60.23 -33.19 -30.02
C TYR B 1254 58.86 -33.78 -30.38
N THR B 1255 58.54 -34.91 -29.74
CA THR B 1255 57.22 -35.51 -29.87
C THR B 1255 56.70 -35.90 -28.50
N TYR B 1256 55.38 -36.03 -28.40
CA TYR B 1256 54.83 -36.85 -27.34
C TYR B 1256 55.19 -38.30 -27.63
N LYS B 1257 55.00 -39.17 -26.63
CA LYS B 1257 55.40 -40.58 -26.68
C LYS B 1257 56.92 -40.66 -26.59
N LYS B 1258 57.57 -39.51 -26.70
CA LYS B 1258 58.96 -39.34 -26.32
C LYS B 1258 59.12 -38.33 -25.20
N LEU B 1259 58.39 -37.22 -25.25
CA LEU B 1259 58.33 -36.32 -24.11
C LEU B 1259 57.37 -36.78 -23.04
N GLY B 1260 56.74 -37.94 -23.23
CA GLY B 1260 55.75 -38.43 -22.29
C GLY B 1260 56.04 -39.81 -21.75
N ASP B 1261 57.05 -40.47 -22.30
CA ASP B 1261 57.43 -41.79 -21.82
C ASP B 1261 57.92 -41.70 -20.39
N LYS B 1262 57.57 -42.69 -19.57
CA LYS B 1262 58.02 -42.70 -18.18
C LYS B 1262 59.54 -42.68 -18.11
N ASP B 1263 60.18 -43.61 -18.80
CA ASP B 1263 61.60 -43.48 -19.08
C ASP B 1263 61.81 -42.37 -20.10
N ASN B 1264 63.02 -41.81 -20.10
CA ASN B 1264 63.45 -40.69 -20.96
C ASN B 1264 62.79 -39.40 -20.48
N LEU B 1265 61.80 -39.50 -19.58
CA LEU B 1265 61.31 -38.33 -18.86
C LEU B 1265 60.51 -38.76 -17.64
N PRO B 1266 61.13 -38.85 -16.46
CA PRO B 1266 60.36 -39.15 -15.25
C PRO B 1266 59.30 -38.09 -14.99
N TYR B 1267 58.24 -38.52 -14.30
CA TYR B 1267 57.07 -37.65 -14.15
C TYR B 1267 57.39 -36.40 -13.35
N LYS B 1268 58.15 -36.54 -12.26
CA LYS B 1268 58.56 -35.38 -11.48
C LYS B 1268 59.24 -34.35 -12.36
N THR B 1269 60.09 -34.80 -13.27
CA THR B 1269 60.81 -33.90 -14.16
C THR B 1269 59.85 -33.23 -15.14
N ARG B 1270 58.90 -34.00 -15.68
CA ARG B 1270 57.89 -33.42 -16.56
C ARG B 1270 57.12 -32.31 -15.86
N VAL B 1271 56.73 -32.55 -14.61
CA VAL B 1271 55.98 -31.54 -13.87
C VAL B 1271 56.84 -30.32 -13.59
N LYS B 1272 58.08 -30.52 -13.15
CA LYS B 1272 58.94 -29.38 -12.92
C LYS B 1272 59.15 -28.57 -14.18
N GLY B 1273 59.20 -29.24 -15.33
CA GLY B 1273 59.29 -28.54 -16.60
C GLY B 1273 58.03 -27.77 -16.92
N LEU B 1274 56.87 -28.30 -16.53
CA LEU B 1274 55.62 -27.61 -16.81
C LEU B 1274 55.37 -26.45 -15.85
N THR B 1275 56.00 -26.47 -14.68
CA THR B 1275 55.72 -25.49 -13.64
C THR B 1275 56.67 -24.30 -13.65
N THR B 1276 57.92 -24.49 -14.06
CA THR B 1276 58.89 -23.41 -14.07
C THR B 1276 58.79 -22.69 -15.40
N PRO B 1277 58.28 -21.45 -15.44
CA PRO B 1277 57.90 -20.85 -16.72
C PRO B 1277 59.06 -20.70 -17.68
N TRP B 1278 58.73 -20.71 -18.97
CA TRP B 1278 59.68 -20.47 -20.05
C TRP B 1278 60.86 -21.43 -20.01
N SER B 1279 60.63 -22.63 -19.51
CA SER B 1279 61.69 -23.63 -19.49
C SER B 1279 61.78 -24.31 -20.85
N PRO B 1280 62.96 -24.41 -21.45
CA PRO B 1280 63.06 -25.03 -22.78
C PRO B 1280 62.62 -26.48 -22.74
N TRP B 1281 62.12 -26.95 -23.89
CA TRP B 1281 61.65 -28.32 -23.97
C TRP B 1281 62.32 -29.13 -25.07
N ASN B 1282 62.84 -28.52 -26.14
CA ASN B 1282 63.39 -29.32 -27.22
C ASN B 1282 64.68 -30.02 -26.85
N PRO B 1283 65.59 -29.43 -26.07
CA PRO B 1283 66.58 -30.25 -25.37
C PRO B 1283 66.17 -30.60 -23.94
N PHE B 1284 65.15 -29.93 -23.43
CA PHE B 1284 64.52 -30.24 -22.13
C PHE B 1284 65.51 -30.17 -20.98
N GLN B 1285 65.92 -28.94 -20.66
CA GLN B 1285 66.85 -28.74 -19.55
C GLN B 1285 66.16 -28.69 -18.20
N VAL B 1286 64.96 -28.11 -18.14
CA VAL B 1286 64.23 -27.90 -16.88
C VAL B 1286 65.02 -27.00 -15.94
#